data_7BPP
#
_entry.id   7BPP
#
_entity_poly.entity_id   1
_entity_poly.type   'polypeptide(L)'
_entity_poly.pdbx_seq_one_letter_code
;GEDDEILQRAKDILKEDPNRKILIILNPDGKIELYEVTSEEDIKRIAKKAGISEELLRRILQSFRDGQYDLFFIAKTEDD
ERRARELKERMGKPVEILRGSLEHHHHHH
;
_entity_poly.pdbx_strand_id   A
#
# COMPACT_ATOMS: atom_id res chain seq x y z
N GLY A 1 5.62 19.30 1.85
CA GLY A 1 5.81 18.51 0.61
C GLY A 1 4.66 17.54 0.36
N GLU A 2 4.69 16.87 -0.80
CA GLU A 2 3.60 16.00 -1.29
C GLU A 2 3.25 14.85 -0.34
N ASP A 3 4.26 14.26 0.32
CA ASP A 3 4.06 13.16 1.29
C ASP A 3 3.62 13.61 2.70
N ASP A 4 3.63 14.90 3.02
CA ASP A 4 3.10 15.43 4.29
C ASP A 4 1.57 15.55 4.29
N GLU A 5 0.99 16.09 3.21
CA GLU A 5 -0.45 16.38 3.13
C GLU A 5 -1.29 15.10 3.03
N ILE A 6 -0.87 14.16 2.19
CA ILE A 6 -1.54 12.88 1.97
C ILE A 6 -1.52 12.00 3.23
N LEU A 7 -0.47 12.13 4.04
CA LEU A 7 -0.31 11.37 5.28
C LEU A 7 -1.43 11.74 6.27
N GLN A 8 -1.79 13.03 6.32
CA GLN A 8 -2.92 13.53 7.09
C GLN A 8 -4.26 13.15 6.44
N ARG A 9 -4.39 13.26 5.10
CA ARG A 9 -5.64 12.95 4.38
C ARG A 9 -6.05 11.49 4.48
N ALA A 10 -5.10 10.56 4.53
CA ALA A 10 -5.36 9.15 4.84
C ALA A 10 -6.11 8.97 6.17
N LYS A 11 -5.72 9.71 7.22
CA LYS A 11 -6.41 9.73 8.52
C LYS A 11 -7.76 10.45 8.46
N ASP A 12 -7.86 11.53 7.68
CA ASP A 12 -9.09 12.32 7.49
C ASP A 12 -10.21 11.50 6.80
N ILE A 13 -9.86 10.72 5.77
CA ILE A 13 -10.78 9.80 5.08
C ILE A 13 -11.35 8.79 6.09
N LEU A 14 -10.50 8.24 6.94
CA LEU A 14 -10.87 7.24 7.95
C LEU A 14 -11.70 7.81 9.11
N LYS A 15 -11.39 9.05 9.53
CA LYS A 15 -12.13 9.80 10.55
C LYS A 15 -13.60 10.02 10.15
N GLU A 16 -13.84 10.33 8.87
CA GLU A 16 -15.20 10.52 8.33
C GLU A 16 -15.87 9.21 7.88
N ASP A 17 -15.11 8.24 7.35
CA ASP A 17 -15.61 6.96 6.85
C ASP A 17 -14.72 5.80 7.33
N PRO A 18 -14.87 5.33 8.59
CA PRO A 18 -14.06 4.24 9.15
C PRO A 18 -14.36 2.88 8.50
N ASN A 19 -15.47 2.77 7.75
CA ASN A 19 -15.83 1.59 6.96
C ASN A 19 -15.04 1.49 5.63
N ARG A 20 -14.43 2.60 5.19
CA ARG A 20 -13.61 2.70 3.98
C ARG A 20 -12.13 2.43 4.26
N LYS A 21 -11.36 2.20 3.20
CA LYS A 21 -9.97 1.76 3.21
C LYS A 21 -9.09 2.74 2.44
N ILE A 22 -7.78 2.66 2.69
CA ILE A 22 -6.78 3.52 2.07
C ILE A 22 -5.64 2.67 1.49
N LEU A 23 -5.27 2.97 0.23
CA LEU A 23 -4.09 2.44 -0.44
C LEU A 23 -3.07 3.55 -0.69
N ILE A 24 -1.79 3.22 -0.54
CA ILE A 24 -0.66 4.11 -0.78
C ILE A 24 0.34 3.44 -1.73
N ILE A 25 0.74 4.18 -2.77
CA ILE A 25 1.68 3.70 -3.80
C ILE A 25 3.05 4.32 -3.56
N LEU A 26 4.05 3.46 -3.41
CA LEU A 26 5.46 3.80 -3.38
C LEU A 26 5.96 4.11 -4.81
N ASN A 27 6.55 5.28 -5.03
CA ASN A 27 7.27 5.59 -6.28
C ASN A 27 8.80 5.49 -6.05
N PRO A 28 9.59 4.98 -7.02
CA PRO A 28 11.03 4.78 -6.85
C PRO A 28 11.84 6.08 -6.77
N ASP A 29 11.26 7.20 -7.24
CA ASP A 29 11.82 8.56 -7.14
C ASP A 29 11.65 9.20 -5.75
N GLY A 30 10.99 8.52 -4.80
CA GLY A 30 10.65 9.05 -3.47
C GLY A 30 9.33 9.85 -3.43
N LYS A 31 8.61 9.98 -4.55
CA LYS A 31 7.23 10.49 -4.58
C LYS A 31 6.27 9.49 -3.90
N ILE A 32 5.06 9.91 -3.58
CA ILE A 32 4.01 9.03 -3.05
C ILE A 32 2.64 9.36 -3.68
N GLU A 33 1.75 8.37 -3.76
CA GLU A 33 0.35 8.56 -4.19
C GLU A 33 -0.63 7.97 -3.16
N LEU A 34 -1.73 8.68 -2.90
CA LEU A 34 -2.82 8.26 -2.02
C LEU A 34 -4.06 7.91 -2.85
N TYR A 35 -4.70 6.78 -2.51
CA TYR A 35 -5.92 6.31 -3.13
C TYR A 35 -6.99 5.94 -2.09
N GLU A 36 -8.23 6.30 -2.42
CA GLU A 36 -9.43 5.90 -1.66
C GLU A 36 -10.07 4.64 -2.27
N VAL A 37 -10.46 3.68 -1.44
CA VAL A 37 -10.97 2.36 -1.84
C VAL A 37 -11.94 1.81 -0.79
N THR A 38 -12.94 1.01 -1.21
CA THR A 38 -14.02 0.54 -0.31
C THR A 38 -14.12 -0.98 -0.20
N SER A 39 -13.67 -1.72 -1.22
CA SER A 39 -13.86 -3.18 -1.41
C SER A 39 -12.83 -3.72 -2.40
N GLU A 40 -12.63 -5.05 -2.47
CA GLU A 40 -11.73 -5.71 -3.44
C GLU A 40 -12.03 -5.34 -4.91
N GLU A 41 -13.30 -5.14 -5.27
CA GLU A 41 -13.73 -4.69 -6.60
C GLU A 41 -13.18 -3.29 -6.94
N ASP A 42 -13.02 -2.43 -5.93
CA ASP A 42 -12.45 -1.10 -6.07
C ASP A 42 -10.91 -1.15 -6.24
N ILE A 43 -10.25 -2.10 -5.58
CA ILE A 43 -8.79 -2.33 -5.69
C ILE A 43 -8.38 -2.71 -7.12
N LYS A 44 -9.24 -3.42 -7.88
CA LYS A 44 -8.97 -3.72 -9.30
C LYS A 44 -8.72 -2.46 -10.14
N ARG A 45 -9.37 -1.33 -9.81
CA ARG A 45 -9.12 -0.03 -10.46
C ARG A 45 -7.70 0.46 -10.18
N ILE A 46 -7.27 0.36 -8.92
CA ILE A 46 -5.93 0.76 -8.46
C ILE A 46 -4.84 -0.10 -9.11
N ALA A 47 -5.08 -1.40 -9.30
CA ALA A 47 -4.13 -2.33 -9.92
C ALA A 47 -3.62 -1.83 -11.27
N LYS A 48 -4.54 -1.40 -12.15
CA LYS A 48 -4.23 -0.87 -13.49
C LYS A 48 -3.86 0.62 -13.48
N LYS A 49 -4.36 1.42 -12.51
CA LYS A 49 -4.02 2.85 -12.37
C LYS A 49 -2.58 3.08 -11.86
N ALA A 50 -2.15 2.29 -10.88
CA ALA A 50 -0.84 2.36 -10.24
C ALA A 50 0.20 1.41 -10.88
N GLY A 51 -0.25 0.39 -11.61
CA GLY A 51 0.61 -0.59 -12.30
C GLY A 51 1.14 -1.72 -11.40
N ILE A 52 0.33 -2.17 -10.44
CA ILE A 52 0.69 -3.17 -9.43
C ILE A 52 0.75 -4.58 -10.07
N SER A 53 1.77 -5.37 -9.72
CA SER A 53 1.89 -6.77 -10.18
C SER A 53 0.77 -7.64 -9.63
N GLU A 54 0.26 -8.60 -10.39
CA GLU A 54 -0.89 -9.43 -9.97
C GLU A 54 -0.57 -10.32 -8.74
N GLU A 55 0.70 -10.68 -8.55
CA GLU A 55 1.19 -11.43 -7.37
C GLU A 55 1.16 -10.61 -6.08
N LEU A 56 1.40 -9.30 -6.22
CA LEU A 56 1.25 -8.29 -5.16
C LEU A 56 -0.25 -7.98 -4.95
N LEU A 57 -1.01 -7.80 -6.03
CA LEU A 57 -2.41 -7.37 -5.97
C LEU A 57 -3.26 -8.27 -5.05
N ARG A 58 -3.08 -9.60 -5.12
CA ARG A 58 -3.82 -10.55 -4.27
C ARG A 58 -3.54 -10.34 -2.78
N ARG A 59 -2.36 -9.85 -2.41
CA ARG A 59 -2.00 -9.47 -1.03
C ARG A 59 -2.79 -8.24 -0.57
N ILE A 60 -3.00 -7.26 -1.44
CA ILE A 60 -3.85 -6.10 -1.16
C ILE A 60 -5.30 -6.56 -0.88
N LEU A 61 -5.85 -7.41 -1.76
CA LEU A 61 -7.22 -7.95 -1.60
C LEU A 61 -7.36 -8.77 -0.29
N GLN A 62 -6.36 -9.59 0.05
CA GLN A 62 -6.32 -10.34 1.31
C GLN A 62 -6.24 -9.40 2.54
N SER A 63 -5.48 -8.31 2.45
CA SER A 63 -5.33 -7.33 3.53
C SER A 63 -6.64 -6.62 3.86
N PHE A 64 -7.52 -6.40 2.88
CA PHE A 64 -8.87 -5.88 3.09
C PHE A 64 -9.75 -6.89 3.83
N ARG A 65 -9.63 -8.19 3.50
CA ARG A 65 -10.39 -9.29 4.11
C ARG A 65 -9.98 -9.54 5.56
N ASP A 66 -8.71 -9.35 5.91
CA ASP A 66 -8.23 -9.33 7.29
C ASP A 66 -8.64 -8.05 8.03
N GLY A 67 -8.49 -6.88 7.40
CA GLY A 67 -9.02 -5.60 7.87
C GLY A 67 -8.42 -5.04 9.17
N GLN A 68 -7.20 -5.44 9.53
CA GLN A 68 -6.61 -5.15 10.86
C GLN A 68 -5.90 -3.77 10.94
N TYR A 69 -5.56 -3.17 9.81
CA TYR A 69 -4.79 -1.92 9.70
C TYR A 69 -5.59 -0.73 9.16
N ASP A 70 -5.11 0.49 9.45
CA ASP A 70 -5.77 1.76 9.12
C ASP A 70 -5.49 2.22 7.67
N LEU A 71 -4.37 1.77 7.08
CA LEU A 71 -3.97 2.02 5.68
C LEU A 71 -3.00 0.94 5.16
N PHE A 72 -2.80 0.89 3.85
CA PHE A 72 -2.00 -0.14 3.18
C PHE A 72 -0.89 0.45 2.28
N PHE A 73 0.34 -0.03 2.40
CA PHE A 73 1.53 0.41 1.65
C PHE A 73 2.03 -0.70 0.69
N ILE A 74 2.18 -0.37 -0.60
CA ILE A 74 2.63 -1.31 -1.64
C ILE A 74 4.15 -1.22 -1.82
N ALA A 75 4.89 -2.00 -1.05
CA ALA A 75 6.34 -2.09 -1.17
C ALA A 75 6.71 -3.18 -2.19
N LYS A 76 6.63 -2.83 -3.49
CA LYS A 76 6.79 -3.80 -4.60
C LYS A 76 8.20 -4.40 -4.65
N THR A 77 9.18 -3.68 -4.12
CA THR A 77 10.59 -4.07 -3.96
C THR A 77 11.10 -3.59 -2.59
N GLU A 78 12.17 -4.19 -2.06
CA GLU A 78 12.78 -3.75 -0.79
C GLU A 78 13.35 -2.31 -0.86
N ASP A 79 13.71 -1.85 -2.06
CA ASP A 79 14.11 -0.46 -2.34
C ASP A 79 12.95 0.54 -2.14
N ASP A 80 11.71 0.10 -2.37
CA ASP A 80 10.50 0.87 -2.05
C ASP A 80 10.15 0.76 -0.56
N GLU A 81 10.33 -0.44 0.02
CA GLU A 81 10.08 -0.72 1.43
C GLU A 81 10.93 0.15 2.37
N ARG A 82 12.13 0.55 1.93
CA ARG A 82 13.00 1.52 2.63
C ARG A 82 12.27 2.81 2.99
N ARG A 83 11.36 3.28 2.13
CA ARG A 83 10.49 4.43 2.42
C ARG A 83 9.27 4.04 3.28
N ALA A 84 8.61 2.92 2.97
CA ALA A 84 7.44 2.42 3.70
C ALA A 84 7.71 2.22 5.21
N ARG A 85 8.85 1.60 5.56
CA ARG A 85 9.26 1.31 6.96
C ARG A 85 9.55 2.59 7.76
N GLU A 86 10.16 3.57 7.12
CA GLU A 86 10.57 4.86 7.71
C GLU A 86 9.40 5.84 7.83
N LEU A 87 8.43 5.79 6.91
CA LEU A 87 7.18 6.53 7.00
C LEU A 87 6.31 6.06 8.17
N LYS A 88 6.22 4.74 8.40
CA LYS A 88 5.43 4.15 9.49
C LYS A 88 5.83 4.68 10.88
N GLU A 89 7.12 4.99 11.07
CA GLU A 89 7.65 5.59 12.31
C GLU A 89 7.13 7.02 12.56
N ARG A 90 7.19 7.89 11.55
CA ARG A 90 6.71 9.30 11.66
C ARG A 90 5.19 9.43 11.64
N MET A 91 4.50 8.46 11.03
CA MET A 91 3.04 8.49 10.86
C MET A 91 2.25 8.19 12.14
N GLY A 92 2.81 7.40 13.07
CA GLY A 92 2.22 7.06 14.37
C GLY A 92 1.05 6.05 14.31
N LYS A 93 0.23 6.11 13.26
CA LYS A 93 -0.82 5.13 12.92
C LYS A 93 -0.21 3.85 12.30
N PRO A 94 -0.79 2.67 12.53
CA PRO A 94 -0.22 1.40 12.08
C PRO A 94 -0.47 1.18 10.59
N VAL A 95 0.56 0.68 9.90
CA VAL A 95 0.60 0.45 8.45
C VAL A 95 0.99 -1.01 8.18
N GLU A 96 0.31 -1.66 7.24
CA GLU A 96 0.72 -2.98 6.75
C GLU A 96 1.50 -2.86 5.44
N ILE A 97 2.64 -3.56 5.38
CA ILE A 97 3.67 -3.45 4.35
C ILE A 97 3.55 -4.66 3.41
N LEU A 98 3.16 -4.43 2.16
CA LEU A 98 2.85 -5.49 1.20
C LEU A 98 4.02 -5.72 0.23
N ARG A 99 4.49 -6.97 0.14
CA ARG A 99 5.63 -7.42 -0.68
C ARG A 99 5.24 -8.52 -1.67
N GLY A 100 5.92 -8.58 -2.82
CA GLY A 100 5.73 -9.62 -3.84
C GLY A 100 6.23 -9.19 -5.23
N SER A 101 7.22 -9.91 -5.76
CA SER A 101 7.74 -9.73 -7.12
C SER A 101 8.27 -11.05 -7.73
N LEU A 102 8.43 -11.08 -9.06
CA LEU A 102 8.73 -12.26 -9.86
C LEU A 102 10.19 -12.77 -9.71
N GLU A 103 11.10 -11.94 -9.20
CA GLU A 103 12.53 -12.25 -9.09
C GLU A 103 12.83 -13.35 -8.05
N HIS A 104 13.66 -14.32 -8.42
CA HIS A 104 14.09 -15.45 -7.59
C HIS A 104 15.57 -15.29 -7.17
N HIS A 105 15.88 -15.60 -5.90
CA HIS A 105 17.24 -15.52 -5.35
C HIS A 105 18.14 -16.71 -5.78
N HIS A 106 19.43 -16.45 -5.96
CA HIS A 106 20.47 -17.43 -6.32
C HIS A 106 21.85 -16.99 -5.79
N HIS A 107 22.78 -17.94 -5.65
CA HIS A 107 24.19 -17.71 -5.30
C HIS A 107 25.11 -18.56 -6.20
N HIS A 108 26.23 -17.96 -6.65
CA HIS A 108 27.11 -18.54 -7.67
C HIS A 108 28.58 -18.14 -7.46
N HIS A 109 29.52 -18.99 -7.89
CA HIS A 109 30.97 -18.77 -7.85
C HIS A 109 31.68 -19.44 -9.03
N GLY A 1 4.94 20.21 0.38
CA GLY A 1 5.44 18.84 0.18
C GLY A 1 4.30 17.87 -0.09
N GLU A 2 4.31 17.20 -1.25
CA GLU A 2 3.21 16.34 -1.70
C GLU A 2 2.99 15.10 -0.80
N ASP A 3 4.06 14.56 -0.20
CA ASP A 3 3.98 13.48 0.78
C ASP A 3 3.55 13.91 2.20
N ASP A 4 3.50 15.23 2.48
CA ASP A 4 3.05 15.79 3.75
C ASP A 4 1.54 16.10 3.77
N GLU A 5 1.00 16.65 2.68
CA GLU A 5 -0.44 16.98 2.58
C GLU A 5 -1.32 15.72 2.59
N ILE A 6 -0.91 14.69 1.85
CA ILE A 6 -1.59 13.39 1.78
C ILE A 6 -1.63 12.69 3.13
N LEU A 7 -0.62 12.94 3.96
CA LEU A 7 -0.46 12.31 5.27
C LEU A 7 -1.62 12.74 6.20
N GLN A 8 -1.98 14.03 6.16
CA GLN A 8 -3.16 14.55 6.85
C GLN A 8 -4.46 14.10 6.17
N ARG A 9 -4.54 14.12 4.84
CA ARG A 9 -5.74 13.69 4.09
C ARG A 9 -6.12 12.23 4.37
N ALA A 10 -5.14 11.34 4.52
CA ALA A 10 -5.37 9.96 4.95
C ALA A 10 -6.01 9.89 6.35
N LYS A 11 -5.53 10.70 7.30
CA LYS A 11 -6.13 10.84 8.64
C LYS A 11 -7.54 11.44 8.58
N ASP A 12 -7.80 12.37 7.66
CA ASP A 12 -9.12 13.01 7.50
C ASP A 12 -10.15 12.08 6.81
N ILE A 13 -9.73 11.26 5.86
CA ILE A 13 -10.56 10.18 5.27
C ILE A 13 -11.02 9.21 6.38
N LEU A 14 -10.11 8.75 7.24
CA LEU A 14 -10.44 7.84 8.33
C LEU A 14 -11.23 8.52 9.48
N LYS A 15 -11.03 9.83 9.70
CA LYS A 15 -11.82 10.64 10.65
C LYS A 15 -13.29 10.75 10.22
N GLU A 16 -13.53 11.00 8.94
CA GLU A 16 -14.90 11.11 8.39
C GLU A 16 -15.54 9.75 8.08
N ASP A 17 -14.76 8.74 7.70
CA ASP A 17 -15.25 7.40 7.35
C ASP A 17 -14.32 6.30 7.94
N PRO A 18 -14.45 5.99 9.24
CA PRO A 18 -13.65 4.96 9.91
C PRO A 18 -13.96 3.53 9.41
N ASN A 19 -15.07 3.36 8.68
CA ASN A 19 -15.46 2.10 8.05
C ASN A 19 -14.66 1.80 6.75
N ARG A 20 -14.01 2.82 6.18
CA ARG A 20 -13.25 2.75 4.91
C ARG A 20 -11.76 2.42 5.15
N LYS A 21 -11.03 2.23 4.05
CA LYS A 21 -9.62 1.84 4.00
C LYS A 21 -8.83 2.76 3.06
N ILE A 22 -7.50 2.64 3.12
CA ILE A 22 -6.57 3.42 2.29
C ILE A 22 -5.55 2.51 1.61
N LEU A 23 -5.17 2.85 0.37
CA LEU A 23 -4.09 2.22 -0.38
C LEU A 23 -3.06 3.29 -0.78
N ILE A 24 -1.78 2.93 -0.76
CA ILE A 24 -0.64 3.83 -1.00
C ILE A 24 0.31 3.22 -2.01
N ILE A 25 0.71 4.01 -3.01
CA ILE A 25 1.65 3.60 -4.05
C ILE A 25 3.03 4.20 -3.78
N LEU A 26 4.03 3.33 -3.72
CA LEU A 26 5.45 3.67 -3.60
C LEU A 26 6.12 3.79 -4.97
N ASN A 27 6.80 4.92 -5.21
CA ASN A 27 7.71 5.13 -6.34
C ASN A 27 9.18 5.27 -5.85
N PRO A 28 10.18 4.84 -6.64
CA PRO A 28 11.59 4.82 -6.22
C PRO A 28 12.19 6.22 -5.95
N ASP A 29 11.58 7.29 -6.47
CA ASP A 29 11.95 8.69 -6.19
C ASP A 29 11.46 9.18 -4.80
N GLY A 30 10.73 8.35 -4.05
CA GLY A 30 10.07 8.70 -2.78
C GLY A 30 8.71 9.40 -2.96
N LYS A 31 8.32 9.69 -4.20
CA LYS A 31 7.02 10.28 -4.58
C LYS A 31 5.88 9.32 -4.23
N ILE A 32 5.07 9.68 -3.24
CA ILE A 32 3.99 8.83 -2.73
C ILE A 32 2.63 9.22 -3.33
N GLU A 33 1.74 8.25 -3.56
CA GLU A 33 0.40 8.49 -4.10
C GLU A 33 -0.67 7.84 -3.21
N LEU A 34 -1.72 8.60 -2.87
CA LEU A 34 -2.81 8.19 -1.98
C LEU A 34 -4.06 7.81 -2.77
N TYR A 35 -4.66 6.67 -2.42
CA TYR A 35 -5.93 6.17 -2.95
C TYR A 35 -6.94 5.89 -1.84
N GLU A 36 -8.20 6.23 -2.11
CA GLU A 36 -9.35 5.92 -1.24
C GLU A 36 -10.09 4.67 -1.74
N VAL A 37 -10.44 3.77 -0.81
CA VAL A 37 -10.94 2.41 -1.10
C VAL A 37 -11.82 1.91 0.04
N THR A 38 -12.79 1.07 -0.28
CA THR A 38 -13.67 0.43 0.73
C THR A 38 -13.63 -1.11 0.61
N SER A 39 -13.35 -1.64 -0.58
CA SER A 39 -13.53 -3.07 -0.90
C SER A 39 -12.54 -3.56 -1.97
N GLU A 40 -12.44 -4.88 -2.12
CA GLU A 40 -11.63 -5.53 -3.18
C GLU A 40 -11.94 -5.05 -4.61
N GLU A 41 -13.21 -4.71 -4.89
CA GLU A 41 -13.66 -4.13 -6.15
C GLU A 41 -13.03 -2.76 -6.46
N ASP A 42 -12.69 -1.98 -5.42
CA ASP A 42 -12.02 -0.70 -5.56
C ASP A 42 -10.53 -0.87 -5.90
N ILE A 43 -9.88 -1.86 -5.28
CA ILE A 43 -8.48 -2.26 -5.52
C ILE A 43 -8.29 -2.80 -6.95
N LYS A 44 -9.29 -3.52 -7.48
CA LYS A 44 -9.31 -4.05 -8.86
C LYS A 44 -9.08 -2.97 -9.93
N ARG A 45 -9.51 -1.73 -9.70
CA ARG A 45 -9.25 -0.55 -10.56
C ARG A 45 -7.80 -0.07 -10.41
N ILE A 46 -7.36 0.09 -9.16
CA ILE A 46 -6.03 0.61 -8.78
C ILE A 46 -4.90 -0.26 -9.33
N ALA A 47 -5.10 -1.57 -9.48
CA ALA A 47 -4.13 -2.47 -10.12
C ALA A 47 -3.62 -1.96 -11.47
N LYS A 48 -4.55 -1.51 -12.34
CA LYS A 48 -4.26 -0.93 -13.65
C LYS A 48 -3.80 0.53 -13.56
N LYS A 49 -4.39 1.32 -12.63
CA LYS A 49 -4.11 2.75 -12.44
C LYS A 49 -2.69 3.03 -11.92
N ALA A 50 -2.22 2.18 -10.99
CA ALA A 50 -0.92 2.28 -10.31
C ALA A 50 0.15 1.33 -10.91
N GLY A 51 -0.25 0.32 -11.69
CA GLY A 51 0.66 -0.65 -12.31
C GLY A 51 1.14 -1.76 -11.37
N ILE A 52 0.25 -2.26 -10.50
CA ILE A 52 0.57 -3.27 -9.47
C ILE A 52 0.63 -4.66 -10.11
N SER A 53 1.72 -5.40 -9.85
CA SER A 53 1.91 -6.78 -10.30
C SER A 53 0.82 -7.72 -9.77
N GLU A 54 0.36 -8.69 -10.55
CA GLU A 54 -0.75 -9.58 -10.14
C GLU A 54 -0.39 -10.42 -8.90
N GLU A 55 0.88 -10.80 -8.76
CA GLU A 55 1.40 -11.57 -7.62
C GLU A 55 1.37 -10.79 -6.30
N LEU A 56 1.55 -9.47 -6.39
CA LEU A 56 1.39 -8.52 -5.28
C LEU A 56 -0.09 -8.16 -5.05
N LEU A 57 -0.85 -7.87 -6.11
CA LEU A 57 -2.27 -7.48 -6.06
C LEU A 57 -3.12 -8.47 -5.26
N ARG A 58 -2.90 -9.78 -5.44
CA ARG A 58 -3.51 -10.87 -4.65
C ARG A 58 -3.40 -10.62 -3.14
N ARG A 59 -2.26 -10.12 -2.69
CA ARG A 59 -1.94 -9.86 -1.28
C ARG A 59 -2.67 -8.62 -0.78
N ILE A 60 -2.78 -7.56 -1.60
CA ILE A 60 -3.62 -6.38 -1.29
C ILE A 60 -5.08 -6.82 -1.08
N LEU A 61 -5.62 -7.64 -2.01
CA LEU A 61 -6.98 -8.17 -1.95
C LEU A 61 -7.22 -9.04 -0.70
N GLN A 62 -6.24 -9.86 -0.29
CA GLN A 62 -6.28 -10.65 0.94
C GLN A 62 -6.22 -9.77 2.21
N SER A 63 -5.36 -8.75 2.24
CA SER A 63 -5.21 -7.84 3.38
C SER A 63 -6.51 -7.12 3.76
N PHE A 64 -7.37 -6.84 2.78
CA PHE A 64 -8.69 -6.24 3.02
C PHE A 64 -9.66 -7.22 3.70
N ARG A 65 -9.55 -8.52 3.42
CA ARG A 65 -10.38 -9.59 4.01
C ARG A 65 -10.01 -9.83 5.48
N ASP A 66 -8.71 -9.77 5.80
CA ASP A 66 -8.20 -9.75 7.17
C ASP A 66 -8.57 -8.44 7.90
N GLY A 67 -8.45 -7.29 7.22
CA GLY A 67 -8.97 -5.98 7.66
C GLY A 67 -8.32 -5.34 8.89
N GLN A 68 -7.20 -5.88 9.39
CA GLN A 68 -6.60 -5.49 10.68
C GLN A 68 -5.86 -4.13 10.66
N TYR A 69 -5.55 -3.61 9.47
CA TYR A 69 -4.87 -2.33 9.23
C TYR A 69 -5.79 -1.37 8.48
N ASP A 70 -5.64 -0.06 8.69
CA ASP A 70 -6.49 0.96 8.06
C ASP A 70 -5.90 1.55 6.76
N LEU A 71 -4.58 1.42 6.56
CA LEU A 71 -3.89 1.76 5.32
C LEU A 71 -2.87 0.70 4.89
N PHE A 72 -2.58 0.66 3.59
CA PHE A 72 -1.74 -0.38 2.98
C PHE A 72 -0.67 0.23 2.05
N PHE A 73 0.57 -0.24 2.15
CA PHE A 73 1.73 0.21 1.35
C PHE A 73 2.22 -0.92 0.43
N ILE A 74 2.36 -0.61 -0.86
CA ILE A 74 2.72 -1.56 -1.93
C ILE A 74 4.23 -1.46 -2.23
N ALA A 75 5.03 -2.35 -1.68
CA ALA A 75 6.47 -2.41 -1.89
C ALA A 75 6.80 -3.39 -3.03
N LYS A 76 6.82 -2.93 -4.28
CA LYS A 76 7.17 -3.77 -5.44
C LYS A 76 8.66 -4.18 -5.43
N THR A 77 9.52 -3.38 -4.79
CA THR A 77 10.92 -3.70 -4.49
C THR A 77 11.22 -3.64 -2.98
N GLU A 78 12.33 -4.24 -2.56
CA GLU A 78 12.85 -4.12 -1.19
C GLU A 78 13.37 -2.69 -0.88
N ASP A 79 13.72 -1.91 -1.90
CA ASP A 79 14.12 -0.50 -1.76
C ASP A 79 12.93 0.43 -1.44
N ASP A 80 11.72 0.11 -1.93
CA ASP A 80 10.49 0.81 -1.55
C ASP A 80 10.12 0.56 -0.08
N GLU A 81 10.45 -0.63 0.43
CA GLU A 81 10.13 -1.08 1.79
C GLU A 81 10.71 -0.16 2.88
N ARG A 82 11.89 0.42 2.61
CA ARG A 82 12.59 1.37 3.50
C ARG A 82 11.78 2.65 3.71
N ARG A 83 11.19 3.19 2.64
CA ARG A 83 10.41 4.44 2.65
C ARG A 83 9.10 4.27 3.40
N ALA A 84 8.46 3.10 3.27
CA ALA A 84 7.27 2.72 4.01
C ALA A 84 7.53 2.56 5.52
N ARG A 85 8.63 1.89 5.89
CA ARG A 85 9.01 1.61 7.29
C ARG A 85 9.25 2.87 8.10
N GLU A 86 9.96 3.87 7.54
CA GLU A 86 10.16 5.16 8.20
C GLU A 86 8.89 6.04 8.20
N LEU A 87 8.03 5.93 7.20
CA LEU A 87 6.76 6.68 7.13
C LEU A 87 5.77 6.21 8.22
N LYS A 88 5.61 4.90 8.41
CA LYS A 88 4.69 4.31 9.40
C LYS A 88 4.90 4.87 10.82
N GLU A 89 6.15 5.08 11.21
CA GLU A 89 6.50 5.60 12.53
C GLU A 89 6.01 7.03 12.79
N ARG A 90 6.21 7.94 11.82
CA ARG A 90 5.77 9.35 11.89
C ARG A 90 4.27 9.55 11.65
N MET A 91 3.64 8.60 10.95
CA MET A 91 2.20 8.63 10.64
C MET A 91 1.31 8.31 11.85
N GLY A 92 1.79 7.51 12.81
CA GLY A 92 1.08 7.19 14.05
C GLY A 92 -0.09 6.19 13.91
N LYS A 93 -0.22 5.53 12.76
CA LYS A 93 -1.16 4.42 12.48
C LYS A 93 -0.40 3.14 12.10
N PRO A 94 -0.95 1.94 12.39
CA PRO A 94 -0.41 0.68 11.88
C PRO A 94 -0.47 0.63 10.35
N VAL A 95 0.57 0.11 9.71
CA VAL A 95 0.64 -0.09 8.24
C VAL A 95 1.11 -1.51 7.95
N GLU A 96 0.44 -2.20 7.00
CA GLU A 96 0.91 -3.48 6.47
C GLU A 96 1.63 -3.28 5.14
N ILE A 97 2.79 -3.94 5.01
CA ILE A 97 3.71 -3.85 3.89
C ILE A 97 3.59 -5.09 3.01
N LEU A 98 3.41 -4.90 1.70
CA LEU A 98 3.11 -5.97 0.75
C LEU A 98 4.18 -6.06 -0.36
N ARG A 99 4.77 -7.24 -0.52
CA ARG A 99 5.86 -7.57 -1.47
C ARG A 99 5.35 -8.46 -2.60
N GLY A 100 5.88 -8.27 -3.81
CA GLY A 100 5.61 -9.16 -4.96
C GLY A 100 6.65 -10.28 -5.11
N SER A 101 6.20 -11.46 -5.59
CA SER A 101 7.09 -12.60 -5.93
C SER A 101 6.90 -13.00 -7.40
N LEU A 102 7.64 -12.33 -8.31
CA LEU A 102 7.63 -12.66 -9.73
C LEU A 102 8.44 -13.94 -10.01
N GLU A 103 8.02 -14.72 -11.02
CA GLU A 103 8.66 -15.99 -11.39
C GLU A 103 10.06 -15.78 -11.99
N HIS A 104 11.02 -16.64 -11.62
CA HIS A 104 12.39 -16.65 -12.16
C HIS A 104 12.53 -17.67 -13.29
N HIS A 105 13.19 -17.27 -14.39
CA HIS A 105 13.54 -18.18 -15.49
C HIS A 105 14.71 -19.10 -15.09
N HIS A 106 14.72 -20.34 -15.59
CA HIS A 106 15.75 -21.35 -15.32
C HIS A 106 16.26 -22.00 -16.62
N HIS A 107 17.53 -22.43 -16.61
CA HIS A 107 18.19 -23.12 -17.73
C HIS A 107 18.26 -24.65 -17.49
N HIS A 108 18.23 -25.43 -18.56
CA HIS A 108 18.35 -26.90 -18.54
C HIS A 108 19.42 -27.38 -19.53
N HIS A 109 20.22 -28.38 -19.15
CA HIS A 109 21.34 -28.95 -19.92
C HIS A 109 21.48 -30.47 -19.72
N GLY A 1 7.02 17.34 1.36
CA GLY A 1 6.34 18.10 0.29
C GLY A 1 4.97 17.51 -0.02
N GLU A 2 4.78 17.00 -1.24
CA GLU A 2 3.53 16.36 -1.69
C GLU A 2 3.14 15.11 -0.89
N ASP A 3 4.13 14.46 -0.27
CA ASP A 3 3.99 13.35 0.69
C ASP A 3 3.58 13.75 2.12
N ASP A 4 3.59 15.04 2.47
CA ASP A 4 3.24 15.54 3.81
C ASP A 4 1.74 15.86 3.97
N GLU A 5 1.10 16.41 2.94
CA GLU A 5 -0.33 16.74 2.95
C GLU A 5 -1.21 15.48 2.98
N ILE A 6 -0.83 14.47 2.18
CA ILE A 6 -1.51 13.17 2.09
C ILE A 6 -1.44 12.41 3.42
N LEU A 7 -0.37 12.63 4.18
CA LEU A 7 -0.11 11.97 5.46
C LEU A 7 -1.23 12.31 6.46
N GLN A 8 -1.62 13.59 6.53
CA GLN A 8 -2.77 14.07 7.29
C GLN A 8 -4.10 13.71 6.65
N ARG A 9 -4.22 13.81 5.31
CA ARG A 9 -5.46 13.45 4.58
C ARG A 9 -5.87 11.99 4.82
N ALA A 10 -4.92 11.08 4.97
CA ALA A 10 -5.20 9.68 5.28
C ALA A 10 -5.92 9.52 6.63
N LYS A 11 -5.44 10.18 7.70
CA LYS A 11 -6.15 10.20 9.00
C LYS A 11 -7.49 10.93 8.92
N ASP A 12 -7.58 12.01 8.15
CA ASP A 12 -8.80 12.79 7.94
C ASP A 12 -9.92 12.00 7.22
N ILE A 13 -9.57 11.14 6.25
CA ILE A 13 -10.52 10.23 5.58
C ILE A 13 -11.09 9.21 6.58
N LEU A 14 -10.27 8.62 7.47
CA LEU A 14 -10.75 7.72 8.52
C LEU A 14 -11.55 8.44 9.61
N LYS A 15 -11.24 9.72 9.88
CA LYS A 15 -12.02 10.58 10.81
C LYS A 15 -13.45 10.77 10.31
N GLU A 16 -13.62 11.04 9.01
CA GLU A 16 -14.95 11.24 8.40
C GLU A 16 -15.66 9.95 7.95
N ASP A 17 -14.91 8.89 7.61
CA ASP A 17 -15.49 7.58 7.33
C ASP A 17 -14.62 6.43 7.86
N PRO A 18 -14.76 6.06 9.15
CA PRO A 18 -13.97 5.01 9.80
C PRO A 18 -14.26 3.60 9.25
N ASN A 19 -15.33 3.48 8.45
CA ASN A 19 -15.79 2.26 7.80
C ASN A 19 -14.97 1.90 6.54
N ARG A 20 -14.19 2.87 6.00
CA ARG A 20 -13.41 2.76 4.76
C ARG A 20 -11.95 2.36 5.00
N LYS A 21 -11.21 2.13 3.91
CA LYS A 21 -9.80 1.75 3.86
C LYS A 21 -8.99 2.72 2.98
N ILE A 22 -7.67 2.60 3.03
CA ILE A 22 -6.73 3.37 2.21
C ILE A 22 -5.69 2.45 1.54
N LEU A 23 -5.30 2.78 0.31
CA LEU A 23 -4.19 2.18 -0.42
C LEU A 23 -3.16 3.27 -0.79
N ILE A 24 -1.87 2.93 -0.75
CA ILE A 24 -0.76 3.83 -0.98
C ILE A 24 0.20 3.22 -2.01
N ILE A 25 0.58 4.01 -3.01
CA ILE A 25 1.53 3.63 -4.06
C ILE A 25 2.86 4.32 -3.80
N LEU A 26 3.92 3.53 -3.75
CA LEU A 26 5.30 3.96 -3.53
C LEU A 26 6.01 4.11 -4.88
N ASN A 27 6.54 5.30 -5.18
CA ASN A 27 7.27 5.57 -6.41
C ASN A 27 8.80 5.43 -6.21
N PRO A 28 9.55 4.91 -7.19
CA PRO A 28 11.01 4.72 -7.08
C PRO A 28 11.81 6.03 -6.96
N ASP A 29 11.22 7.16 -7.37
CA ASP A 29 11.76 8.51 -7.18
C ASP A 29 11.59 9.06 -5.75
N GLY A 30 11.00 8.28 -4.83
CA GLY A 30 10.72 8.66 -3.44
C GLY A 30 9.37 9.35 -3.22
N LYS A 31 8.62 9.66 -4.28
CA LYS A 31 7.23 10.15 -4.19
C LYS A 31 6.25 9.07 -3.68
N ILE A 32 5.07 9.53 -3.32
CA ILE A 32 3.96 8.69 -2.83
C ILE A 32 2.62 9.12 -3.47
N GLU A 33 1.67 8.21 -3.60
CA GLU A 33 0.31 8.49 -4.09
C GLU A 33 -0.74 7.86 -3.18
N LEU A 34 -1.77 8.63 -2.81
CA LEU A 34 -2.86 8.21 -1.92
C LEU A 34 -4.12 7.85 -2.72
N TYR A 35 -4.69 6.67 -2.43
CA TYR A 35 -5.94 6.17 -3.00
C TYR A 35 -6.98 5.86 -1.93
N GLU A 36 -8.25 6.17 -2.25
CA GLU A 36 -9.42 5.81 -1.44
C GLU A 36 -10.07 4.51 -1.94
N VAL A 37 -10.42 3.63 -1.01
CA VAL A 37 -10.87 2.25 -1.29
C VAL A 37 -11.81 1.76 -0.18
N THR A 38 -12.78 0.93 -0.54
CA THR A 38 -13.71 0.30 0.40
C THR A 38 -13.79 -1.21 0.21
N SER A 39 -13.51 -1.71 -1.00
CA SER A 39 -13.78 -3.10 -1.43
C SER A 39 -12.80 -3.58 -2.50
N GLU A 40 -12.79 -4.88 -2.80
CA GLU A 40 -11.95 -5.46 -3.86
C GLU A 40 -12.19 -4.83 -5.24
N GLU A 41 -13.41 -4.39 -5.54
CA GLU A 41 -13.76 -3.74 -6.82
C GLU A 41 -13.06 -2.38 -6.99
N ASP A 42 -12.73 -1.70 -5.90
CA ASP A 42 -11.93 -0.47 -5.90
C ASP A 42 -10.45 -0.78 -6.17
N ILE A 43 -9.93 -1.83 -5.53
CA ILE A 43 -8.54 -2.32 -5.71
C ILE A 43 -8.30 -2.85 -7.13
N LYS A 44 -9.29 -3.53 -7.74
CA LYS A 44 -9.25 -4.04 -9.12
C LYS A 44 -8.87 -2.97 -10.14
N ARG A 45 -9.39 -1.74 -9.99
CA ARG A 45 -9.05 -0.59 -10.85
C ARG A 45 -7.65 -0.05 -10.57
N ILE A 46 -7.31 0.09 -9.28
CA ILE A 46 -5.99 0.61 -8.84
C ILE A 46 -4.84 -0.29 -9.34
N ALA A 47 -5.05 -1.60 -9.45
CA ALA A 47 -4.05 -2.52 -9.99
C ALA A 47 -3.50 -2.08 -11.35
N LYS A 48 -4.41 -1.76 -12.29
CA LYS A 48 -4.06 -1.30 -13.65
C LYS A 48 -3.69 0.19 -13.70
N LYS A 49 -4.25 1.01 -12.79
CA LYS A 49 -3.98 2.47 -12.70
C LYS A 49 -2.58 2.79 -12.14
N ALA A 50 -2.17 2.07 -11.09
CA ALA A 50 -0.89 2.23 -10.40
C ALA A 50 0.20 1.30 -10.96
N GLY A 51 -0.16 0.26 -11.71
CA GLY A 51 0.76 -0.71 -12.33
C GLY A 51 1.27 -1.79 -11.37
N ILE A 52 0.41 -2.25 -10.45
CA ILE A 52 0.74 -3.24 -9.41
C ILE A 52 0.78 -4.65 -10.03
N SER A 53 1.85 -5.41 -9.75
CA SER A 53 2.00 -6.80 -10.22
C SER A 53 0.92 -7.72 -9.63
N GLU A 54 0.41 -8.67 -10.42
CA GLU A 54 -0.71 -9.54 -9.99
C GLU A 54 -0.35 -10.43 -8.79
N GLU A 55 0.93 -10.77 -8.65
CA GLU A 55 1.50 -11.54 -7.53
C GLU A 55 1.44 -10.83 -6.18
N LEU A 56 1.56 -9.50 -6.21
CA LEU A 56 1.37 -8.60 -5.09
C LEU A 56 -0.12 -8.26 -4.93
N LEU A 57 -0.84 -8.06 -6.03
CA LEU A 57 -2.25 -7.64 -6.02
C LEU A 57 -3.13 -8.58 -5.20
N ARG A 58 -2.96 -9.90 -5.34
CA ARG A 58 -3.67 -10.91 -4.53
C ARG A 58 -3.42 -10.75 -3.01
N ARG A 59 -2.28 -10.19 -2.61
CA ARG A 59 -1.96 -9.85 -1.21
C ARG A 59 -2.71 -8.60 -0.77
N ILE A 60 -2.82 -7.56 -1.60
CA ILE A 60 -3.68 -6.39 -1.31
C ILE A 60 -5.13 -6.86 -1.10
N LEU A 61 -5.64 -7.72 -1.99
CA LEU A 61 -6.99 -8.27 -1.93
C LEU A 61 -7.21 -9.12 -0.65
N GLN A 62 -6.23 -9.93 -0.26
CA GLN A 62 -6.25 -10.73 0.98
C GLN A 62 -6.17 -9.86 2.25
N SER A 63 -5.41 -8.76 2.24
CA SER A 63 -5.29 -7.82 3.36
C SER A 63 -6.62 -7.13 3.68
N PHE A 64 -7.45 -6.88 2.67
CA PHE A 64 -8.81 -6.34 2.88
C PHE A 64 -9.74 -7.37 3.55
N ARG A 65 -9.60 -8.65 3.19
CA ARG A 65 -10.32 -9.78 3.82
C ARG A 65 -9.88 -10.02 5.26
N ASP A 66 -8.60 -9.78 5.58
CA ASP A 66 -8.09 -9.81 6.95
C ASP A 66 -8.59 -8.60 7.78
N GLY A 67 -8.57 -7.40 7.17
CA GLY A 67 -9.21 -6.18 7.67
C GLY A 67 -8.58 -5.47 8.87
N GLN A 68 -7.44 -5.95 9.40
CA GLN A 68 -6.88 -5.49 10.67
C GLN A 68 -6.19 -4.10 10.62
N TYR A 69 -5.90 -3.57 9.43
CA TYR A 69 -5.24 -2.27 9.22
C TYR A 69 -6.16 -1.27 8.51
N ASP A 70 -5.95 0.02 8.74
CA ASP A 70 -6.74 1.10 8.11
C ASP A 70 -6.16 1.57 6.78
N LEU A 71 -4.85 1.43 6.58
CA LEU A 71 -4.15 1.77 5.34
C LEU A 71 -3.10 0.71 4.94
N PHE A 72 -2.79 0.66 3.64
CA PHE A 72 -1.93 -0.36 3.05
C PHE A 72 -0.84 0.26 2.15
N PHE A 73 0.41 -0.16 2.34
CA PHE A 73 1.60 0.29 1.59
C PHE A 73 2.10 -0.82 0.66
N ILE A 74 2.24 -0.51 -0.62
CA ILE A 74 2.71 -1.45 -1.67
C ILE A 74 4.23 -1.30 -1.83
N ALA A 75 4.99 -2.05 -1.03
CA ALA A 75 6.44 -2.14 -1.13
C ALA A 75 6.82 -3.17 -2.20
N LYS A 76 6.69 -2.78 -3.47
CA LYS A 76 6.88 -3.71 -4.60
C LYS A 76 8.30 -4.27 -4.68
N THR A 77 9.27 -3.51 -4.18
CA THR A 77 10.70 -3.82 -4.13
C THR A 77 11.28 -3.41 -2.78
N GLU A 78 12.38 -4.03 -2.34
CA GLU A 78 13.01 -3.73 -1.05
C GLU A 78 13.53 -2.28 -0.93
N ASP A 79 13.85 -1.64 -2.06
CA ASP A 79 14.20 -0.22 -2.15
C ASP A 79 12.99 0.70 -1.85
N ASP A 80 11.77 0.27 -2.14
CA ASP A 80 10.53 0.98 -1.78
C ASP A 80 10.16 0.74 -0.30
N GLU A 81 10.45 -0.45 0.23
CA GLU A 81 10.11 -0.86 1.60
C GLU A 81 10.69 0.09 2.67
N ARG A 82 11.88 0.67 2.39
CA ARG A 82 12.53 1.69 3.24
C ARG A 82 11.68 2.96 3.38
N ARG A 83 10.99 3.36 2.32
CA ARG A 83 10.15 4.57 2.24
C ARG A 83 8.87 4.41 3.06
N ALA A 84 8.30 3.20 3.06
CA ALA A 84 7.17 2.82 3.92
C ALA A 84 7.56 2.82 5.41
N ARG A 85 8.72 2.26 5.76
CA ARG A 85 9.17 2.14 7.16
C ARG A 85 9.37 3.50 7.83
N GLU A 86 10.10 4.41 7.19
CA GLU A 86 10.34 5.77 7.72
C GLU A 86 9.07 6.63 7.75
N LEU A 87 8.07 6.32 6.92
CA LEU A 87 6.73 6.91 6.98
C LEU A 87 5.90 6.35 8.16
N LYS A 88 5.87 5.04 8.37
CA LYS A 88 5.12 4.39 9.46
C LYS A 88 5.54 4.91 10.84
N GLU A 89 6.84 5.13 11.00
CA GLU A 89 7.46 5.67 12.23
C GLU A 89 6.94 7.07 12.61
N ARG A 90 6.74 7.96 11.62
CA ARG A 90 6.22 9.33 11.82
C ARG A 90 4.68 9.43 11.80
N MET A 91 4.01 8.49 11.14
CA MET A 91 2.56 8.56 10.87
C MET A 91 1.69 8.28 12.11
N GLY A 92 2.20 7.55 13.11
CA GLY A 92 1.52 7.32 14.38
C GLY A 92 0.32 6.36 14.34
N LYS A 93 0.19 5.58 13.25
CA LYS A 93 -0.84 4.54 13.05
C LYS A 93 -0.25 3.25 12.47
N PRO A 94 -0.90 2.09 12.67
CA PRO A 94 -0.46 0.81 12.11
C PRO A 94 -0.65 0.76 10.59
N VAL A 95 0.32 0.16 9.90
CA VAL A 95 0.37 0.00 8.44
C VAL A 95 0.89 -1.41 8.12
N GLU A 96 0.28 -2.08 7.15
CA GLU A 96 0.80 -3.36 6.61
C GLU A 96 1.58 -3.14 5.31
N ILE A 97 2.71 -3.84 5.19
CA ILE A 97 3.69 -3.71 4.12
C ILE A 97 3.54 -4.91 3.16
N LEU A 98 3.25 -4.65 1.89
CA LEU A 98 2.90 -5.68 0.89
C LEU A 98 3.97 -5.80 -0.20
N ARG A 99 4.47 -7.03 -0.41
CA ARG A 99 5.64 -7.37 -1.26
C ARG A 99 5.31 -8.43 -2.31
N GLY A 100 6.10 -8.46 -3.39
CA GLY A 100 6.06 -9.54 -4.39
C GLY A 100 6.58 -10.88 -3.83
N SER A 101 6.53 -11.94 -4.64
CA SER A 101 7.02 -13.29 -4.29
C SER A 101 7.71 -13.96 -5.49
N LEU A 102 9.01 -14.28 -5.33
CA LEU A 102 9.85 -14.85 -6.38
C LEU A 102 10.27 -16.29 -6.02
N GLU A 103 9.75 -17.26 -6.77
CA GLU A 103 10.17 -18.67 -6.67
C GLU A 103 11.52 -18.89 -7.36
N HIS A 104 12.45 -19.57 -6.67
CA HIS A 104 13.81 -19.87 -7.15
C HIS A 104 13.96 -21.35 -7.52
N HIS A 105 14.58 -21.65 -8.65
CA HIS A 105 14.79 -23.01 -9.14
C HIS A 105 15.86 -23.76 -8.31
N HIS A 106 15.52 -24.94 -7.79
CA HIS A 106 16.43 -25.77 -6.99
C HIS A 106 17.40 -26.57 -7.86
N HIS A 107 18.69 -26.55 -7.47
CA HIS A 107 19.79 -27.26 -8.13
C HIS A 107 20.79 -27.80 -7.09
N HIS A 108 21.52 -28.87 -7.45
CA HIS A 108 22.52 -29.53 -6.60
C HIS A 108 23.71 -30.07 -7.42
N HIS A 109 24.86 -30.26 -6.77
CA HIS A 109 26.05 -30.93 -7.31
C HIS A 109 25.78 -32.43 -7.61
N GLY A 1 5.98 18.71 1.54
CA GLY A 1 6.32 17.50 0.76
C GLY A 1 5.06 16.73 0.37
N GLU A 2 5.02 16.20 -0.85
CA GLU A 2 3.84 15.50 -1.41
C GLU A 2 3.43 14.24 -0.63
N ASP A 3 4.38 13.62 0.08
CA ASP A 3 4.19 12.48 0.97
C ASP A 3 3.84 12.84 2.43
N ASP A 4 4.01 14.09 2.85
CA ASP A 4 3.58 14.59 4.17
C ASP A 4 2.14 15.14 4.16
N GLU A 5 1.71 15.78 3.07
CA GLU A 5 0.35 16.34 2.98
C GLU A 5 -0.73 15.23 2.92
N ILE A 6 -0.45 14.18 2.15
CA ILE A 6 -1.33 13.01 2.00
C ILE A 6 -1.49 12.24 3.31
N LEU A 7 -0.47 12.30 4.17
CA LEU A 7 -0.44 11.57 5.44
C LEU A 7 -1.59 12.03 6.35
N GLN A 8 -1.82 13.35 6.45
CA GLN A 8 -2.94 13.89 7.23
C GLN A 8 -4.29 13.76 6.51
N ARG A 9 -4.27 13.84 5.17
CA ARG A 9 -5.45 13.58 4.33
C ARG A 9 -5.99 12.16 4.52
N ALA A 10 -5.10 11.17 4.71
CA ALA A 10 -5.48 9.79 5.04
C ALA A 10 -6.32 9.73 6.32
N LYS A 11 -5.86 10.41 7.37
CA LYS A 11 -6.53 10.49 8.68
C LYS A 11 -7.87 11.24 8.59
N ASP A 12 -7.97 12.28 7.77
CA ASP A 12 -9.20 13.02 7.52
C ASP A 12 -10.23 12.22 6.70
N ILE A 13 -9.80 11.47 5.67
CA ILE A 13 -10.66 10.53 4.92
C ILE A 13 -11.24 9.49 5.87
N LEU A 14 -10.42 8.93 6.77
CA LEU A 14 -10.85 7.92 7.74
C LEU A 14 -11.82 8.48 8.80
N LYS A 15 -11.58 9.73 9.24
CA LYS A 15 -12.44 10.45 10.19
C LYS A 15 -13.85 10.67 9.63
N GLU A 16 -13.98 10.95 8.34
CA GLU A 16 -15.28 11.09 7.66
C GLU A 16 -15.88 9.76 7.16
N ASP A 17 -15.05 8.78 6.78
CA ASP A 17 -15.48 7.47 6.27
C ASP A 17 -14.71 6.34 7.00
N PRO A 18 -15.10 6.00 8.25
CA PRO A 18 -14.40 5.02 9.09
C PRO A 18 -14.61 3.57 8.60
N ASN A 19 -15.58 3.34 7.73
CA ASN A 19 -15.89 2.04 7.12
C ASN A 19 -15.00 1.73 5.89
N ARG A 20 -14.21 2.69 5.42
CA ARG A 20 -13.32 2.57 4.25
C ARG A 20 -11.87 2.26 4.65
N LYS A 21 -11.07 1.93 3.64
CA LYS A 21 -9.63 1.62 3.69
C LYS A 21 -8.86 2.54 2.74
N ILE A 22 -7.54 2.49 2.82
CA ILE A 22 -6.63 3.36 2.06
C ILE A 22 -5.52 2.53 1.42
N LEU A 23 -5.18 2.83 0.16
CA LEU A 23 -4.05 2.25 -0.56
C LEU A 23 -3.00 3.32 -0.89
N ILE A 24 -1.72 2.94 -0.82
CA ILE A 24 -0.57 3.84 -0.95
C ILE A 24 0.43 3.29 -1.98
N ILE A 25 0.84 4.15 -2.92
CA ILE A 25 1.71 3.82 -4.05
C ILE A 25 3.07 4.49 -3.89
N LEU A 26 4.12 3.67 -3.76
CA LEU A 26 5.50 4.14 -3.68
C LEU A 26 6.15 4.32 -5.07
N ASN A 27 6.76 5.48 -5.30
CA ASN A 27 7.53 5.84 -6.50
C ASN A 27 9.05 5.61 -6.26
N PRO A 28 9.83 5.26 -7.30
CA PRO A 28 11.27 4.97 -7.17
C PRO A 28 12.11 6.19 -6.75
N ASP A 29 11.61 7.42 -6.93
CA ASP A 29 12.21 8.66 -6.43
C ASP A 29 11.99 8.87 -4.91
N GLY A 30 11.21 8.01 -4.25
CA GLY A 30 10.82 8.10 -2.83
C GLY A 30 9.49 8.82 -2.59
N LYS A 31 8.89 9.38 -3.66
CA LYS A 31 7.61 10.12 -3.61
C LYS A 31 6.41 9.17 -3.52
N ILE A 32 5.23 9.69 -3.18
CA ILE A 32 4.06 8.85 -2.91
C ILE A 32 2.74 9.37 -3.48
N GLU A 33 1.81 8.44 -3.72
CA GLU A 33 0.41 8.70 -4.06
C GLU A 33 -0.52 7.94 -3.11
N LEU A 34 -1.69 8.49 -2.86
CA LEU A 34 -2.73 7.94 -1.98
C LEU A 34 -4.06 7.73 -2.71
N TYR A 35 -4.72 6.61 -2.39
CA TYR A 35 -6.01 6.18 -2.92
C TYR A 35 -6.99 5.80 -1.81
N GLU A 36 -8.28 6.06 -2.05
CA GLU A 36 -9.38 5.60 -1.20
C GLU A 36 -10.06 4.37 -1.80
N VAL A 37 -10.35 3.37 -0.96
CA VAL A 37 -10.85 2.05 -1.39
C VAL A 37 -11.75 1.43 -0.32
N THR A 38 -12.78 0.68 -0.72
CA THR A 38 -13.84 0.22 0.21
C THR A 38 -13.98 -1.30 0.29
N SER A 39 -13.56 -2.03 -0.75
CA SER A 39 -13.61 -3.50 -0.87
C SER A 39 -12.68 -3.99 -1.98
N GLU A 40 -12.42 -5.29 -2.06
CA GLU A 40 -11.55 -5.93 -3.08
C GLU A 40 -11.88 -5.55 -4.53
N GLU A 41 -13.16 -5.37 -4.87
CA GLU A 41 -13.61 -4.92 -6.20
C GLU A 41 -13.16 -3.48 -6.51
N ASP A 42 -13.02 -2.65 -5.48
CA ASP A 42 -12.48 -1.29 -5.58
C ASP A 42 -10.96 -1.33 -5.83
N ILE A 43 -10.24 -2.27 -5.19
CA ILE A 43 -8.79 -2.46 -5.34
C ILE A 43 -8.43 -2.90 -6.78
N LYS A 44 -9.27 -3.73 -7.41
CA LYS A 44 -9.12 -4.17 -8.81
C LYS A 44 -8.96 -3.00 -9.80
N ARG A 45 -9.60 -1.85 -9.50
CA ARG A 45 -9.53 -0.61 -10.29
C ARG A 45 -8.18 0.10 -10.09
N ILE A 46 -7.69 0.13 -8.85
CA ILE A 46 -6.36 0.68 -8.49
C ILE A 46 -5.23 -0.06 -9.20
N ALA A 47 -5.37 -1.38 -9.41
CA ALA A 47 -4.34 -2.22 -10.05
C ALA A 47 -3.91 -1.67 -11.42
N LYS A 48 -4.87 -1.34 -12.28
CA LYS A 48 -4.64 -0.73 -13.60
C LYS A 48 -4.28 0.76 -13.50
N LYS A 49 -4.84 1.49 -12.54
CA LYS A 49 -4.59 2.94 -12.34
C LYS A 49 -3.16 3.26 -11.87
N ALA A 50 -2.61 2.42 -10.99
CA ALA A 50 -1.31 2.58 -10.35
C ALA A 50 -0.21 1.67 -10.92
N GLY A 51 -0.55 0.64 -11.71
CA GLY A 51 0.42 -0.29 -12.29
C GLY A 51 0.92 -1.34 -11.30
N ILE A 52 0.03 -1.82 -10.42
CA ILE A 52 0.33 -2.83 -9.39
C ILE A 52 0.42 -4.20 -10.08
N SER A 53 1.53 -4.93 -9.85
CA SER A 53 1.70 -6.30 -10.38
C SER A 53 0.59 -7.20 -9.84
N GLU A 54 0.00 -8.05 -10.68
CA GLU A 54 -1.17 -8.85 -10.27
C GLU A 54 -0.82 -9.96 -9.24
N GLU A 55 0.45 -10.34 -9.16
CA GLU A 55 1.00 -11.21 -8.11
C GLU A 55 1.06 -10.52 -6.74
N LEU A 56 1.32 -9.21 -6.74
CA LEU A 56 1.24 -8.34 -5.56
C LEU A 56 -0.23 -8.02 -5.21
N LEU A 57 -1.06 -7.73 -6.21
CA LEU A 57 -2.45 -7.28 -6.04
C LEU A 57 -3.29 -8.22 -5.14
N ARG A 58 -3.17 -9.55 -5.31
CA ARG A 58 -3.88 -10.53 -4.47
C ARG A 58 -3.51 -10.43 -2.98
N ARG A 59 -2.29 -9.95 -2.68
CA ARG A 59 -1.79 -9.68 -1.32
C ARG A 59 -2.48 -8.44 -0.72
N ILE A 60 -2.75 -7.42 -1.54
CA ILE A 60 -3.58 -6.25 -1.17
C ILE A 60 -5.01 -6.73 -0.85
N LEU A 61 -5.63 -7.54 -1.71
CA LEU A 61 -6.98 -8.08 -1.47
C LEU A 61 -7.05 -8.94 -0.19
N GLN A 62 -6.05 -9.80 0.05
CA GLN A 62 -5.97 -10.60 1.27
C GLN A 62 -5.81 -9.74 2.54
N SER A 63 -5.13 -8.59 2.44
CA SER A 63 -4.98 -7.65 3.56
C SER A 63 -6.30 -6.97 3.95
N PHE A 64 -7.19 -6.73 2.98
CA PHE A 64 -8.55 -6.23 3.26
C PHE A 64 -9.38 -7.28 3.99
N ARG A 65 -9.22 -8.56 3.60
CA ARG A 65 -9.91 -9.72 4.20
C ARG A 65 -9.44 -9.98 5.64
N ASP A 66 -8.14 -9.81 5.90
CA ASP A 66 -7.57 -9.81 7.26
C ASP A 66 -8.08 -8.64 8.10
N GLY A 67 -8.18 -7.44 7.50
CA GLY A 67 -8.88 -6.27 8.05
C GLY A 67 -8.28 -5.61 9.30
N GLN A 68 -7.01 -5.88 9.61
CA GLN A 68 -6.37 -5.45 10.86
C GLN A 68 -5.72 -4.04 10.80
N TYR A 69 -5.71 -3.40 9.63
CA TYR A 69 -5.02 -2.12 9.36
C TYR A 69 -5.94 -1.09 8.69
N ASP A 70 -5.68 0.19 8.92
CA ASP A 70 -6.45 1.30 8.32
C ASP A 70 -5.98 1.67 6.90
N LEU A 71 -4.70 1.45 6.61
CA LEU A 71 -4.03 1.79 5.35
C LEU A 71 -3.03 0.72 4.89
N PHE A 72 -2.66 0.75 3.61
CA PHE A 72 -1.87 -0.31 2.97
C PHE A 72 -0.78 0.27 2.03
N PHE A 73 0.47 -0.17 2.19
CA PHE A 73 1.65 0.27 1.42
C PHE A 73 2.12 -0.83 0.45
N ILE A 74 2.31 -0.48 -0.82
CA ILE A 74 2.68 -1.42 -1.90
C ILE A 74 4.20 -1.37 -2.16
N ALA A 75 4.94 -2.34 -1.63
CA ALA A 75 6.38 -2.43 -1.77
C ALA A 75 6.78 -3.45 -2.86
N LYS A 76 6.83 -2.98 -4.11
CA LYS A 76 7.26 -3.79 -5.27
C LYS A 76 8.76 -4.13 -5.20
N THR A 77 9.57 -3.34 -4.47
CA THR A 77 10.99 -3.58 -4.19
C THR A 77 11.32 -3.48 -2.70
N GLU A 78 12.49 -3.99 -2.29
CA GLU A 78 12.97 -3.92 -0.90
C GLU A 78 13.24 -2.48 -0.42
N ASP A 79 13.62 -1.57 -1.32
CA ASP A 79 13.83 -0.15 -1.00
C ASP A 79 12.53 0.64 -0.82
N ASP A 80 11.40 0.12 -1.31
CA ASP A 80 10.08 0.69 -0.99
C ASP A 80 9.68 0.38 0.46
N GLU A 81 10.04 -0.78 0.99
CA GLU A 81 9.82 -1.10 2.41
C GLU A 81 10.60 -0.17 3.35
N ARG A 82 11.80 0.25 2.94
CA ARG A 82 12.59 1.28 3.62
C ARG A 82 11.78 2.59 3.71
N ARG A 83 11.22 3.04 2.58
CA ARG A 83 10.42 4.27 2.51
C ARG A 83 9.14 4.15 3.34
N ALA A 84 8.44 3.02 3.24
CA ALA A 84 7.22 2.73 3.98
C ALA A 84 7.43 2.75 5.51
N ARG A 85 8.51 2.12 5.99
CA ARG A 85 8.82 2.03 7.42
C ARG A 85 9.29 3.38 8.00
N GLU A 86 10.05 4.17 7.22
CA GLU A 86 10.40 5.55 7.54
C GLU A 86 9.18 6.48 7.62
N LEU A 87 8.19 6.30 6.72
CA LEU A 87 6.92 7.03 6.74
C LEU A 87 6.08 6.64 7.96
N LYS A 88 5.96 5.33 8.27
CA LYS A 88 5.23 4.83 9.44
C LYS A 88 5.72 5.46 10.76
N GLU A 89 7.03 5.71 10.88
CA GLU A 89 7.65 6.31 12.08
C GLU A 89 7.11 7.72 12.36
N ARG A 90 6.97 8.57 11.34
CA ARG A 90 6.35 9.90 11.44
C ARG A 90 4.82 9.87 11.49
N MET A 91 4.21 8.81 10.95
CA MET A 91 2.75 8.62 10.89
C MET A 91 2.12 8.20 12.22
N GLY A 92 2.80 7.36 13.00
CA GLY A 92 2.35 6.94 14.34
C GLY A 92 1.11 6.03 14.36
N LYS A 93 0.78 5.35 13.25
CA LYS A 93 -0.38 4.47 13.08
C LYS A 93 -0.03 3.12 12.43
N PRO A 94 -0.82 2.05 12.67
CA PRO A 94 -0.57 0.73 12.09
C PRO A 94 -0.86 0.71 10.57
N VAL A 95 0.09 0.13 9.82
CA VAL A 95 0.07 -0.02 8.36
C VAL A 95 0.66 -1.39 7.99
N GLU A 96 0.12 -2.04 6.96
CA GLU A 96 0.67 -3.28 6.41
C GLU A 96 1.41 -3.04 5.09
N ILE A 97 2.53 -3.75 4.93
CA ILE A 97 3.45 -3.67 3.80
C ILE A 97 3.27 -4.92 2.91
N LEU A 98 2.99 -4.74 1.61
CA LEU A 98 2.86 -5.85 0.67
C LEU A 98 4.07 -5.99 -0.26
N ARG A 99 4.65 -7.20 -0.29
CA ARG A 99 5.72 -7.64 -1.19
C ARG A 99 5.18 -8.44 -2.37
N GLY A 100 5.74 -8.19 -3.56
CA GLY A 100 5.43 -8.92 -4.80
C GLY A 100 6.56 -8.91 -5.84
N SER A 101 7.82 -8.88 -5.38
CA SER A 101 9.01 -8.93 -6.26
C SER A 101 9.15 -10.31 -6.93
N LEU A 102 9.82 -10.35 -8.09
CA LEU A 102 9.94 -11.53 -8.96
C LEU A 102 11.34 -12.14 -8.93
N GLU A 103 11.43 -13.46 -9.11
CA GLU A 103 12.70 -14.20 -9.15
C GLU A 103 13.47 -13.94 -10.47
N HIS A 104 14.80 -13.82 -10.38
CA HIS A 104 15.69 -13.52 -11.50
C HIS A 104 16.88 -14.50 -11.56
N HIS A 105 17.09 -15.14 -12.71
CA HIS A 105 18.21 -16.08 -12.92
C HIS A 105 19.56 -15.35 -13.05
N HIS A 106 20.64 -15.99 -12.58
CA HIS A 106 21.98 -15.40 -12.57
C HIS A 106 22.59 -15.31 -13.98
N HIS A 107 23.22 -14.17 -14.28
CA HIS A 107 23.87 -13.85 -15.55
C HIS A 107 25.19 -13.09 -15.31
N HIS A 108 26.12 -13.17 -16.26
CA HIS A 108 27.44 -12.53 -16.21
C HIS A 108 27.94 -12.07 -17.60
N HIS A 109 28.99 -11.24 -17.61
CA HIS A 109 29.75 -10.83 -18.81
C HIS A 109 30.57 -11.99 -19.41
N GLY A 1 5.78 19.75 0.32
CA GLY A 1 6.13 18.38 -0.13
C GLY A 1 4.88 17.51 -0.22
N GLU A 2 4.70 16.77 -1.31
CA GLU A 2 3.46 16.02 -1.60
C GLU A 2 3.20 14.90 -0.57
N ASP A 3 4.26 14.26 -0.06
CA ASP A 3 4.18 13.20 0.94
C ASP A 3 3.82 13.69 2.36
N ASP A 4 3.85 15.00 2.61
CA ASP A 4 3.41 15.59 3.89
C ASP A 4 1.89 15.72 4.00
N GLU A 5 1.21 16.22 2.96
CA GLU A 5 -0.24 16.48 3.03
C GLU A 5 -1.07 15.20 3.05
N ILE A 6 -0.68 14.24 2.21
CA ILE A 6 -1.41 12.98 1.99
C ILE A 6 -1.50 12.17 3.28
N LEU A 7 -0.49 12.32 4.14
CA LEU A 7 -0.42 11.63 5.43
C LEU A 7 -1.60 12.08 6.32
N GLN A 8 -1.88 13.39 6.32
CA GLN A 8 -3.03 13.99 6.98
C GLN A 8 -4.36 13.69 6.25
N ARG A 9 -4.38 13.72 4.91
CA ARG A 9 -5.55 13.37 4.09
C ARG A 9 -6.05 11.94 4.38
N ALA A 10 -5.12 10.98 4.52
CA ALA A 10 -5.42 9.60 4.89
C ALA A 10 -6.11 9.52 6.26
N LYS A 11 -5.55 10.17 7.29
CA LYS A 11 -6.16 10.25 8.63
C LYS A 11 -7.53 10.93 8.61
N ASP A 12 -7.74 11.95 7.78
CA ASP A 12 -9.01 12.66 7.66
C ASP A 12 -10.09 11.83 6.94
N ILE A 13 -9.74 11.09 5.88
CA ILE A 13 -10.64 10.12 5.23
C ILE A 13 -11.09 9.07 6.24
N LEU A 14 -10.19 8.58 7.10
CA LEU A 14 -10.50 7.58 8.13
C LEU A 14 -11.38 8.14 9.26
N LYS A 15 -11.09 9.36 9.69
CA LYS A 15 -11.85 10.14 10.68
C LYS A 15 -13.30 10.36 10.24
N GLU A 16 -13.54 10.64 8.95
CA GLU A 16 -14.89 10.81 8.39
C GLU A 16 -15.55 9.47 7.99
N ASP A 17 -14.79 8.48 7.53
CA ASP A 17 -15.30 7.19 7.05
C ASP A 17 -14.45 6.02 7.61
N PRO A 18 -14.66 5.61 8.88
CA PRO A 18 -13.92 4.50 9.49
C PRO A 18 -14.26 3.13 8.88
N ASN A 19 -15.35 3.05 8.12
CA ASN A 19 -15.80 1.87 7.38
C ASN A 19 -15.04 1.69 6.04
N ARG A 20 -14.31 2.72 5.58
CA ARG A 20 -13.52 2.72 4.34
C ARG A 20 -12.05 2.36 4.58
N LYS A 21 -11.34 2.08 3.49
CA LYS A 21 -9.97 1.59 3.44
C LYS A 21 -9.09 2.58 2.66
N ILE A 22 -7.78 2.45 2.84
CA ILE A 22 -6.78 3.35 2.23
C ILE A 22 -5.66 2.52 1.59
N LEU A 23 -5.34 2.83 0.33
CA LEU A 23 -4.19 2.29 -0.39
C LEU A 23 -3.16 3.39 -0.68
N ILE A 24 -1.88 3.05 -0.61
CA ILE A 24 -0.76 3.96 -0.85
C ILE A 24 0.19 3.34 -1.89
N ILE A 25 0.57 4.15 -2.89
CA ILE A 25 1.45 3.74 -3.99
C ILE A 25 2.83 4.37 -3.82
N LEU A 26 3.85 3.51 -3.83
CA LEU A 26 5.25 3.85 -3.64
C LEU A 26 5.96 3.96 -4.99
N ASN A 27 6.58 5.11 -5.28
CA ASN A 27 7.48 5.29 -6.44
C ASN A 27 8.96 5.13 -6.01
N PRO A 28 9.86 4.62 -6.88
CA PRO A 28 11.27 4.41 -6.56
C PRO A 28 12.05 5.72 -6.33
N ASP A 29 11.54 6.87 -6.81
CA ASP A 29 12.06 8.21 -6.53
C ASP A 29 11.69 8.74 -5.12
N GLY A 30 10.86 7.99 -4.36
CA GLY A 30 10.37 8.35 -3.03
C GLY A 30 9.02 9.09 -3.02
N LYS A 31 8.52 9.51 -4.18
CA LYS A 31 7.18 10.12 -4.32
C LYS A 31 6.07 9.12 -3.95
N ILE A 32 5.04 9.61 -3.27
CA ILE A 32 3.95 8.78 -2.74
C ILE A 32 2.58 9.26 -3.25
N GLU A 33 1.64 8.34 -3.48
CA GLU A 33 0.30 8.66 -3.97
C GLU A 33 -0.77 7.96 -3.11
N LEU A 34 -1.83 8.69 -2.74
CA LEU A 34 -2.91 8.22 -1.87
C LEU A 34 -4.16 7.85 -2.69
N TYR A 35 -4.78 6.72 -2.33
CA TYR A 35 -6.05 6.27 -2.89
C TYR A 35 -7.06 5.90 -1.80
N GLU A 36 -8.30 6.31 -2.03
CA GLU A 36 -9.48 5.89 -1.27
C GLU A 36 -10.11 4.65 -1.91
N VAL A 37 -10.49 3.66 -1.09
CA VAL A 37 -10.99 2.35 -1.53
C VAL A 37 -11.98 1.79 -0.51
N THR A 38 -12.99 1.03 -0.95
CA THR A 38 -14.10 0.60 -0.07
C THR A 38 -14.24 -0.93 0.02
N SER A 39 -13.76 -1.65 -1.00
CA SER A 39 -13.91 -3.11 -1.18
C SER A 39 -12.81 -3.63 -2.12
N GLU A 40 -12.58 -4.95 -2.14
CA GLU A 40 -11.64 -5.62 -3.06
C GLU A 40 -11.93 -5.33 -4.54
N GLU A 41 -13.19 -5.14 -4.91
CA GLU A 41 -13.62 -4.77 -6.27
C GLU A 41 -13.13 -3.37 -6.69
N ASP A 42 -12.92 -2.45 -5.73
CA ASP A 42 -12.36 -1.12 -5.99
C ASP A 42 -10.85 -1.20 -6.25
N ILE A 43 -10.14 -2.09 -5.54
CA ILE A 43 -8.69 -2.34 -5.69
C ILE A 43 -8.31 -2.76 -7.12
N LYS A 44 -9.19 -3.49 -7.83
CA LYS A 44 -8.98 -3.87 -9.24
C LYS A 44 -8.75 -2.67 -10.17
N ARG A 45 -9.35 -1.51 -9.89
CA ARG A 45 -9.12 -0.26 -10.63
C ARG A 45 -7.73 0.31 -10.32
N ILE A 46 -7.35 0.29 -9.04
CA ILE A 46 -6.03 0.75 -8.56
C ILE A 46 -4.89 -0.05 -9.22
N ALA A 47 -5.06 -1.36 -9.43
CA ALA A 47 -4.06 -2.22 -10.08
C ALA A 47 -3.59 -1.69 -11.44
N LYS A 48 -4.54 -1.25 -12.29
CA LYS A 48 -4.28 -0.69 -13.61
C LYS A 48 -3.73 0.74 -13.54
N LYS A 49 -4.25 1.56 -12.60
CA LYS A 49 -3.78 2.96 -12.41
C LYS A 49 -2.35 3.04 -11.90
N ALA A 50 -2.05 2.24 -10.89
CA ALA A 50 -0.82 2.32 -10.13
C ALA A 50 0.28 1.38 -10.68
N GLY A 51 -0.11 0.39 -11.51
CA GLY A 51 0.82 -0.57 -12.11
C GLY A 51 1.24 -1.69 -11.14
N ILE A 52 0.31 -2.19 -10.34
CA ILE A 52 0.55 -3.20 -9.29
C ILE A 52 0.64 -4.59 -9.94
N SER A 53 1.74 -5.32 -9.68
CA SER A 53 1.95 -6.69 -10.17
C SER A 53 0.84 -7.63 -9.69
N GLU A 54 0.40 -8.59 -10.50
CA GLU A 54 -0.72 -9.49 -10.14
C GLU A 54 -0.43 -10.33 -8.89
N GLU A 55 0.84 -10.71 -8.67
CA GLU A 55 1.28 -11.47 -7.50
C GLU A 55 1.23 -10.65 -6.21
N LEU A 56 1.53 -9.35 -6.32
CA LEU A 56 1.44 -8.37 -5.23
C LEU A 56 -0.04 -8.00 -4.97
N LEU A 57 -0.81 -7.72 -6.02
CA LEU A 57 -2.22 -7.32 -5.96
C LEU A 57 -3.06 -8.30 -5.13
N ARG A 58 -2.87 -9.61 -5.30
CA ARG A 58 -3.51 -10.67 -4.50
C ARG A 58 -3.36 -10.42 -3.00
N ARG A 59 -2.19 -9.97 -2.56
CA ARG A 59 -1.94 -9.68 -1.14
C ARG A 59 -2.67 -8.43 -0.66
N ILE A 60 -2.84 -7.42 -1.52
CA ILE A 60 -3.71 -6.26 -1.23
C ILE A 60 -5.16 -6.72 -1.03
N LEU A 61 -5.68 -7.60 -1.91
CA LEU A 61 -7.03 -8.15 -1.78
C LEU A 61 -7.19 -8.92 -0.44
N GLN A 62 -6.18 -9.71 -0.06
CA GLN A 62 -6.16 -10.48 1.19
C GLN A 62 -6.13 -9.58 2.44
N SER A 63 -5.41 -8.46 2.40
CA SER A 63 -5.38 -7.48 3.49
C SER A 63 -6.75 -6.87 3.80
N PHE A 64 -7.59 -6.69 2.78
CA PHE A 64 -8.95 -6.18 2.95
C PHE A 64 -9.88 -7.19 3.65
N ARG A 65 -9.67 -8.50 3.40
CA ARG A 65 -10.37 -9.61 4.07
C ARG A 65 -10.02 -9.65 5.56
N ASP A 66 -8.76 -9.37 5.90
CA ASP A 66 -8.28 -9.35 7.29
C ASP A 66 -8.68 -8.08 8.05
N GLY A 67 -8.53 -6.90 7.44
CA GLY A 67 -9.09 -5.63 7.93
C GLY A 67 -8.54 -5.07 9.25
N GLN A 68 -7.39 -5.56 9.75
CA GLN A 68 -6.85 -5.15 11.06
C GLN A 68 -6.00 -3.86 11.04
N TYR A 69 -5.72 -3.30 9.86
CA TYR A 69 -4.91 -2.11 9.65
C TYR A 69 -5.71 -0.92 9.10
N ASP A 70 -5.24 0.30 9.36
CA ASP A 70 -5.92 1.54 8.95
C ASP A 70 -5.59 1.96 7.50
N LEU A 71 -4.44 1.54 6.98
CA LEU A 71 -3.99 1.79 5.60
C LEU A 71 -3.03 0.69 5.10
N PHE A 72 -2.81 0.66 3.79
CA PHE A 72 -2.02 -0.39 3.11
C PHE A 72 -0.94 0.21 2.20
N PHE A 73 0.29 -0.32 2.28
CA PHE A 73 1.48 0.12 1.50
C PHE A 73 1.94 -1.01 0.57
N ILE A 74 2.22 -0.66 -0.69
CA ILE A 74 2.61 -1.58 -1.77
C ILE A 74 4.12 -1.53 -2.00
N ALA A 75 4.88 -2.44 -1.38
CA ALA A 75 6.32 -2.57 -1.60
C ALA A 75 6.62 -3.54 -2.76
N LYS A 76 7.04 -3.00 -3.91
CA LYS A 76 7.51 -3.80 -5.05
C LYS A 76 9.02 -4.10 -4.94
N THR A 77 9.79 -3.27 -4.24
CA THR A 77 11.26 -3.45 -4.05
C THR A 77 11.72 -3.05 -2.65
N GLU A 78 12.87 -3.55 -2.21
CA GLU A 78 13.42 -3.30 -0.85
C GLU A 78 13.64 -1.81 -0.54
N ASP A 79 14.03 -0.99 -1.54
CA ASP A 79 14.24 0.44 -1.34
C ASP A 79 12.93 1.23 -1.13
N ASP A 80 11.84 0.79 -1.77
CA ASP A 80 10.50 1.32 -1.45
C ASP A 80 9.90 0.70 -0.18
N GLU A 81 10.19 -0.57 0.12
CA GLU A 81 9.85 -1.19 1.41
C GLU A 81 10.45 -0.41 2.61
N ARG A 82 11.68 0.08 2.46
CA ARG A 82 12.36 0.99 3.39
C ARG A 82 11.60 2.32 3.55
N ARG A 83 11.17 2.92 2.44
CA ARG A 83 10.42 4.19 2.42
C ARG A 83 9.08 4.10 3.15
N ALA A 84 8.41 2.96 3.07
CA ALA A 84 7.16 2.65 3.77
C ALA A 84 7.32 2.67 5.30
N ARG A 85 8.34 2.01 5.85
CA ARG A 85 8.59 2.01 7.32
C ARG A 85 9.12 3.36 7.83
N GLU A 86 9.87 4.10 7.01
CA GLU A 86 10.25 5.49 7.32
C GLU A 86 9.02 6.42 7.37
N LEU A 87 7.99 6.18 6.54
CA LEU A 87 6.72 6.88 6.66
C LEU A 87 5.94 6.45 7.91
N LYS A 88 5.88 5.14 8.22
CA LYS A 88 5.19 4.63 9.41
C LYS A 88 5.73 5.27 10.71
N GLU A 89 7.04 5.52 10.77
CA GLU A 89 7.73 6.15 11.91
C GLU A 89 7.21 7.57 12.21
N ARG A 90 7.03 8.41 11.17
CA ARG A 90 6.45 9.76 11.31
C ARG A 90 4.92 9.74 11.47
N MET A 91 4.25 8.72 10.92
CA MET A 91 2.79 8.64 10.85
C MET A 91 2.14 8.16 12.14
N GLY A 92 2.75 7.23 12.87
CA GLY A 92 2.23 6.71 14.15
C GLY A 92 0.95 5.86 14.03
N LYS A 93 0.67 5.32 12.83
CA LYS A 93 -0.51 4.49 12.51
C LYS A 93 -0.13 3.02 12.21
N PRO A 94 -1.05 2.06 12.40
CA PRO A 94 -0.86 0.69 11.94
C PRO A 94 -0.92 0.65 10.40
N VAL A 95 0.12 0.09 9.79
CA VAL A 95 0.28 -0.10 8.34
C VAL A 95 0.72 -1.53 8.07
N GLU A 96 0.11 -2.18 7.08
CA GLU A 96 0.58 -3.46 6.55
C GLU A 96 1.28 -3.26 5.20
N ILE A 97 2.48 -3.84 5.08
CA ILE A 97 3.31 -3.82 3.87
C ILE A 97 3.05 -5.08 3.05
N LEU A 98 2.67 -4.94 1.78
CA LEU A 98 2.56 -6.05 0.84
C LEU A 98 3.77 -6.14 -0.09
N ARG A 99 4.18 -7.36 -0.44
CA ARG A 99 5.38 -7.69 -1.23
C ARG A 99 5.07 -8.49 -2.50
N GLY A 100 5.84 -8.26 -3.55
CA GLY A 100 5.81 -9.05 -4.79
C GLY A 100 6.60 -8.38 -5.92
N SER A 101 7.38 -9.18 -6.67
CA SER A 101 8.15 -8.74 -7.85
C SER A 101 8.27 -9.87 -8.89
N LEU A 102 8.42 -9.51 -10.17
CA LEU A 102 8.60 -10.45 -11.27
C LEU A 102 10.05 -10.95 -11.31
N GLU A 103 10.29 -12.17 -10.86
CA GLU A 103 11.62 -12.81 -10.90
C GLU A 103 12.00 -13.18 -12.35
N HIS A 104 13.13 -12.65 -12.82
CA HIS A 104 13.62 -12.85 -14.19
C HIS A 104 14.69 -13.96 -14.27
N HIS A 105 14.56 -14.84 -15.27
CA HIS A 105 15.48 -15.95 -15.53
C HIS A 105 16.75 -15.53 -16.30
N HIS A 106 17.84 -16.27 -16.10
CA HIS A 106 19.12 -16.12 -16.80
C HIS A 106 19.63 -17.46 -17.37
N HIS A 107 20.54 -17.40 -18.35
CA HIS A 107 21.10 -18.57 -19.03
C HIS A 107 22.57 -18.36 -19.47
N HIS A 108 23.26 -19.46 -19.77
CA HIS A 108 24.60 -19.45 -20.38
C HIS A 108 24.53 -19.32 -21.91
N HIS A 109 25.66 -18.97 -22.54
CA HIS A 109 25.81 -18.80 -24.00
C HIS A 109 27.22 -19.21 -24.49
N GLY A 1 6.47 18.99 1.13
CA GLY A 1 6.69 17.53 0.97
C GLY A 1 5.39 16.82 0.62
N GLU A 2 5.38 16.07 -0.48
CA GLU A 2 4.16 15.44 -1.02
C GLU A 2 3.58 14.32 -0.13
N ASP A 3 4.41 13.70 0.72
CA ASP A 3 3.96 12.75 1.75
C ASP A 3 3.22 13.42 2.92
N ASP A 4 3.52 14.68 3.25
CA ASP A 4 2.95 15.36 4.43
C ASP A 4 1.44 15.66 4.26
N GLU A 5 1.05 16.12 3.07
CA GLU A 5 -0.34 16.47 2.76
C GLU A 5 -1.23 15.22 2.67
N ILE A 6 -0.77 14.18 1.96
CA ILE A 6 -1.53 12.94 1.79
C ILE A 6 -1.64 12.17 3.11
N LEU A 7 -0.61 12.27 3.96
CA LEU A 7 -0.62 11.63 5.28
C LEU A 7 -1.76 12.21 6.13
N GLN A 8 -1.93 13.55 6.08
CA GLN A 8 -3.01 14.25 6.77
C GLN A 8 -4.39 13.93 6.18
N ARG A 9 -4.49 13.84 4.84
CA ARG A 9 -5.73 13.41 4.15
C ARG A 9 -6.15 11.99 4.53
N ALA A 10 -5.20 11.08 4.75
CA ALA A 10 -5.49 9.74 5.25
C ALA A 10 -6.22 9.79 6.61
N LYS A 11 -5.71 10.57 7.57
CA LYS A 11 -6.35 10.77 8.88
C LYS A 11 -7.75 11.39 8.73
N ASP A 12 -7.91 12.35 7.83
CA ASP A 12 -9.18 13.03 7.54
C ASP A 12 -10.25 12.08 6.94
N ILE A 13 -9.85 11.12 6.10
CA ILE A 13 -10.72 10.06 5.58
C ILE A 13 -11.22 9.17 6.74
N LEU A 14 -10.33 8.65 7.59
CA LEU A 14 -10.72 7.78 8.71
C LEU A 14 -11.54 8.52 9.79
N LYS A 15 -11.34 9.85 9.96
CA LYS A 15 -12.09 10.68 10.92
C LYS A 15 -13.59 10.70 10.60
N GLU A 16 -13.95 10.83 9.32
CA GLU A 16 -15.35 10.78 8.86
C GLU A 16 -15.85 9.37 8.50
N ASP A 17 -14.98 8.48 8.04
CA ASP A 17 -15.34 7.13 7.59
C ASP A 17 -14.33 6.09 8.14
N PRO A 18 -14.44 5.70 9.43
CA PRO A 18 -13.53 4.75 10.06
C PRO A 18 -13.68 3.31 9.52
N ASN A 19 -14.77 3.04 8.80
CA ASN A 19 -15.06 1.75 8.16
C ASN A 19 -14.46 1.62 6.75
N ARG A 20 -13.96 2.73 6.16
CA ARG A 20 -13.30 2.76 4.84
C ARG A 20 -11.80 2.50 4.94
N LYS A 21 -11.22 2.12 3.80
CA LYS A 21 -9.83 1.64 3.64
C LYS A 21 -9.02 2.66 2.84
N ILE A 22 -7.69 2.53 2.87
CA ILE A 22 -6.77 3.38 2.11
C ILE A 22 -5.70 2.51 1.44
N LEU A 23 -5.32 2.86 0.22
CA LEU A 23 -4.21 2.25 -0.52
C LEU A 23 -3.17 3.32 -0.90
N ILE A 24 -1.88 2.97 -0.85
CA ILE A 24 -0.75 3.88 -1.03
C ILE A 24 0.23 3.31 -2.05
N ILE A 25 0.63 4.13 -3.02
CA ILE A 25 1.53 3.72 -4.11
C ILE A 25 2.94 4.23 -3.83
N LEU A 26 3.87 3.28 -3.72
CA LEU A 26 5.31 3.49 -3.58
C LEU A 26 5.95 3.58 -4.98
N ASN A 27 6.44 4.76 -5.37
CA ASN A 27 7.15 5.01 -6.63
C ASN A 27 8.69 4.97 -6.45
N PRO A 28 9.47 4.49 -7.43
CA PRO A 28 10.93 4.29 -7.28
C PRO A 28 11.72 5.59 -7.06
N ASP A 29 11.15 6.76 -7.41
CA ASP A 29 11.72 8.09 -7.16
C ASP A 29 11.54 8.59 -5.70
N GLY A 30 10.88 7.82 -4.82
CA GLY A 30 10.62 8.19 -3.41
C GLY A 30 9.31 8.95 -3.19
N LYS A 31 8.65 9.41 -4.24
CA LYS A 31 7.32 10.06 -4.20
C LYS A 31 6.20 9.09 -3.81
N ILE A 32 5.11 9.58 -3.24
CA ILE A 32 3.99 8.78 -2.75
C ILE A 32 2.63 9.28 -3.28
N GLU A 33 1.68 8.37 -3.52
CA GLU A 33 0.32 8.69 -3.98
C GLU A 33 -0.71 7.93 -3.14
N LEU A 34 -1.84 8.57 -2.80
CA LEU A 34 -2.91 7.98 -1.99
C LEU A 34 -4.19 7.74 -2.81
N TYR A 35 -4.82 6.59 -2.57
CA TYR A 35 -6.10 6.19 -3.14
C TYR A 35 -7.12 5.87 -2.05
N GLU A 36 -8.38 6.27 -2.29
CA GLU A 36 -9.53 5.91 -1.44
C GLU A 36 -10.22 4.66 -1.97
N VAL A 37 -10.58 3.75 -1.06
CA VAL A 37 -11.05 2.39 -1.36
C VAL A 37 -11.94 1.88 -0.23
N THR A 38 -12.89 1.00 -0.54
CA THR A 38 -13.79 0.37 0.45
C THR A 38 -13.76 -1.16 0.35
N SER A 39 -13.48 -1.71 -0.85
CA SER A 39 -13.62 -3.14 -1.19
C SER A 39 -12.63 -3.56 -2.27
N GLU A 40 -12.46 -4.87 -2.50
CA GLU A 40 -11.57 -5.37 -3.58
C GLU A 40 -11.92 -4.82 -4.97
N GLU A 41 -13.21 -4.57 -5.25
CA GLU A 41 -13.67 -3.99 -6.51
C GLU A 41 -13.10 -2.59 -6.77
N ASP A 42 -12.74 -1.85 -5.72
CA ASP A 42 -12.02 -0.57 -5.82
C ASP A 42 -10.53 -0.81 -6.17
N ILE A 43 -9.92 -1.86 -5.60
CA ILE A 43 -8.51 -2.25 -5.82
C ILE A 43 -8.24 -2.75 -7.26
N LYS A 44 -9.13 -3.54 -7.88
CA LYS A 44 -8.94 -4.02 -9.28
C LYS A 44 -8.70 -2.92 -10.31
N ARG A 45 -9.28 -1.73 -10.13
CA ARG A 45 -9.04 -0.55 -10.99
C ARG A 45 -7.68 0.09 -10.72
N ILE A 46 -7.36 0.28 -9.43
CA ILE A 46 -6.06 0.79 -8.97
C ILE A 46 -4.89 -0.07 -9.49
N ALA A 47 -5.08 -1.38 -9.69
CA ALA A 47 -4.07 -2.26 -10.28
C ALA A 47 -3.51 -1.74 -11.62
N LYS A 48 -4.39 -1.32 -12.55
CA LYS A 48 -4.01 -0.75 -13.84
C LYS A 48 -3.52 0.70 -13.74
N LYS A 49 -4.10 1.51 -12.85
CA LYS A 49 -3.71 2.92 -12.62
C LYS A 49 -2.30 3.05 -12.04
N ALA A 50 -2.00 2.24 -11.03
CA ALA A 50 -0.77 2.32 -10.25
C ALA A 50 0.34 1.39 -10.79
N GLY A 51 -0.02 0.42 -11.64
CA GLY A 51 0.91 -0.53 -12.26
C GLY A 51 1.28 -1.73 -11.36
N ILE A 52 0.32 -2.22 -10.57
CA ILE A 52 0.51 -3.32 -9.61
C ILE A 52 0.43 -4.67 -10.34
N SER A 53 1.40 -5.57 -10.11
CA SER A 53 1.38 -6.93 -10.67
C SER A 53 0.28 -7.79 -10.04
N GLU A 54 -0.20 -8.82 -10.74
CA GLU A 54 -1.19 -9.76 -10.19
C GLU A 54 -0.66 -10.47 -8.92
N GLU A 55 0.65 -10.68 -8.83
CA GLU A 55 1.33 -11.33 -7.71
C GLU A 55 1.30 -10.47 -6.43
N LEU A 56 1.49 -9.16 -6.59
CA LEU A 56 1.36 -8.17 -5.51
C LEU A 56 -0.13 -7.90 -5.21
N LEU A 57 -0.96 -7.70 -6.23
CA LEU A 57 -2.39 -7.38 -6.13
C LEU A 57 -3.16 -8.42 -5.31
N ARG A 58 -2.81 -9.70 -5.43
CA ARG A 58 -3.30 -10.81 -4.58
C ARG A 58 -3.16 -10.48 -3.09
N ARG A 59 -2.00 -9.95 -2.68
CA ARG A 59 -1.71 -9.61 -1.28
C ARG A 59 -2.53 -8.39 -0.83
N ILE A 60 -2.72 -7.38 -1.69
CA ILE A 60 -3.62 -6.25 -1.38
C ILE A 60 -5.06 -6.74 -1.15
N LEU A 61 -5.57 -7.59 -2.06
CA LEU A 61 -6.91 -8.20 -1.94
C LEU A 61 -7.06 -9.02 -0.64
N GLN A 62 -6.04 -9.81 -0.27
CA GLN A 62 -6.02 -10.61 0.97
C GLN A 62 -6.04 -9.72 2.23
N SER A 63 -5.28 -8.62 2.24
CA SER A 63 -5.21 -7.69 3.37
C SER A 63 -6.55 -7.03 3.69
N PHE A 64 -7.41 -6.82 2.69
CA PHE A 64 -8.75 -6.27 2.88
C PHE A 64 -9.69 -7.26 3.57
N ARG A 65 -9.57 -8.56 3.27
CA ARG A 65 -10.29 -9.64 3.97
C ARG A 65 -9.87 -9.75 5.43
N ASP A 66 -8.57 -9.57 5.71
CA ASP A 66 -8.01 -9.63 7.06
C ASP A 66 -8.34 -8.37 7.90
N GLY A 67 -8.53 -7.21 7.26
CA GLY A 67 -9.14 -5.99 7.81
C GLY A 67 -8.52 -5.32 9.05
N GLN A 68 -7.28 -5.64 9.42
CA GLN A 68 -6.68 -5.20 10.70
C GLN A 68 -5.96 -3.84 10.66
N TYR A 69 -5.87 -3.20 9.49
CA TYR A 69 -5.13 -1.95 9.27
C TYR A 69 -6.00 -0.86 8.65
N ASP A 70 -5.64 0.41 8.91
CA ASP A 70 -6.37 1.58 8.38
C ASP A 70 -5.93 1.97 6.95
N LEU A 71 -4.69 1.63 6.59
CA LEU A 71 -4.09 1.90 5.27
C LEU A 71 -3.07 0.82 4.85
N PHE A 72 -2.73 0.82 3.55
CA PHE A 72 -1.91 -0.24 2.94
C PHE A 72 -0.82 0.32 2.01
N PHE A 73 0.41 -0.18 2.13
CA PHE A 73 1.61 0.25 1.37
C PHE A 73 2.11 -0.89 0.45
N ILE A 74 2.27 -0.61 -0.85
CA ILE A 74 2.57 -1.59 -1.92
C ILE A 74 4.08 -1.65 -2.19
N ALA A 75 4.84 -2.39 -1.37
CA ALA A 75 6.29 -2.41 -1.41
C ALA A 75 6.80 -3.48 -2.40
N LYS A 76 6.91 -3.10 -3.68
CA LYS A 76 7.37 -3.99 -4.76
C LYS A 76 8.86 -4.34 -4.62
N THR A 77 9.65 -3.41 -4.07
CA THR A 77 11.09 -3.54 -3.80
C THR A 77 11.42 -3.28 -2.32
N GLU A 78 12.60 -3.72 -1.88
CA GLU A 78 13.17 -3.36 -0.57
C GLU A 78 13.58 -1.88 -0.48
N ASP A 79 13.89 -1.23 -1.60
CA ASP A 79 14.15 0.22 -1.67
C ASP A 79 12.88 1.03 -1.42
N ASP A 80 11.72 0.55 -1.89
CA ASP A 80 10.42 1.13 -1.56
C ASP A 80 10.00 0.81 -0.12
N GLU A 81 10.22 -0.41 0.35
CA GLU A 81 9.96 -0.83 1.74
C GLU A 81 10.70 0.05 2.75
N ARG A 82 11.92 0.50 2.41
CA ARG A 82 12.74 1.39 3.25
C ARG A 82 12.05 2.74 3.51
N ARG A 83 11.39 3.31 2.49
CA ARG A 83 10.57 4.52 2.62
C ARG A 83 9.22 4.25 3.29
N ALA A 84 8.59 3.10 3.02
CA ALA A 84 7.34 2.65 3.65
C ALA A 84 7.43 2.58 5.19
N ARG A 85 8.49 1.94 5.72
CA ARG A 85 8.71 1.79 7.18
C ARG A 85 9.10 3.10 7.88
N GLU A 86 9.80 4.00 7.18
CA GLU A 86 10.12 5.35 7.70
C GLU A 86 8.90 6.29 7.69
N LEU A 87 8.00 6.15 6.71
CA LEU A 87 6.72 6.86 6.68
C LEU A 87 5.82 6.41 7.84
N LYS A 88 5.71 5.09 8.07
CA LYS A 88 4.94 4.50 9.18
C LYS A 88 5.33 5.09 10.55
N GLU A 89 6.62 5.38 10.76
CA GLU A 89 7.15 5.98 11.99
C GLU A 89 6.60 7.40 12.24
N ARG A 90 6.63 8.28 11.22
CA ARG A 90 6.11 9.66 11.33
C ARG A 90 4.57 9.73 11.34
N MET A 91 3.92 8.73 10.75
CA MET A 91 2.45 8.64 10.66
C MET A 91 1.77 8.21 11.97
N GLY A 92 2.45 7.48 12.85
CA GLY A 92 1.98 7.17 14.21
C GLY A 92 0.73 6.27 14.28
N LYS A 93 0.45 5.51 13.21
CA LYS A 93 -0.69 4.58 13.07
C LYS A 93 -0.25 3.28 12.38
N PRO A 94 -0.96 2.14 12.62
CA PRO A 94 -0.63 0.86 12.02
C PRO A 94 -0.82 0.86 10.49
N VAL A 95 0.17 0.28 9.80
CA VAL A 95 0.23 0.08 8.34
C VAL A 95 0.76 -1.32 8.07
N GLU A 96 0.18 -2.04 7.11
CA GLU A 96 0.73 -3.30 6.61
C GLU A 96 1.51 -3.07 5.30
N ILE A 97 2.74 -3.60 5.26
CA ILE A 97 3.66 -3.47 4.13
C ILE A 97 3.57 -4.73 3.27
N LEU A 98 3.15 -4.58 2.01
CA LEU A 98 2.82 -5.68 1.12
C LEU A 98 3.98 -5.97 0.15
N ARG A 99 4.49 -7.21 0.14
CA ARG A 99 5.70 -7.62 -0.59
C ARG A 99 5.39 -8.60 -1.73
N GLY A 100 6.16 -8.50 -2.81
CA GLY A 100 6.13 -9.46 -3.93
C GLY A 100 6.87 -10.76 -3.61
N SER A 101 6.51 -11.85 -4.29
CA SER A 101 7.14 -13.18 -4.15
C SER A 101 8.09 -13.45 -5.32
N LEU A 102 9.35 -13.79 -5.01
CA LEU A 102 10.44 -14.00 -6.00
C LEU A 102 11.48 -15.00 -5.48
N GLU A 103 12.07 -15.81 -6.36
CA GLU A 103 13.17 -16.73 -6.04
C GLU A 103 14.51 -15.98 -5.88
N HIS A 104 15.22 -16.21 -4.78
CA HIS A 104 16.49 -15.56 -4.46
C HIS A 104 17.71 -16.35 -4.99
N HIS A 105 18.72 -15.64 -5.50
CA HIS A 105 19.98 -16.23 -5.96
C HIS A 105 20.84 -16.74 -4.79
N HIS A 106 21.24 -18.02 -4.84
CA HIS A 106 21.96 -18.70 -3.76
C HIS A 106 23.49 -18.78 -3.96
N HIS A 107 24.01 -18.32 -5.11
CA HIS A 107 25.44 -18.33 -5.44
C HIS A 107 26.01 -16.89 -5.55
N HIS A 108 27.31 -16.73 -5.26
CA HIS A 108 27.96 -15.42 -5.11
C HIS A 108 28.53 -14.82 -6.42
N HIS A 109 28.65 -15.61 -7.49
CA HIS A 109 29.06 -15.17 -8.83
C HIS A 109 28.34 -15.92 -9.97
N GLY A 1 7.50 16.44 1.36
CA GLY A 1 6.91 16.89 0.09
C GLY A 1 5.46 16.46 -0.02
N GLU A 2 5.11 15.70 -1.06
CA GLU A 2 3.76 15.13 -1.26
C GLU A 2 3.35 14.16 -0.13
N ASP A 3 4.32 13.56 0.55
CA ASP A 3 4.11 12.69 1.70
C ASP A 3 3.57 13.41 2.95
N ASP A 4 3.73 14.74 3.07
CA ASP A 4 3.23 15.51 4.22
C ASP A 4 1.70 15.67 4.20
N GLU A 5 1.12 16.00 3.04
CA GLU A 5 -0.31 16.27 2.92
C GLU A 5 -1.15 15.00 2.96
N ILE A 6 -0.76 13.98 2.19
CA ILE A 6 -1.47 12.70 2.09
C ILE A 6 -1.52 11.98 3.44
N LEU A 7 -0.50 12.18 4.27
CA LEU A 7 -0.39 11.54 5.59
C LEU A 7 -1.55 11.98 6.49
N GLN A 8 -1.83 13.30 6.54
CA GLN A 8 -2.97 13.83 7.28
C GLN A 8 -4.31 13.54 6.59
N ARG A 9 -4.35 13.58 5.25
CA ARG A 9 -5.55 13.22 4.46
C ARG A 9 -6.01 11.80 4.75
N ALA A 10 -5.09 10.86 4.96
CA ALA A 10 -5.42 9.49 5.33
C ALA A 10 -6.19 9.43 6.66
N LYS A 11 -5.69 10.14 7.69
CA LYS A 11 -6.34 10.25 8.99
C LYS A 11 -7.70 10.96 8.89
N ASP A 12 -7.81 12.00 8.08
CA ASP A 12 -9.09 12.71 7.84
C ASP A 12 -10.13 11.84 7.13
N ILE A 13 -9.74 11.04 6.14
CA ILE A 13 -10.61 10.03 5.49
C ILE A 13 -11.16 9.04 6.53
N LEU A 14 -10.31 8.54 7.43
CA LEU A 14 -10.71 7.59 8.48
C LEU A 14 -11.56 8.22 9.60
N LYS A 15 -11.29 9.48 9.97
CA LYS A 15 -12.11 10.24 10.93
C LYS A 15 -13.54 10.44 10.42
N GLU A 16 -13.69 10.78 9.15
CA GLU A 16 -14.99 11.07 8.53
C GLU A 16 -15.70 9.81 7.99
N ASP A 17 -14.98 8.77 7.58
CA ASP A 17 -15.52 7.50 7.08
C ASP A 17 -14.69 6.32 7.61
N PRO A 18 -14.88 5.90 8.88
CA PRO A 18 -14.13 4.80 9.52
C PRO A 18 -14.43 3.43 8.92
N ASN A 19 -15.51 3.30 8.15
CA ASN A 19 -15.90 2.08 7.44
C ASN A 19 -15.04 1.80 6.19
N ARG A 20 -14.34 2.82 5.68
CA ARG A 20 -13.55 2.79 4.43
C ARG A 20 -12.09 2.40 4.67
N LYS A 21 -11.37 2.13 3.58
CA LYS A 21 -9.97 1.68 3.55
C LYS A 21 -9.11 2.62 2.70
N ILE A 22 -7.78 2.46 2.78
CA ILE A 22 -6.80 3.33 2.12
C ILE A 22 -5.68 2.50 1.48
N LEU A 23 -5.31 2.83 0.24
CA LEU A 23 -4.20 2.22 -0.50
C LEU A 23 -3.15 3.29 -0.86
N ILE A 24 -1.87 2.92 -0.83
CA ILE A 24 -0.72 3.81 -1.02
C ILE A 24 0.26 3.25 -2.06
N ILE A 25 0.70 4.08 -3.01
CA ILE A 25 1.58 3.69 -4.11
C ILE A 25 3.00 4.25 -3.89
N LEU A 26 3.95 3.32 -3.83
CA LEU A 26 5.39 3.56 -3.73
C LEU A 26 5.96 3.81 -5.14
N ASN A 27 6.43 5.03 -5.42
CA ASN A 27 7.12 5.36 -6.68
C ASN A 27 8.66 5.29 -6.52
N PRO A 28 9.44 4.86 -7.53
CA PRO A 28 10.86 4.57 -7.40
C PRO A 28 11.75 5.79 -7.06
N ASP A 29 11.25 7.01 -7.32
CA ASP A 29 11.91 8.27 -6.95
C ASP A 29 11.68 8.69 -5.48
N GLY A 30 11.01 7.86 -4.66
CA GLY A 30 10.67 8.17 -3.27
C GLY A 30 9.34 8.91 -3.07
N LYS A 31 8.69 9.35 -4.16
CA LYS A 31 7.37 10.01 -4.17
C LYS A 31 6.26 9.05 -3.71
N ILE A 32 5.15 9.58 -3.20
CA ILE A 32 4.03 8.76 -2.71
C ILE A 32 2.68 9.28 -3.23
N GLU A 33 1.73 8.37 -3.47
CA GLU A 33 0.36 8.69 -3.89
C GLU A 33 -0.65 7.92 -3.04
N LEU A 34 -1.77 8.55 -2.66
CA LEU A 34 -2.84 7.94 -1.88
C LEU A 34 -4.10 7.72 -2.73
N TYR A 35 -4.73 6.56 -2.55
CA TYR A 35 -5.98 6.15 -3.16
C TYR A 35 -7.05 5.83 -2.13
N GLU A 36 -8.29 6.18 -2.46
CA GLU A 36 -9.48 5.82 -1.66
C GLU A 36 -10.12 4.53 -2.18
N VAL A 37 -10.50 3.64 -1.25
CA VAL A 37 -10.98 2.28 -1.57
C VAL A 37 -11.99 1.80 -0.52
N THR A 38 -13.02 1.07 -0.94
CA THR A 38 -14.06 0.53 -0.05
C THR A 38 -14.15 -1.01 -0.18
N SER A 39 -13.74 -1.58 -1.32
CA SER A 39 -13.88 -3.00 -1.66
C SER A 39 -12.72 -3.51 -2.52
N GLU A 40 -12.60 -4.82 -2.66
CA GLU A 40 -11.67 -5.47 -3.62
C GLU A 40 -11.91 -5.03 -5.08
N GLU A 41 -13.14 -4.65 -5.45
CA GLU A 41 -13.46 -4.12 -6.78
C GLU A 41 -12.81 -2.74 -7.02
N ASP A 42 -12.67 -1.92 -5.98
CA ASP A 42 -11.95 -0.66 -6.03
C ASP A 42 -10.43 -0.88 -6.18
N ILE A 43 -9.89 -1.94 -5.55
CA ILE A 43 -8.47 -2.33 -5.68
C ILE A 43 -8.17 -2.82 -7.10
N LYS A 44 -9.10 -3.56 -7.72
CA LYS A 44 -8.99 -4.06 -9.11
C LYS A 44 -8.77 -2.94 -10.14
N ARG A 45 -9.40 -1.79 -9.95
CA ARG A 45 -9.19 -0.58 -10.77
C ARG A 45 -7.78 0.00 -10.57
N ILE A 46 -7.36 0.12 -9.31
CA ILE A 46 -6.04 0.66 -8.93
C ILE A 46 -4.89 -0.22 -9.45
N ALA A 47 -5.09 -1.54 -9.56
CA ALA A 47 -4.08 -2.45 -10.13
C ALA A 47 -3.57 -1.98 -11.51
N LYS A 48 -4.50 -1.65 -12.41
CA LYS A 48 -4.18 -1.14 -13.76
C LYS A 48 -3.77 0.34 -13.76
N LYS A 49 -4.30 1.15 -12.83
CA LYS A 49 -4.02 2.60 -12.72
C LYS A 49 -2.63 2.92 -12.15
N ALA A 50 -2.22 2.20 -11.11
CA ALA A 50 -0.93 2.34 -10.43
C ALA A 50 0.15 1.42 -11.02
N GLY A 51 -0.24 0.38 -11.78
CA GLY A 51 0.67 -0.58 -12.41
C GLY A 51 1.15 -1.71 -11.48
N ILE A 52 0.28 -2.17 -10.58
CA ILE A 52 0.56 -3.23 -9.60
C ILE A 52 0.46 -4.60 -10.29
N SER A 53 1.49 -5.45 -10.13
CA SER A 53 1.49 -6.81 -10.66
C SER A 53 0.45 -7.68 -9.96
N GLU A 54 -0.19 -8.60 -10.69
CA GLU A 54 -1.26 -9.46 -10.17
C GLU A 54 -0.81 -10.34 -8.98
N GLU A 55 0.48 -10.69 -8.95
CA GLU A 55 1.12 -11.48 -7.88
C GLU A 55 1.21 -10.71 -6.54
N LEU A 56 1.45 -9.40 -6.61
CA LEU A 56 1.36 -8.50 -5.46
C LEU A 56 -0.11 -8.17 -5.15
N LEU A 57 -0.93 -7.90 -6.17
CA LEU A 57 -2.34 -7.51 -6.05
C LEU A 57 -3.18 -8.48 -5.19
N ARG A 58 -2.93 -9.78 -5.32
CA ARG A 58 -3.50 -10.85 -4.48
C ARG A 58 -3.35 -10.54 -2.99
N ARG A 59 -2.19 -10.03 -2.58
CA ARG A 59 -1.89 -9.69 -1.18
C ARG A 59 -2.61 -8.43 -0.73
N ILE A 60 -2.82 -7.45 -1.62
CA ILE A 60 -3.65 -6.27 -1.32
C ILE A 60 -5.10 -6.69 -1.04
N LEU A 61 -5.67 -7.57 -1.89
CA LEU A 61 -7.02 -8.10 -1.67
C LEU A 61 -7.12 -8.93 -0.37
N GLN A 62 -6.10 -9.74 -0.06
CA GLN A 62 -6.03 -10.50 1.20
C GLN A 62 -5.90 -9.60 2.44
N SER A 63 -5.25 -8.44 2.32
CA SER A 63 -5.12 -7.45 3.40
C SER A 63 -6.47 -6.85 3.80
N PHE A 64 -7.37 -6.66 2.83
CA PHE A 64 -8.75 -6.24 3.09
C PHE A 64 -9.55 -7.32 3.83
N ARG A 65 -9.28 -8.60 3.49
CA ARG A 65 -9.90 -9.78 4.12
C ARG A 65 -9.46 -9.97 5.58
N ASP A 66 -8.21 -9.60 5.91
CA ASP A 66 -7.72 -9.51 7.29
C ASP A 66 -8.32 -8.31 8.04
N GLY A 67 -8.31 -7.13 7.41
CA GLY A 67 -9.05 -5.93 7.84
C GLY A 67 -8.56 -5.24 9.12
N GLN A 68 -7.39 -5.59 9.66
CA GLN A 68 -6.90 -5.09 10.96
C GLN A 68 -6.19 -3.72 10.89
N TYR A 69 -5.77 -3.28 9.70
CA TYR A 69 -4.96 -2.06 9.50
C TYR A 69 -5.75 -0.87 8.92
N ASP A 70 -5.25 0.34 9.20
CA ASP A 70 -5.88 1.61 8.84
C ASP A 70 -5.57 2.04 7.38
N LEU A 71 -4.38 1.68 6.87
CA LEU A 71 -3.94 1.94 5.50
C LEU A 71 -2.97 0.84 4.99
N PHE A 72 -2.82 0.75 3.68
CA PHE A 72 -2.08 -0.34 3.02
C PHE A 72 -0.97 0.21 2.09
N PHE A 73 0.27 -0.27 2.27
CA PHE A 73 1.47 0.17 1.53
C PHE A 73 1.98 -0.92 0.59
N ILE A 74 2.17 -0.58 -0.69
CA ILE A 74 2.58 -1.50 -1.77
C ILE A 74 4.11 -1.42 -1.98
N ALA A 75 4.86 -2.22 -1.24
CA ALA A 75 6.32 -2.27 -1.34
C ALA A 75 6.73 -3.18 -2.51
N LYS A 76 6.72 -2.67 -3.74
CA LYS A 76 7.00 -3.45 -4.96
C LYS A 76 8.48 -3.90 -5.00
N THR A 77 9.35 -3.15 -4.33
CA THR A 77 10.74 -3.48 -4.04
C THR A 77 11.03 -3.32 -2.53
N GLU A 78 12.12 -3.93 -2.06
CA GLU A 78 12.65 -3.70 -0.70
C GLU A 78 13.31 -2.31 -0.55
N ASP A 79 13.77 -1.72 -1.66
CA ASP A 79 14.28 -0.34 -1.70
C ASP A 79 13.15 0.70 -1.48
N ASP A 80 11.95 0.44 -2.00
CA ASP A 80 10.74 1.21 -1.68
C ASP A 80 10.27 1.00 -0.24
N GLU A 81 10.42 -0.22 0.29
CA GLU A 81 10.00 -0.58 1.65
C GLU A 81 10.73 0.23 2.74
N ARG A 82 11.98 0.65 2.50
CA ARG A 82 12.73 1.53 3.40
C ARG A 82 11.97 2.83 3.67
N ARG A 83 11.36 3.42 2.63
CA ARG A 83 10.51 4.61 2.74
C ARG A 83 9.15 4.31 3.38
N ALA A 84 8.54 3.14 3.12
CA ALA A 84 7.32 2.69 3.80
C ALA A 84 7.52 2.59 5.33
N ARG A 85 8.64 2.00 5.77
CA ARG A 85 9.02 1.82 7.18
C ARG A 85 9.35 3.14 7.88
N GLU A 86 10.00 4.09 7.22
CA GLU A 86 10.26 5.42 7.80
C GLU A 86 9.02 6.32 7.80
N LEU A 87 8.13 6.20 6.81
CA LEU A 87 6.84 6.91 6.77
C LEU A 87 5.95 6.49 7.94
N LYS A 88 5.85 5.19 8.24
CA LYS A 88 5.09 4.66 9.39
C LYS A 88 5.51 5.34 10.71
N GLU A 89 6.80 5.61 10.90
CA GLU A 89 7.34 6.17 12.14
C GLU A 89 6.90 7.62 12.40
N ARG A 90 6.89 8.47 11.35
CA ARG A 90 6.34 9.84 11.41
C ARG A 90 4.81 9.89 11.44
N MET A 91 4.17 8.86 10.89
CA MET A 91 2.71 8.75 10.82
C MET A 91 2.05 8.27 12.12
N GLY A 92 2.69 7.36 12.87
CA GLY A 92 2.22 6.86 14.17
C GLY A 92 1.00 5.91 14.14
N LYS A 93 0.31 5.78 13.00
CA LYS A 93 -0.78 4.81 12.75
C LYS A 93 -0.23 3.44 12.34
N PRO A 94 -0.98 2.34 12.55
CA PRO A 94 -0.62 1.02 12.02
C PRO A 94 -0.69 1.01 10.49
N VAL A 95 0.31 0.40 9.85
CA VAL A 95 0.42 0.24 8.39
C VAL A 95 0.80 -1.21 8.07
N GLU A 96 0.12 -1.83 7.11
CA GLU A 96 0.51 -3.14 6.60
C GLU A 96 1.31 -3.01 5.29
N ILE A 97 2.44 -3.70 5.25
CA ILE A 97 3.48 -3.61 4.22
C ILE A 97 3.40 -4.84 3.30
N LEU A 98 3.29 -4.62 1.99
CA LEU A 98 3.01 -5.68 1.01
C LEU A 98 4.12 -5.81 -0.02
N ARG A 99 4.94 -6.86 0.13
CA ARG A 99 6.02 -7.22 -0.80
C ARG A 99 5.49 -8.11 -1.93
N GLY A 100 5.91 -7.82 -3.17
CA GLY A 100 5.64 -8.69 -4.32
C GLY A 100 6.39 -10.03 -4.25
N SER A 101 5.79 -11.08 -4.81
CA SER A 101 6.38 -12.42 -4.95
C SER A 101 6.58 -12.78 -6.43
N LEU A 102 7.57 -13.63 -6.71
CA LEU A 102 7.96 -14.06 -8.06
C LEU A 102 8.57 -15.47 -8.03
N GLU A 103 8.29 -16.27 -9.07
CA GLU A 103 8.94 -17.56 -9.34
C GLU A 103 9.66 -17.50 -10.70
N HIS A 104 10.96 -17.83 -10.71
CA HIS A 104 11.82 -17.82 -11.89
C HIS A 104 12.18 -19.25 -12.36
N HIS A 105 12.41 -19.42 -13.67
CA HIS A 105 12.79 -20.71 -14.25
C HIS A 105 14.22 -21.12 -13.83
N HIS A 106 14.43 -22.41 -13.57
CA HIS A 106 15.75 -22.96 -13.24
C HIS A 106 16.73 -22.84 -14.43
N HIS A 107 18.03 -22.73 -14.12
CA HIS A 107 19.10 -22.66 -15.11
C HIS A 107 20.03 -23.88 -14.91
N HIS A 108 20.06 -24.78 -15.91
CA HIS A 108 20.68 -26.11 -15.85
C HIS A 108 20.16 -26.98 -14.69
N HIS A 109 20.80 -28.13 -14.44
CA HIS A 109 20.48 -29.09 -13.37
C HIS A 109 21.73 -29.79 -12.81
N GLY A 1 7.00 18.23 1.57
CA GLY A 1 6.99 17.24 0.47
C GLY A 1 5.59 16.70 0.23
N GLU A 2 5.32 16.14 -0.95
CA GLU A 2 4.01 15.62 -1.34
C GLU A 2 3.55 14.43 -0.48
N ASP A 3 4.48 13.69 0.12
CA ASP A 3 4.21 12.62 1.08
C ASP A 3 3.84 13.09 2.51
N ASP A 4 4.03 14.37 2.85
CA ASP A 4 3.59 14.94 4.13
C ASP A 4 2.15 15.46 4.12
N GLU A 5 1.71 16.08 3.01
CA GLU A 5 0.34 16.64 2.93
C GLU A 5 -0.73 15.55 2.88
N ILE A 6 -0.47 14.48 2.12
CA ILE A 6 -1.37 13.32 1.98
C ILE A 6 -1.51 12.56 3.30
N LEU A 7 -0.47 12.60 4.15
CA LEU A 7 -0.40 11.85 5.40
C LEU A 7 -1.51 12.24 6.39
N GLN A 8 -1.78 13.55 6.52
CA GLN A 8 -2.89 14.04 7.34
C GLN A 8 -4.26 13.80 6.69
N ARG A 9 -4.36 13.94 5.36
CA ARG A 9 -5.59 13.67 4.60
C ARG A 9 -6.02 12.20 4.68
N ALA A 10 -5.07 11.28 4.71
CA ALA A 10 -5.32 9.85 4.94
C ALA A 10 -6.01 9.61 6.29
N LYS A 11 -5.52 10.22 7.39
CA LYS A 11 -6.17 10.15 8.71
C LYS A 11 -7.54 10.83 8.71
N ASP A 12 -7.71 11.94 8.00
CA ASP A 12 -8.98 12.67 7.91
C ASP A 12 -10.09 11.88 7.21
N ILE A 13 -9.76 11.04 6.21
CA ILE A 13 -10.71 10.10 5.59
C ILE A 13 -11.22 9.10 6.64
N LEU A 14 -10.33 8.49 7.43
CA LEU A 14 -10.70 7.55 8.50
C LEU A 14 -11.44 8.23 9.67
N LYS A 15 -11.17 9.52 9.93
CA LYS A 15 -11.87 10.31 10.97
C LYS A 15 -13.36 10.49 10.66
N GLU A 16 -13.71 10.69 9.39
CA GLU A 16 -15.11 10.76 8.93
C GLU A 16 -15.71 9.39 8.59
N ASP A 17 -14.91 8.44 8.06
CA ASP A 17 -15.36 7.12 7.64
C ASP A 17 -14.40 6.02 8.15
N PRO A 18 -14.51 5.63 9.44
CA PRO A 18 -13.63 4.64 10.07
C PRO A 18 -13.86 3.21 9.54
N ASN A 19 -14.99 2.99 8.85
CA ASN A 19 -15.34 1.73 8.20
C ASN A 19 -14.62 1.52 6.85
N ARG A 20 -14.07 2.59 6.27
CA ARG A 20 -13.36 2.58 4.97
C ARG A 20 -11.86 2.30 5.13
N LYS A 21 -11.16 2.15 4.00
CA LYS A 21 -9.75 1.75 3.92
C LYS A 21 -8.96 2.65 2.95
N ILE A 22 -7.65 2.57 3.02
CA ILE A 22 -6.72 3.33 2.17
C ILE A 22 -5.69 2.39 1.51
N LEU A 23 -5.32 2.71 0.28
CA LEU A 23 -4.24 2.08 -0.47
C LEU A 23 -3.19 3.14 -0.86
N ILE A 24 -1.92 2.77 -0.85
CA ILE A 24 -0.79 3.69 -1.08
C ILE A 24 0.18 3.09 -2.11
N ILE A 25 0.60 3.90 -3.08
CA ILE A 25 1.55 3.51 -4.14
C ILE A 25 2.92 4.14 -3.85
N LEU A 26 3.94 3.29 -3.77
CA LEU A 26 5.32 3.64 -3.41
C LEU A 26 6.15 3.80 -4.69
N ASN A 27 6.57 5.04 -4.98
CA ASN A 27 7.31 5.38 -6.21
C ASN A 27 8.83 5.46 -5.96
N PRO A 28 9.68 5.03 -6.93
CA PRO A 28 11.14 4.92 -6.76
C PRO A 28 11.85 6.28 -6.64
N ASP A 29 11.22 7.37 -7.07
CA ASP A 29 11.72 8.75 -6.90
C ASP A 29 11.55 9.29 -5.47
N GLY A 30 11.01 8.49 -4.54
CA GLY A 30 10.71 8.88 -3.16
C GLY A 30 9.37 9.58 -2.97
N LYS A 31 8.58 9.71 -4.04
CA LYS A 31 7.20 10.21 -4.03
C LYS A 31 6.20 9.13 -3.58
N ILE A 32 4.98 9.54 -3.29
CA ILE A 32 3.87 8.66 -2.88
C ILE A 32 2.57 9.06 -3.60
N GLU A 33 1.64 8.12 -3.77
CA GLU A 33 0.27 8.39 -4.24
C GLU A 33 -0.76 7.73 -3.33
N LEU A 34 -1.83 8.46 -3.01
CA LEU A 34 -2.89 8.07 -2.07
C LEU A 34 -4.18 7.68 -2.81
N TYR A 35 -4.75 6.53 -2.45
CA TYR A 35 -6.04 6.03 -2.94
C TYR A 35 -7.01 5.76 -1.80
N GLU A 36 -8.27 6.10 -2.04
CA GLU A 36 -9.40 5.90 -1.11
C GLU A 36 -10.30 4.76 -1.61
N VAL A 37 -10.60 3.79 -0.73
CA VAL A 37 -11.20 2.50 -1.11
C VAL A 37 -12.07 1.90 0.00
N THR A 38 -12.93 0.97 -0.38
CA THR A 38 -13.86 0.28 0.54
C THR A 38 -13.82 -1.25 0.41
N SER A 39 -13.53 -1.76 -0.79
CA SER A 39 -13.68 -3.17 -1.18
C SER A 39 -12.76 -3.53 -2.36
N GLU A 40 -12.63 -4.83 -2.66
CA GLU A 40 -11.82 -5.34 -3.78
C GLU A 40 -12.17 -4.74 -5.15
N GLU A 41 -13.43 -4.35 -5.38
CA GLU A 41 -13.88 -3.80 -6.67
C GLU A 41 -13.14 -2.51 -7.06
N ASP A 42 -12.77 -1.68 -6.07
CA ASP A 42 -11.94 -0.50 -6.30
C ASP A 42 -10.46 -0.89 -6.53
N ILE A 43 -9.95 -1.86 -5.76
CA ILE A 43 -8.59 -2.41 -5.90
C ILE A 43 -8.34 -3.01 -7.29
N LYS A 44 -9.34 -3.69 -7.88
CA LYS A 44 -9.30 -4.22 -9.26
C LYS A 44 -9.00 -3.13 -10.30
N ARG A 45 -9.54 -1.91 -10.11
CA ARG A 45 -9.23 -0.72 -10.92
C ARG A 45 -7.84 -0.16 -10.62
N ILE A 46 -7.50 0.00 -9.33
CA ILE A 46 -6.20 0.54 -8.90
C ILE A 46 -5.02 -0.30 -9.41
N ALA A 47 -5.18 -1.63 -9.57
CA ALA A 47 -4.14 -2.48 -10.15
C ALA A 47 -3.66 -1.99 -11.52
N LYS A 48 -4.60 -1.63 -12.41
CA LYS A 48 -4.32 -1.09 -13.75
C LYS A 48 -4.02 0.41 -13.75
N LYS A 49 -4.59 1.17 -12.79
CA LYS A 49 -4.36 2.62 -12.62
C LYS A 49 -2.94 2.96 -12.12
N ALA A 50 -2.46 2.19 -11.15
CA ALA A 50 -1.15 2.34 -10.50
C ALA A 50 -0.05 1.46 -11.11
N GLY A 51 -0.42 0.40 -11.85
CA GLY A 51 0.51 -0.54 -12.48
C GLY A 51 1.07 -1.60 -11.53
N ILE A 52 0.26 -2.07 -10.58
CA ILE A 52 0.64 -3.07 -9.57
C ILE A 52 0.75 -4.46 -10.24
N SER A 53 1.79 -5.23 -9.90
CA SER A 53 1.98 -6.59 -10.41
C SER A 53 0.88 -7.53 -9.88
N GLU A 54 0.40 -8.47 -10.69
CA GLU A 54 -0.72 -9.35 -10.31
C GLU A 54 -0.38 -10.26 -9.11
N GLU A 55 0.90 -10.57 -8.91
CA GLU A 55 1.40 -11.34 -7.77
C GLU A 55 1.36 -10.56 -6.43
N LEU A 56 1.67 -9.27 -6.50
CA LEU A 56 1.50 -8.31 -5.40
C LEU A 56 -0.01 -8.06 -5.18
N LEU A 57 -0.78 -7.91 -6.26
CA LEU A 57 -2.21 -7.60 -6.22
C LEU A 57 -3.02 -8.61 -5.40
N ARG A 58 -2.68 -9.91 -5.52
CA ARG A 58 -3.24 -11.00 -4.68
C ARG A 58 -3.14 -10.67 -3.19
N ARG A 59 -2.01 -10.11 -2.75
CA ARG A 59 -1.79 -9.74 -1.33
C ARG A 59 -2.61 -8.52 -0.91
N ILE A 60 -2.83 -7.54 -1.80
CA ILE A 60 -3.75 -6.42 -1.51
C ILE A 60 -5.18 -6.94 -1.30
N LEU A 61 -5.65 -7.80 -2.22
CA LEU A 61 -6.99 -8.38 -2.18
C LEU A 61 -7.19 -9.26 -0.93
N GLN A 62 -6.19 -10.05 -0.56
CA GLN A 62 -6.15 -10.86 0.66
C GLN A 62 -6.11 -10.01 1.94
N SER A 63 -5.41 -8.87 1.92
CA SER A 63 -5.30 -7.96 3.08
C SER A 63 -6.62 -7.28 3.42
N PHE A 64 -7.46 -6.99 2.42
CA PHE A 64 -8.81 -6.46 2.64
C PHE A 64 -9.77 -7.48 3.27
N ARG A 65 -9.57 -8.77 3.00
CA ARG A 65 -10.34 -9.88 3.61
C ARG A 65 -10.05 -10.00 5.11
N ASP A 66 -8.82 -9.70 5.53
CA ASP A 66 -8.48 -9.53 6.95
C ASP A 66 -9.05 -8.22 7.50
N GLY A 67 -8.82 -7.11 6.78
CA GLY A 67 -9.46 -5.80 6.96
C GLY A 67 -9.12 -5.01 8.23
N GLN A 68 -8.12 -5.42 9.01
CA GLN A 68 -7.85 -4.88 10.34
C GLN A 68 -7.08 -3.54 10.36
N TYR A 69 -6.40 -3.17 9.27
CA TYR A 69 -5.59 -1.95 9.16
C TYR A 69 -6.36 -0.76 8.55
N ASP A 70 -5.93 0.46 8.87
CA ASP A 70 -6.51 1.70 8.33
C ASP A 70 -6.01 2.00 6.90
N LEU A 71 -4.75 1.65 6.61
CA LEU A 71 -4.09 1.87 5.32
C LEU A 71 -3.14 0.72 4.94
N PHE A 72 -2.84 0.61 3.64
CA PHE A 72 -2.02 -0.45 3.04
C PHE A 72 -0.93 0.13 2.13
N PHE A 73 0.32 -0.30 2.31
CA PHE A 73 1.51 0.13 1.55
C PHE A 73 2.02 -1.00 0.63
N ILE A 74 2.19 -0.70 -0.66
CA ILE A 74 2.59 -1.64 -1.73
C ILE A 74 4.12 -1.57 -1.94
N ALA A 75 4.88 -2.38 -1.19
CA ALA A 75 6.34 -2.44 -1.27
C ALA A 75 6.80 -3.53 -2.26
N LYS A 76 6.91 -3.15 -3.54
CA LYS A 76 7.33 -4.06 -4.63
C LYS A 76 8.80 -4.48 -4.47
N THR A 77 9.65 -3.55 -4.03
CA THR A 77 11.08 -3.77 -3.73
C THR A 77 11.41 -3.51 -2.26
N GLU A 78 12.60 -3.93 -1.81
CA GLU A 78 13.13 -3.55 -0.49
C GLU A 78 13.49 -2.05 -0.41
N ASP A 79 13.77 -1.40 -1.54
CA ASP A 79 13.95 0.06 -1.64
C ASP A 79 12.62 0.80 -1.41
N ASP A 80 11.48 0.22 -1.83
CA ASP A 80 10.16 0.73 -1.47
C ASP A 80 9.84 0.49 0.01
N GLU A 81 10.18 -0.69 0.54
CA GLU A 81 9.93 -1.01 1.95
C GLU A 81 10.68 -0.06 2.91
N ARG A 82 11.85 0.45 2.50
CA ARG A 82 12.58 1.50 3.23
C ARG A 82 11.75 2.78 3.34
N ARG A 83 11.09 3.19 2.24
CA ARG A 83 10.24 4.39 2.21
C ARG A 83 8.92 4.19 2.96
N ALA A 84 8.36 2.98 2.95
CA ALA A 84 7.19 2.60 3.77
C ALA A 84 7.52 2.71 5.29
N ARG A 85 8.70 2.21 5.69
CA ARG A 85 9.18 2.17 7.07
C ARG A 85 9.44 3.57 7.65
N GLU A 86 10.12 4.46 6.93
CA GLU A 86 10.34 5.85 7.41
C GLU A 86 9.03 6.65 7.49
N LEU A 87 8.10 6.40 6.57
CA LEU A 87 6.81 7.08 6.53
C LEU A 87 5.98 6.67 7.75
N LYS A 88 5.91 5.38 8.10
CA LYS A 88 5.24 4.92 9.33
C LYS A 88 5.78 5.62 10.60
N GLU A 89 7.08 5.88 10.67
CA GLU A 89 7.73 6.53 11.82
C GLU A 89 7.22 7.97 12.04
N ARG A 90 7.05 8.77 10.97
CA ARG A 90 6.42 10.11 11.06
C ARG A 90 4.90 10.05 11.19
N MET A 91 4.27 8.98 10.70
CA MET A 91 2.81 8.81 10.69
C MET A 91 2.22 8.42 12.05
N GLY A 92 2.91 7.58 12.83
CA GLY A 92 2.48 7.17 14.18
C GLY A 92 1.19 6.34 14.24
N LYS A 93 0.77 5.73 13.13
CA LYS A 93 -0.44 4.89 13.00
C LYS A 93 -0.13 3.51 12.38
N PRO A 94 -0.97 2.49 12.64
CA PRO A 94 -0.76 1.14 12.11
C PRO A 94 -1.00 1.09 10.58
N VAL A 95 -0.04 0.49 9.88
CA VAL A 95 -0.03 0.27 8.43
C VAL A 95 0.52 -1.12 8.14
N GLU A 96 -0.05 -1.83 7.17
CA GLU A 96 0.44 -3.14 6.72
C GLU A 96 1.29 -3.01 5.45
N ILE A 97 2.40 -3.77 5.43
CA ILE A 97 3.47 -3.72 4.43
C ILE A 97 3.38 -4.96 3.52
N LEU A 98 3.05 -4.76 2.24
CA LEU A 98 2.88 -5.84 1.27
C LEU A 98 4.13 -5.99 0.41
N ARG A 99 4.67 -7.22 0.37
CA ARG A 99 5.92 -7.58 -0.31
C ARG A 99 5.69 -8.59 -1.45
N GLY A 100 6.43 -8.42 -2.55
CA GLY A 100 6.39 -9.33 -3.69
C GLY A 100 7.07 -10.68 -3.42
N SER A 101 6.66 -11.73 -4.12
CA SER A 101 7.19 -13.10 -4.03
C SER A 101 8.07 -13.46 -5.24
N LEU A 102 9.11 -14.27 -5.00
CA LEU A 102 10.02 -14.79 -6.03
C LEU A 102 9.49 -16.10 -6.64
N GLU A 103 9.49 -16.19 -7.97
CA GLU A 103 9.14 -17.42 -8.71
C GLU A 103 10.40 -18.28 -8.92
N HIS A 104 10.37 -19.54 -8.46
CA HIS A 104 11.52 -20.45 -8.53
C HIS A 104 11.58 -21.14 -9.91
N HIS A 105 12.66 -20.91 -10.66
CA HIS A 105 12.90 -21.56 -11.95
C HIS A 105 13.14 -23.07 -11.76
N HIS A 106 12.57 -23.90 -12.64
CA HIS A 106 12.62 -25.37 -12.55
C HIS A 106 12.38 -26.04 -13.92
N HIS A 107 12.85 -27.28 -14.07
CA HIS A 107 12.59 -28.15 -15.23
C HIS A 107 12.62 -29.64 -14.88
N HIS A 108 13.53 -30.06 -13.98
CA HIS A 108 13.73 -31.44 -13.51
C HIS A 108 14.05 -32.47 -14.61
N HIS A 109 14.16 -33.75 -14.24
CA HIS A 109 14.57 -34.87 -15.11
C HIS A 109 13.58 -36.06 -15.01
N GLY A 1 8.05 15.46 2.50
CA GLY A 1 7.67 16.31 1.34
C GLY A 1 6.21 16.12 0.98
N GLU A 2 5.91 15.75 -0.27
CA GLU A 2 4.53 15.51 -0.76
C GLU A 2 3.82 14.34 -0.04
N ASP A 3 4.58 13.46 0.61
CA ASP A 3 4.07 12.41 1.50
C ASP A 3 3.54 12.90 2.85
N ASP A 4 3.91 14.09 3.33
CA ASP A 4 3.41 14.64 4.61
C ASP A 4 2.00 15.25 4.52
N GLU A 5 1.66 15.88 3.39
CA GLU A 5 0.34 16.49 3.19
C GLU A 5 -0.75 15.44 2.97
N ILE A 6 -0.45 14.44 2.14
CA ILE A 6 -1.37 13.33 1.83
C ILE A 6 -1.57 12.45 3.07
N LEU A 7 -0.55 12.34 3.93
CA LEU A 7 -0.65 11.61 5.19
C LEU A 7 -1.76 12.20 6.07
N GLN A 8 -1.81 13.54 6.15
CA GLN A 8 -2.82 14.26 6.91
C GLN A 8 -4.21 14.09 6.29
N ARG A 9 -4.33 14.16 4.96
CA ARG A 9 -5.58 13.90 4.22
C ARG A 9 -6.07 12.47 4.40
N ALA A 10 -5.18 11.48 4.42
CA ALA A 10 -5.50 10.07 4.66
C ALA A 10 -6.10 9.86 6.06
N LYS A 11 -5.46 10.41 7.11
CA LYS A 11 -5.96 10.35 8.49
C LYS A 11 -7.27 11.13 8.68
N ASP A 12 -7.48 12.23 7.95
CA ASP A 12 -8.76 12.96 7.93
C ASP A 12 -9.89 12.15 7.27
N ILE A 13 -9.62 11.48 6.14
CA ILE A 13 -10.57 10.58 5.48
C ILE A 13 -10.97 9.42 6.41
N LEU A 14 -9.99 8.80 7.09
CA LEU A 14 -10.25 7.71 8.04
C LEU A 14 -10.99 8.16 9.30
N LYS A 15 -10.74 9.39 9.78
CA LYS A 15 -11.47 10.01 10.90
C LYS A 15 -12.95 10.23 10.56
N GLU A 16 -13.23 10.78 9.39
CA GLU A 16 -14.60 11.08 8.95
C GLU A 16 -15.35 9.86 8.39
N ASP A 17 -14.64 8.86 7.84
CA ASP A 17 -15.21 7.62 7.31
C ASP A 17 -14.45 6.39 7.85
N PRO A 18 -14.70 5.97 9.11
CA PRO A 18 -13.98 4.88 9.78
C PRO A 18 -14.31 3.48 9.22
N ASN A 19 -15.39 3.38 8.42
CA ASN A 19 -15.83 2.15 7.75
C ASN A 19 -15.07 1.87 6.44
N ARG A 20 -14.19 2.79 6.01
CA ARG A 20 -13.42 2.74 4.76
C ARG A 20 -11.95 2.37 5.01
N LYS A 21 -11.21 2.11 3.92
CA LYS A 21 -9.78 1.76 3.89
C LYS A 21 -9.01 2.75 2.99
N ILE A 22 -7.68 2.67 3.04
CA ILE A 22 -6.77 3.46 2.19
C ILE A 22 -5.70 2.56 1.57
N LEU A 23 -5.34 2.85 0.31
CA LEU A 23 -4.22 2.25 -0.41
C LEU A 23 -3.20 3.32 -0.81
N ILE A 24 -1.92 2.98 -0.78
CA ILE A 24 -0.80 3.90 -1.01
C ILE A 24 0.16 3.29 -2.04
N ILE A 25 0.53 4.07 -3.05
CA ILE A 25 1.46 3.67 -4.11
C ILE A 25 2.81 4.36 -3.88
N LEU A 26 3.86 3.55 -3.82
CA LEU A 26 5.24 3.99 -3.63
C LEU A 26 5.92 4.15 -5.01
N ASN A 27 6.44 5.35 -5.30
CA ASN A 27 7.18 5.65 -6.53
C ASN A 27 8.68 5.40 -6.35
N PRO A 28 9.42 4.93 -7.39
CA PRO A 28 10.84 4.63 -7.29
C PRO A 28 11.73 5.87 -7.06
N ASP A 29 11.21 7.07 -7.36
CA ASP A 29 11.86 8.36 -7.06
C ASP A 29 11.74 8.77 -5.56
N GLY A 30 11.08 7.96 -4.73
CA GLY A 30 10.82 8.21 -3.31
C GLY A 30 9.50 8.93 -3.03
N LYS A 31 8.75 9.33 -4.06
CA LYS A 31 7.42 9.96 -3.94
C LYS A 31 6.31 8.96 -3.59
N ILE A 32 5.12 9.48 -3.29
CA ILE A 32 3.94 8.69 -2.89
C ILE A 32 2.66 9.15 -3.59
N GLU A 33 1.68 8.25 -3.76
CA GLU A 33 0.33 8.56 -4.24
C GLU A 33 -0.73 7.89 -3.35
N LEU A 34 -1.84 8.60 -3.07
CA LEU A 34 -2.92 8.18 -2.17
C LEU A 34 -4.18 7.76 -2.96
N TYR A 35 -4.78 6.65 -2.58
CA TYR A 35 -6.06 6.15 -3.08
C TYR A 35 -7.05 5.81 -1.97
N GLU A 36 -8.32 6.12 -2.21
CA GLU A 36 -9.45 5.76 -1.35
C GLU A 36 -10.12 4.46 -1.83
N VAL A 37 -10.41 3.55 -0.90
CA VAL A 37 -10.86 2.17 -1.19
C VAL A 37 -11.80 1.67 -0.11
N THR A 38 -12.78 0.85 -0.48
CA THR A 38 -13.78 0.28 0.43
C THR A 38 -13.91 -1.24 0.27
N SER A 39 -13.53 -1.79 -0.88
CA SER A 39 -13.68 -3.22 -1.24
C SER A 39 -12.70 -3.65 -2.33
N GLU A 40 -12.57 -4.96 -2.56
CA GLU A 40 -11.72 -5.54 -3.62
C GLU A 40 -11.98 -4.98 -5.02
N GLU A 41 -13.22 -4.60 -5.34
CA GLU A 41 -13.60 -3.97 -6.63
C GLU A 41 -12.95 -2.59 -6.82
N ASP A 42 -12.65 -1.87 -5.74
CA ASP A 42 -11.90 -0.61 -5.75
C ASP A 42 -10.41 -0.87 -6.02
N ILE A 43 -9.84 -1.91 -5.39
CA ILE A 43 -8.44 -2.33 -5.58
C ILE A 43 -8.20 -2.85 -7.01
N LYS A 44 -9.15 -3.59 -7.61
CA LYS A 44 -9.07 -4.08 -8.99
C LYS A 44 -8.89 -2.97 -10.03
N ARG A 45 -9.50 -1.79 -9.79
CA ARG A 45 -9.33 -0.59 -10.61
C ARG A 45 -7.93 0.02 -10.42
N ILE A 46 -7.49 0.14 -9.17
CA ILE A 46 -6.18 0.70 -8.80
C ILE A 46 -5.04 -0.14 -9.40
N ALA A 47 -5.20 -1.46 -9.53
CA ALA A 47 -4.18 -2.34 -10.11
C ALA A 47 -3.70 -1.89 -11.50
N LYS A 48 -4.62 -1.51 -12.39
CA LYS A 48 -4.32 -1.01 -13.74
C LYS A 48 -3.83 0.45 -13.74
N LYS A 49 -4.30 1.28 -12.81
CA LYS A 49 -3.91 2.70 -12.65
C LYS A 49 -2.48 2.87 -12.12
N ALA A 50 -2.17 2.12 -11.08
CA ALA A 50 -0.90 2.18 -10.33
C ALA A 50 0.15 1.20 -10.89
N GLY A 51 -0.27 0.20 -11.69
CA GLY A 51 0.61 -0.79 -12.31
C GLY A 51 1.01 -1.95 -11.38
N ILE A 52 0.08 -2.39 -10.53
CA ILE A 52 0.29 -3.46 -9.53
C ILE A 52 0.18 -4.82 -10.24
N SER A 53 1.25 -5.62 -10.21
CA SER A 53 1.31 -6.98 -10.78
C SER A 53 0.34 -7.93 -10.09
N GLU A 54 -0.22 -8.91 -10.79
CA GLU A 54 -1.21 -9.86 -10.22
C GLU A 54 -0.67 -10.66 -9.02
N GLU A 55 0.62 -11.00 -9.03
CA GLU A 55 1.28 -11.75 -7.95
C GLU A 55 1.39 -10.95 -6.65
N LEU A 56 1.60 -9.64 -6.79
CA LEU A 56 1.53 -8.65 -5.70
C LEU A 56 0.08 -8.34 -5.32
N LEU A 57 -0.79 -8.12 -6.30
CA LEU A 57 -2.16 -7.64 -6.12
C LEU A 57 -2.98 -8.60 -5.24
N ARG A 58 -2.74 -9.91 -5.37
CA ARG A 58 -3.26 -10.97 -4.49
C ARG A 58 -3.06 -10.64 -3.00
N ARG A 59 -1.90 -10.08 -2.65
CA ARG A 59 -1.56 -9.73 -1.26
C ARG A 59 -2.33 -8.51 -0.78
N ILE A 60 -2.53 -7.50 -1.64
CA ILE A 60 -3.38 -6.33 -1.32
C ILE A 60 -4.83 -6.78 -1.06
N LEU A 61 -5.36 -7.65 -1.93
CA LEU A 61 -6.70 -8.23 -1.82
C LEU A 61 -6.85 -9.06 -0.53
N GLN A 62 -5.82 -9.83 -0.14
CA GLN A 62 -5.80 -10.60 1.12
C GLN A 62 -5.76 -9.69 2.36
N SER A 63 -5.01 -8.58 2.34
CA SER A 63 -4.94 -7.62 3.44
C SER A 63 -6.31 -7.03 3.80
N PHE A 64 -7.19 -6.85 2.82
CA PHE A 64 -8.58 -6.42 3.04
C PHE A 64 -9.43 -7.49 3.72
N ARG A 65 -9.17 -8.77 3.42
CA ARG A 65 -9.86 -9.94 4.01
C ARG A 65 -9.48 -10.13 5.48
N ASP A 66 -8.22 -9.88 5.83
CA ASP A 66 -7.74 -9.79 7.21
C ASP A 66 -8.33 -8.54 7.91
N GLY A 67 -8.25 -7.37 7.25
CA GLY A 67 -8.95 -6.14 7.63
C GLY A 67 -8.50 -5.40 8.89
N GLN A 68 -7.41 -5.81 9.54
CA GLN A 68 -6.99 -5.31 10.86
C GLN A 68 -6.27 -3.94 10.84
N TYR A 69 -5.96 -3.41 9.65
CA TYR A 69 -5.20 -2.17 9.43
C TYR A 69 -6.07 -1.07 8.82
N ASP A 70 -5.72 0.20 9.05
CA ASP A 70 -6.46 1.35 8.52
C ASP A 70 -6.06 1.71 7.08
N LEU A 71 -4.77 1.51 6.75
CA LEU A 71 -4.19 1.79 5.43
C LEU A 71 -3.16 0.74 4.99
N PHE A 72 -2.86 0.72 3.69
CA PHE A 72 -1.99 -0.29 3.06
C PHE A 72 -0.91 0.34 2.18
N PHE A 73 0.34 -0.14 2.29
CA PHE A 73 1.51 0.36 1.56
C PHE A 73 2.08 -0.71 0.63
N ILE A 74 2.30 -0.36 -0.64
CA ILE A 74 2.80 -1.28 -1.69
C ILE A 74 4.31 -1.14 -1.90
N ALA A 75 5.11 -1.99 -1.26
CA ALA A 75 6.56 -2.07 -1.49
C ALA A 75 6.85 -3.07 -2.63
N LYS A 76 6.89 -2.61 -3.88
CA LYS A 76 7.05 -3.49 -5.05
C LYS A 76 8.45 -4.14 -5.09
N THR A 77 9.45 -3.45 -4.54
CA THR A 77 10.81 -3.95 -4.26
C THR A 77 11.17 -3.84 -2.76
N GLU A 78 12.27 -4.47 -2.34
CA GLU A 78 12.86 -4.28 -1.01
C GLU A 78 13.32 -2.82 -0.76
N ASP A 79 13.69 -2.09 -1.81
CA ASP A 79 14.17 -0.70 -1.73
C ASP A 79 13.03 0.30 -1.48
N ASP A 80 11.82 0.01 -1.96
CA ASP A 80 10.61 0.78 -1.63
C ASP A 80 10.22 0.64 -0.15
N GLU A 81 10.52 -0.51 0.45
CA GLU A 81 10.10 -0.86 1.82
C GLU A 81 10.61 0.13 2.88
N ARG A 82 11.78 0.74 2.64
CA ARG A 82 12.38 1.76 3.52
C ARG A 82 11.48 2.99 3.65
N ARG A 83 10.97 3.53 2.53
CA ARG A 83 10.17 4.78 2.51
C ARG A 83 8.80 4.61 3.16
N ALA A 84 8.28 3.39 3.19
CA ALA A 84 7.09 2.99 3.95
C ALA A 84 7.33 3.02 5.47
N ARG A 85 8.42 2.39 5.94
CA ARG A 85 8.77 2.27 7.37
C ARG A 85 9.11 3.62 8.00
N GLU A 86 9.81 4.48 7.24
CA GLU A 86 10.10 5.88 7.62
C GLU A 86 8.82 6.72 7.76
N LEU A 87 7.83 6.48 6.91
CA LEU A 87 6.53 7.18 6.91
C LEU A 87 5.65 6.72 8.08
N LYS A 88 5.56 5.41 8.34
CA LYS A 88 4.77 4.86 9.45
C LYS A 88 5.17 5.45 10.82
N GLU A 89 6.47 5.70 11.02
CA GLU A 89 7.04 6.24 12.26
C GLU A 89 6.48 7.64 12.60
N ARG A 90 6.40 8.53 11.60
CA ARG A 90 5.79 9.87 11.73
C ARG A 90 4.26 9.85 11.71
N MET A 91 3.67 8.83 11.10
CA MET A 91 2.20 8.70 10.92
C MET A 91 1.44 8.26 12.17
N GLY A 92 2.04 7.40 13.01
CA GLY A 92 1.42 6.93 14.26
C GLY A 92 0.18 6.04 14.06
N LYS A 93 0.08 5.36 12.91
CA LYS A 93 -1.05 4.48 12.51
C LYS A 93 -0.59 3.05 12.23
N PRO A 94 -1.48 2.04 12.36
CA PRO A 94 -1.21 0.69 11.89
C PRO A 94 -1.23 0.67 10.35
N VAL A 95 -0.16 0.12 9.77
CA VAL A 95 0.02 -0.04 8.32
C VAL A 95 0.55 -1.45 8.05
N GLU A 96 -0.01 -2.13 7.05
CA GLU A 96 0.55 -3.38 6.54
C GLU A 96 1.27 -3.14 5.21
N ILE A 97 2.49 -3.67 5.11
CA ILE A 97 3.35 -3.57 3.91
C ILE A 97 3.12 -4.81 3.04
N LEU A 98 2.78 -4.62 1.77
CA LEU A 98 2.75 -5.68 0.78
C LEU A 98 4.04 -5.69 -0.04
N ARG A 99 4.67 -6.87 -0.16
CA ARG A 99 5.90 -7.09 -0.93
C ARG A 99 5.62 -7.88 -2.21
N GLY A 100 6.02 -7.33 -3.35
CA GLY A 100 6.04 -8.05 -4.63
C GLY A 100 7.16 -9.10 -4.64
N SER A 101 6.79 -10.38 -4.71
CA SER A 101 7.69 -11.53 -4.59
C SER A 101 7.52 -12.55 -5.74
N LEU A 102 8.53 -13.39 -5.95
CA LEU A 102 8.55 -14.47 -6.94
C LEU A 102 9.31 -15.69 -6.37
N GLU A 103 8.90 -16.91 -6.74
CA GLU A 103 9.51 -18.16 -6.28
C GLU A 103 10.93 -18.35 -6.86
N HIS A 104 11.86 -18.83 -6.03
CA HIS A 104 13.27 -19.01 -6.40
C HIS A 104 13.53 -20.35 -7.09
N HIS A 105 14.30 -20.33 -8.18
CA HIS A 105 14.76 -21.53 -8.90
C HIS A 105 16.01 -22.15 -8.23
N HIS A 106 16.16 -23.47 -8.28
CA HIS A 106 17.34 -24.19 -7.79
C HIS A 106 18.61 -23.83 -8.60
N HIS A 107 19.79 -23.99 -7.98
CA HIS A 107 21.10 -23.80 -8.63
C HIS A 107 22.09 -24.91 -8.25
N HIS A 108 22.96 -25.29 -9.19
CA HIS A 108 23.89 -26.41 -9.08
C HIS A 108 25.29 -26.07 -9.65
N HIS A 109 26.32 -26.79 -9.19
CA HIS A 109 27.74 -26.57 -9.51
C HIS A 109 28.45 -27.89 -9.87
N GLY A 1 6.62 18.80 -0.45
CA GLY A 1 6.68 17.32 -0.53
C GLY A 1 5.28 16.72 -0.58
N GLU A 2 4.99 15.93 -1.62
CA GLU A 2 3.65 15.32 -1.84
C GLU A 2 3.23 14.40 -0.68
N ASP A 3 4.19 13.72 -0.06
CA ASP A 3 3.97 12.80 1.07
C ASP A 3 3.64 13.48 2.42
N ASP A 4 3.79 14.80 2.53
CA ASP A 4 3.47 15.55 3.75
C ASP A 4 1.95 15.76 3.93
N GLU A 5 1.26 16.21 2.88
CA GLU A 5 -0.16 16.59 2.96
C GLU A 5 -1.11 15.39 3.00
N ILE A 6 -0.83 14.39 2.17
CA ILE A 6 -1.63 13.16 2.02
C ILE A 6 -1.69 12.36 3.33
N LEU A 7 -0.64 12.50 4.15
CA LEU A 7 -0.55 11.84 5.45
C LEU A 7 -1.72 12.30 6.35
N GLN A 8 -2.03 13.60 6.33
CA GLN A 8 -3.18 14.19 7.03
C GLN A 8 -4.52 13.84 6.36
N ARG A 9 -4.58 13.79 5.03
CA ARG A 9 -5.77 13.34 4.27
C ARG A 9 -6.20 11.92 4.69
N ALA A 10 -5.23 11.03 4.94
CA ALA A 10 -5.49 9.67 5.39
C ALA A 10 -6.26 9.64 6.73
N LYS A 11 -5.80 10.43 7.72
CA LYS A 11 -6.46 10.55 9.02
C LYS A 11 -7.88 11.14 8.87
N ASP A 12 -8.04 12.14 8.01
CA ASP A 12 -9.33 12.78 7.73
C ASP A 12 -10.35 11.81 7.08
N ILE A 13 -9.91 10.94 6.16
CA ILE A 13 -10.75 9.89 5.55
C ILE A 13 -11.28 8.94 6.63
N LEU A 14 -10.43 8.41 7.52
CA LEU A 14 -10.89 7.51 8.60
C LEU A 14 -11.74 8.22 9.66
N LYS A 15 -11.48 9.51 9.93
CA LYS A 15 -12.25 10.32 10.89
C LYS A 15 -13.69 10.56 10.45
N GLU A 16 -13.94 10.65 9.14
CA GLU A 16 -15.30 10.72 8.55
C GLU A 16 -15.89 9.34 8.18
N ASP A 17 -15.06 8.39 7.75
CA ASP A 17 -15.49 7.08 7.25
C ASP A 17 -14.60 5.96 7.86
N PRO A 18 -14.82 5.59 9.13
CA PRO A 18 -14.03 4.56 9.83
C PRO A 18 -14.27 3.14 9.28
N ASN A 19 -15.34 2.97 8.48
CA ASN A 19 -15.70 1.71 7.81
C ASN A 19 -14.93 1.50 6.49
N ARG A 20 -14.15 2.49 6.03
CA ARG A 20 -13.37 2.47 4.78
C ARG A 20 -11.88 2.25 5.04
N LYS A 21 -11.13 2.01 3.96
CA LYS A 21 -9.70 1.67 3.96
C LYS A 21 -8.94 2.61 3.01
N ILE A 22 -7.60 2.52 3.04
CA ILE A 22 -6.70 3.32 2.21
C ILE A 22 -5.65 2.42 1.55
N LEU A 23 -5.31 2.72 0.29
CA LEU A 23 -4.19 2.12 -0.42
C LEU A 23 -3.18 3.21 -0.81
N ILE A 24 -1.89 2.88 -0.75
CA ILE A 24 -0.77 3.79 -0.97
C ILE A 24 0.19 3.21 -2.00
N ILE A 25 0.54 4.01 -3.00
CA ILE A 25 1.44 3.63 -4.08
C ILE A 25 2.79 4.32 -3.89
N LEU A 26 3.84 3.51 -3.89
CA LEU A 26 5.23 3.93 -3.77
C LEU A 26 5.81 4.11 -5.18
N ASN A 27 6.20 5.33 -5.54
CA ASN A 27 6.79 5.67 -6.83
C ASN A 27 8.33 5.58 -6.75
N PRO A 28 9.03 5.17 -7.82
CA PRO A 28 10.47 4.85 -7.79
C PRO A 28 11.39 6.04 -7.46
N ASP A 29 10.90 7.27 -7.62
CA ASP A 29 11.58 8.51 -7.19
C ASP A 29 11.49 8.76 -5.66
N GLY A 30 10.79 7.90 -4.91
CA GLY A 30 10.54 8.01 -3.46
C GLY A 30 9.25 8.75 -3.09
N LYS A 31 8.59 9.39 -4.08
CA LYS A 31 7.28 10.06 -3.91
C LYS A 31 6.14 9.07 -3.69
N ILE A 32 5.00 9.58 -3.23
CA ILE A 32 3.83 8.79 -2.82
C ILE A 32 2.54 9.31 -3.47
N GLU A 33 1.57 8.43 -3.66
CA GLU A 33 0.18 8.79 -4.02
C GLU A 33 -0.82 7.89 -3.26
N LEU A 34 -1.92 8.50 -2.82
CA LEU A 34 -2.92 7.89 -1.94
C LEU A 34 -4.25 7.67 -2.67
N TYR A 35 -4.87 6.52 -2.40
CA TYR A 35 -6.17 6.13 -2.94
C TYR A 35 -7.16 5.79 -1.82
N GLU A 36 -8.39 6.28 -1.99
CA GLU A 36 -9.53 6.01 -1.10
C GLU A 36 -10.37 4.84 -1.63
N VAL A 37 -10.64 3.86 -0.77
CA VAL A 37 -11.21 2.56 -1.17
C VAL A 37 -12.02 1.91 -0.03
N THR A 38 -12.95 1.05 -0.39
CA THR A 38 -13.84 0.34 0.55
C THR A 38 -13.85 -1.17 0.31
N SER A 39 -13.51 -1.63 -0.89
CA SER A 39 -13.70 -3.03 -1.32
C SER A 39 -12.65 -3.50 -2.33
N GLU A 40 -12.50 -4.81 -2.49
CA GLU A 40 -11.60 -5.44 -3.49
C GLU A 40 -11.87 -4.96 -4.93
N GLU A 41 -13.14 -4.68 -5.27
CA GLU A 41 -13.53 -4.08 -6.56
C GLU A 41 -12.94 -2.68 -6.77
N ASP A 42 -12.69 -1.89 -5.72
CA ASP A 42 -12.04 -0.59 -5.82
C ASP A 42 -10.54 -0.76 -6.11
N ILE A 43 -9.91 -1.78 -5.51
CA ILE A 43 -8.50 -2.16 -5.72
C ILE A 43 -8.24 -2.65 -7.15
N LYS A 44 -9.20 -3.38 -7.75
CA LYS A 44 -9.12 -3.90 -9.13
C LYS A 44 -8.77 -2.81 -10.15
N ARG A 45 -9.33 -1.60 -10.00
CA ARG A 45 -9.07 -0.44 -10.88
C ARG A 45 -7.72 0.21 -10.57
N ILE A 46 -7.33 0.27 -9.30
CA ILE A 46 -6.04 0.83 -8.85
C ILE A 46 -4.86 0.03 -9.41
N ALA A 47 -4.99 -1.29 -9.60
CA ALA A 47 -3.92 -2.12 -10.19
C ALA A 47 -3.39 -1.57 -11.53
N LYS A 48 -4.30 -1.12 -12.41
CA LYS A 48 -3.96 -0.49 -13.70
C LYS A 48 -3.49 0.96 -13.56
N LYS A 49 -4.05 1.73 -12.62
CA LYS A 49 -3.64 3.13 -12.33
C LYS A 49 -2.22 3.22 -11.80
N ALA A 50 -1.90 2.30 -10.89
CA ALA A 50 -0.71 2.33 -10.07
C ALA A 50 0.44 1.46 -10.64
N GLY A 51 0.11 0.50 -11.51
CA GLY A 51 1.07 -0.47 -12.07
C GLY A 51 1.47 -1.58 -11.09
N ILE A 52 0.48 -2.16 -10.39
CA ILE A 52 0.69 -3.22 -9.39
C ILE A 52 0.75 -4.59 -10.08
N SER A 53 1.78 -5.38 -9.76
CA SER A 53 1.97 -6.75 -10.27
C SER A 53 0.86 -7.68 -9.77
N GLU A 54 0.40 -8.64 -10.58
CA GLU A 54 -0.72 -9.52 -10.21
C GLU A 54 -0.44 -10.34 -8.92
N GLU A 55 0.81 -10.74 -8.72
CA GLU A 55 1.29 -11.45 -7.52
C GLU A 55 1.24 -10.62 -6.24
N LEU A 56 1.51 -9.33 -6.36
CA LEU A 56 1.37 -8.33 -5.30
C LEU A 56 -0.13 -8.01 -5.08
N LEU A 57 -0.88 -7.84 -6.18
CA LEU A 57 -2.29 -7.41 -6.14
C LEU A 57 -3.17 -8.39 -5.34
N ARG A 58 -2.92 -9.71 -5.47
CA ARG A 58 -3.53 -10.78 -4.66
C ARG A 58 -3.38 -10.50 -3.15
N ARG A 59 -2.22 -9.99 -2.74
CA ARG A 59 -1.90 -9.69 -1.34
C ARG A 59 -2.65 -8.45 -0.86
N ILE A 60 -2.80 -7.43 -1.72
CA ILE A 60 -3.65 -6.25 -1.41
C ILE A 60 -5.11 -6.70 -1.18
N LEU A 61 -5.65 -7.52 -2.09
CA LEU A 61 -7.00 -8.09 -1.98
C LEU A 61 -7.17 -8.92 -0.67
N GLN A 62 -6.17 -9.74 -0.31
CA GLN A 62 -6.17 -10.53 0.93
C GLN A 62 -6.09 -9.65 2.20
N SER A 63 -5.34 -8.55 2.17
CA SER A 63 -5.28 -7.60 3.28
C SER A 63 -6.61 -6.93 3.58
N PHE A 64 -7.45 -6.71 2.56
CA PHE A 64 -8.80 -6.17 2.74
C PHE A 64 -9.78 -7.17 3.38
N ARG A 65 -9.62 -8.47 3.09
CA ARG A 65 -10.42 -9.56 3.68
C ARG A 65 -10.24 -9.63 5.21
N ASP A 66 -9.02 -9.40 5.70
CA ASP A 66 -8.72 -9.26 7.12
C ASP A 66 -9.10 -7.86 7.66
N GLY A 67 -8.75 -6.79 6.94
CA GLY A 67 -9.22 -5.42 7.16
C GLY A 67 -8.76 -4.72 8.46
N GLN A 68 -7.80 -5.29 9.20
CA GLN A 68 -7.43 -4.84 10.55
C GLN A 68 -6.55 -3.58 10.57
N TYR A 69 -5.85 -3.29 9.47
CA TYR A 69 -5.09 -2.06 9.25
C TYR A 69 -5.92 -1.04 8.46
N ASP A 70 -5.69 0.26 8.66
CA ASP A 70 -6.48 1.33 8.03
C ASP A 70 -5.88 1.86 6.72
N LEU A 71 -4.56 1.74 6.54
CA LEU A 71 -3.86 2.04 5.29
C LEU A 71 -2.87 0.93 4.90
N PHE A 72 -2.59 0.84 3.60
CA PHE A 72 -1.81 -0.25 3.00
C PHE A 72 -0.70 0.28 2.09
N PHE A 73 0.55 -0.15 2.32
CA PHE A 73 1.76 0.25 1.58
C PHE A 73 2.26 -0.89 0.67
N ILE A 74 2.45 -0.58 -0.61
CA ILE A 74 2.85 -1.53 -1.67
C ILE A 74 4.37 -1.44 -1.89
N ALA A 75 5.14 -2.34 -1.28
CA ALA A 75 6.59 -2.42 -1.45
C ALA A 75 6.96 -3.53 -2.45
N LYS A 76 7.04 -3.20 -3.76
CA LYS A 76 7.39 -4.18 -4.80
C LYS A 76 8.84 -4.66 -4.68
N THR A 77 9.74 -3.76 -4.26
CA THR A 77 11.13 -4.05 -3.85
C THR A 77 11.40 -3.72 -2.38
N GLU A 78 12.53 -4.19 -1.84
CA GLU A 78 12.99 -3.82 -0.49
C GLU A 78 13.45 -2.35 -0.39
N ASP A 79 13.87 -1.73 -1.51
CA ASP A 79 14.13 -0.29 -1.56
C ASP A 79 12.83 0.55 -1.50
N ASP A 80 11.71 0.00 -1.98
CA ASP A 80 10.39 0.61 -1.73
C ASP A 80 10.01 0.42 -0.25
N GLU A 81 10.33 -0.73 0.34
CA GLU A 81 10.10 -0.97 1.78
C GLU A 81 10.85 0.01 2.68
N ARG A 82 12.04 0.48 2.25
CA ARG A 82 12.82 1.54 2.90
C ARG A 82 12.07 2.87 2.97
N ARG A 83 11.24 3.18 1.98
CA ARG A 83 10.32 4.34 1.95
C ARG A 83 9.15 4.14 2.91
N ALA A 84 8.56 2.95 2.92
CA ALA A 84 7.44 2.59 3.81
C ALA A 84 7.81 2.58 5.31
N ARG A 85 9.01 2.10 5.65
CA ARG A 85 9.55 2.02 7.02
C ARG A 85 9.70 3.41 7.64
N GLU A 86 10.25 4.35 6.87
CA GLU A 86 10.34 5.76 7.23
C GLU A 86 8.96 6.38 7.47
N LEU A 87 7.99 6.11 6.60
CA LEU A 87 6.66 6.70 6.70
C LEU A 87 5.89 6.19 7.92
N LYS A 88 5.89 4.88 8.15
CA LYS A 88 5.18 4.23 9.27
C LYS A 88 5.63 4.77 10.64
N GLU A 89 6.91 5.12 10.79
CA GLU A 89 7.48 5.68 12.02
C GLU A 89 6.90 7.06 12.36
N ARG A 90 6.87 7.98 11.38
CA ARG A 90 6.37 9.36 11.55
C ARG A 90 4.84 9.49 11.58
N MET A 91 4.14 8.54 10.96
CA MET A 91 2.69 8.61 10.76
C MET A 91 1.86 8.35 12.03
N GLY A 92 2.39 7.63 13.02
CA GLY A 92 1.76 7.44 14.34
C GLY A 92 0.54 6.51 14.38
N LYS A 93 0.25 5.79 13.27
CA LYS A 93 -0.75 4.72 13.17
C LYS A 93 -0.14 3.46 12.52
N PRO A 94 -0.69 2.26 12.78
CA PRO A 94 -0.20 1.02 12.19
C PRO A 94 -0.47 0.95 10.68
N VAL A 95 0.47 0.34 9.95
CA VAL A 95 0.47 0.16 8.49
C VAL A 95 0.93 -1.26 8.19
N GLU A 96 0.29 -1.95 7.24
CA GLU A 96 0.74 -3.26 6.78
C GLU A 96 1.58 -3.13 5.50
N ILE A 97 2.71 -3.83 5.49
CA ILE A 97 3.76 -3.77 4.46
C ILE A 97 3.63 -4.99 3.54
N LEU A 98 3.31 -4.76 2.26
CA LEU A 98 3.14 -5.84 1.28
C LEU A 98 4.37 -5.97 0.38
N ARG A 99 4.90 -7.20 0.33
CA ARG A 99 6.06 -7.62 -0.47
C ARG A 99 5.67 -8.70 -1.48
N GLY A 100 6.27 -8.65 -2.67
CA GLY A 100 6.10 -9.67 -3.72
C GLY A 100 7.00 -10.90 -3.53
N SER A 101 6.70 -11.97 -4.27
CA SER A 101 7.53 -13.19 -4.37
C SER A 101 8.00 -13.45 -5.81
N LEU A 102 9.18 -14.06 -5.96
CA LEU A 102 9.73 -14.53 -7.23
C LEU A 102 10.27 -15.97 -7.09
N GLU A 103 10.28 -16.72 -8.19
CA GLU A 103 10.83 -18.09 -8.23
C GLU A 103 12.36 -18.10 -8.13
N HIS A 104 12.92 -19.10 -7.45
CA HIS A 104 14.37 -19.30 -7.31
C HIS A 104 15.01 -19.73 -8.65
N HIS A 105 16.21 -19.23 -8.95
CA HIS A 105 16.96 -19.54 -10.18
C HIS A 105 17.66 -20.91 -10.10
N HIS A 106 16.88 -21.98 -9.97
CA HIS A 106 17.37 -23.36 -10.04
C HIS A 106 17.69 -23.74 -11.49
N HIS A 107 18.91 -24.23 -11.73
CA HIS A 107 19.46 -24.49 -13.07
C HIS A 107 20.50 -25.62 -13.06
N HIS A 108 20.87 -26.11 -14.25
CA HIS A 108 21.86 -27.16 -14.47
C HIS A 108 22.92 -26.73 -15.51
N HIS A 109 24.18 -27.16 -15.29
CA HIS A 109 25.37 -26.84 -16.10
C HIS A 109 25.52 -25.31 -16.39
N GLY A 1 6.21 19.20 1.54
CA GLY A 1 6.48 17.91 0.89
C GLY A 1 5.20 17.12 0.68
N GLU A 2 5.05 16.47 -0.48
CA GLU A 2 3.83 15.73 -0.85
C GLU A 2 3.49 14.58 0.13
N ASP A 3 4.50 13.91 0.68
CA ASP A 3 4.33 12.82 1.65
C ASP A 3 3.88 13.26 3.06
N ASP A 4 3.78 14.57 3.33
CA ASP A 4 3.29 15.13 4.61
C ASP A 4 1.79 15.50 4.58
N GLU A 5 1.31 16.09 3.48
CA GLU A 5 -0.11 16.51 3.36
C GLU A 5 -1.06 15.31 3.23
N ILE A 6 -0.66 14.32 2.44
CA ILE A 6 -1.39 13.06 2.24
C ILE A 6 -1.48 12.24 3.52
N LEU A 7 -0.47 12.37 4.40
CA LEU A 7 -0.40 11.65 5.67
C LEU A 7 -1.57 12.08 6.56
N GLN A 8 -1.79 13.40 6.68
CA GLN A 8 -2.95 13.97 7.35
C GLN A 8 -4.26 13.60 6.66
N ARG A 9 -4.31 13.61 5.32
CA ARG A 9 -5.52 13.23 4.57
C ARG A 9 -5.94 11.78 4.77
N ALA A 10 -5.00 10.86 4.93
CA ALA A 10 -5.31 9.48 5.27
C ALA A 10 -6.09 9.36 6.60
N LYS A 11 -5.69 10.12 7.64
CA LYS A 11 -6.44 10.22 8.89
C LYS A 11 -7.78 10.95 8.70
N ASP A 12 -7.81 12.00 7.88
CA ASP A 12 -8.98 12.84 7.61
C ASP A 12 -10.12 12.09 6.89
N ILE A 13 -9.77 11.27 5.89
CA ILE A 13 -10.71 10.37 5.18
C ILE A 13 -11.34 9.39 6.17
N LEU A 14 -10.52 8.79 7.05
CA LEU A 14 -10.96 7.79 8.03
C LEU A 14 -11.80 8.38 9.17
N LYS A 15 -11.48 9.62 9.58
CA LYS A 15 -12.23 10.39 10.59
C LYS A 15 -13.67 10.65 10.13
N GLU A 16 -13.87 11.01 8.87
CA GLU A 16 -15.21 11.23 8.29
C GLU A 16 -15.89 9.98 7.75
N ASP A 17 -15.14 8.96 7.30
CA ASP A 17 -15.69 7.69 6.85
C ASP A 17 -14.82 6.50 7.30
N PRO A 18 -14.99 6.00 8.54
CA PRO A 18 -14.22 4.89 9.10
C PRO A 18 -14.52 3.54 8.43
N ASN A 19 -15.58 3.49 7.59
CA ASN A 19 -15.99 2.30 6.84
C ASN A 19 -15.26 2.18 5.48
N ARG A 20 -14.56 3.23 5.03
CA ARG A 20 -13.65 3.18 3.87
C ARG A 20 -12.27 2.62 4.25
N LYS A 21 -11.54 2.14 3.24
CA LYS A 21 -10.16 1.65 3.31
C LYS A 21 -9.24 2.55 2.48
N ILE A 22 -7.93 2.43 2.70
CA ILE A 22 -6.92 3.27 2.06
C ILE A 22 -5.78 2.43 1.46
N LEU A 23 -5.41 2.74 0.22
CA LEU A 23 -4.23 2.23 -0.46
C LEU A 23 -3.21 3.36 -0.68
N ILE A 24 -1.92 3.06 -0.54
CA ILE A 24 -0.82 3.97 -0.74
C ILE A 24 0.13 3.39 -1.80
N ILE A 25 0.45 4.19 -2.81
CA ILE A 25 1.38 3.83 -3.88
C ILE A 25 2.67 4.61 -3.69
N LEU A 26 3.78 3.89 -3.62
CA LEU A 26 5.12 4.43 -3.48
C LEU A 26 5.90 4.38 -4.80
N ASN A 27 6.42 5.54 -5.21
CA ASN A 27 7.11 5.76 -6.48
C ASN A 27 8.64 5.56 -6.32
N PRO A 28 9.35 5.10 -7.37
CA PRO A 28 10.80 4.88 -7.32
C PRO A 28 11.63 6.15 -7.13
N ASP A 29 11.06 7.33 -7.40
CA ASP A 29 11.63 8.65 -7.10
C ASP A 29 11.51 9.05 -5.59
N GLY A 30 10.93 8.19 -4.76
CA GLY A 30 10.66 8.42 -3.33
C GLY A 30 9.31 9.10 -3.03
N LYS A 31 8.60 9.58 -4.05
CA LYS A 31 7.27 10.19 -3.94
C LYS A 31 6.18 9.18 -3.54
N ILE A 32 5.01 9.70 -3.15
CA ILE A 32 3.87 8.91 -2.67
C ILE A 32 2.55 9.39 -3.29
N GLU A 33 1.58 8.48 -3.45
CA GLU A 33 0.22 8.77 -3.93
C GLU A 33 -0.82 8.07 -3.03
N LEU A 34 -1.93 8.75 -2.74
CA LEU A 34 -2.99 8.29 -1.83
C LEU A 34 -4.23 7.88 -2.64
N TYR A 35 -4.80 6.71 -2.35
CA TYR A 35 -6.06 6.23 -2.91
C TYR A 35 -7.07 5.83 -1.83
N GLU A 36 -8.33 6.17 -2.05
CA GLU A 36 -9.45 5.68 -1.23
C GLU A 36 -10.20 4.56 -1.98
N VAL A 37 -10.61 3.53 -1.23
CA VAL A 37 -11.12 2.26 -1.75
C VAL A 37 -12.10 1.63 -0.74
N THR A 38 -13.12 0.90 -1.21
CA THR A 38 -14.22 0.43 -0.33
C THR A 38 -14.39 -1.09 -0.32
N SER A 39 -13.83 -1.80 -1.31
CA SER A 39 -13.94 -3.25 -1.48
C SER A 39 -12.80 -3.78 -2.35
N GLU A 40 -12.52 -5.08 -2.29
CA GLU A 40 -11.62 -5.79 -3.22
C GLU A 40 -12.04 -5.58 -4.70
N GLU A 41 -13.32 -5.37 -4.96
CA GLU A 41 -13.85 -5.00 -6.28
C GLU A 41 -13.33 -3.63 -6.78
N ASP A 42 -13.04 -2.70 -5.86
CA ASP A 42 -12.47 -1.39 -6.20
C ASP A 42 -10.95 -1.44 -6.43
N ILE A 43 -10.24 -2.30 -5.67
CA ILE A 43 -8.77 -2.51 -5.80
C ILE A 43 -8.39 -2.95 -7.23
N LYS A 44 -9.27 -3.71 -7.90
CA LYS A 44 -9.10 -4.09 -9.32
C LYS A 44 -8.84 -2.90 -10.24
N ARG A 45 -9.39 -1.70 -9.96
CA ARG A 45 -9.10 -0.46 -10.70
C ARG A 45 -7.72 0.07 -10.36
N ILE A 46 -7.35 0.08 -9.08
CA ILE A 46 -6.05 0.55 -8.58
C ILE A 46 -4.91 -0.27 -9.21
N ALA A 47 -5.10 -1.57 -9.46
CA ALA A 47 -4.12 -2.43 -10.13
C ALA A 47 -3.65 -1.87 -11.47
N LYS A 48 -4.59 -1.44 -12.33
CA LYS A 48 -4.28 -0.81 -13.64
C LYS A 48 -3.80 0.63 -13.51
N LYS A 49 -4.35 1.41 -12.56
CA LYS A 49 -4.00 2.83 -12.33
C LYS A 49 -2.58 3.01 -11.79
N ALA A 50 -2.21 2.22 -10.79
CA ALA A 50 -0.92 2.26 -10.09
C ALA A 50 0.14 1.33 -10.72
N GLY A 51 -0.29 0.34 -11.52
CA GLY A 51 0.58 -0.61 -12.23
C GLY A 51 1.06 -1.80 -11.37
N ILE A 52 0.19 -2.31 -10.50
CA ILE A 52 0.51 -3.35 -9.51
C ILE A 52 0.53 -4.74 -10.18
N SER A 53 1.59 -5.52 -9.93
CA SER A 53 1.74 -6.91 -10.40
C SER A 53 0.65 -7.83 -9.84
N GLU A 54 0.20 -8.83 -10.59
CA GLU A 54 -0.88 -9.74 -10.14
C GLU A 54 -0.53 -10.53 -8.86
N GLU A 55 0.74 -10.90 -8.71
CA GLU A 55 1.26 -11.62 -7.52
C GLU A 55 1.24 -10.74 -6.26
N LEU A 56 1.49 -9.44 -6.44
CA LEU A 56 1.43 -8.42 -5.39
C LEU A 56 -0.04 -8.07 -5.06
N LEU A 57 -0.84 -7.80 -6.08
CA LEU A 57 -2.26 -7.44 -6.00
C LEU A 57 -3.08 -8.44 -5.19
N ARG A 58 -2.82 -9.75 -5.34
CA ARG A 58 -3.41 -10.83 -4.54
C ARG A 58 -3.31 -10.55 -3.04
N ARG A 59 -2.18 -10.03 -2.57
CA ARG A 59 -1.96 -9.72 -1.15
C ARG A 59 -2.72 -8.47 -0.70
N ILE A 60 -2.88 -7.47 -1.59
CA ILE A 60 -3.70 -6.27 -1.31
C ILE A 60 -5.16 -6.68 -1.07
N LEU A 61 -5.71 -7.57 -1.91
CA LEU A 61 -7.08 -8.09 -1.72
C LEU A 61 -7.22 -8.90 -0.41
N GLN A 62 -6.19 -9.65 -0.01
CA GLN A 62 -6.17 -10.36 1.28
C GLN A 62 -6.15 -9.40 2.48
N SER A 63 -5.42 -8.28 2.40
CA SER A 63 -5.39 -7.26 3.45
C SER A 63 -6.76 -6.65 3.75
N PHE A 64 -7.62 -6.51 2.73
CA PHE A 64 -9.00 -6.06 2.89
C PHE A 64 -9.87 -7.09 3.62
N ARG A 65 -9.65 -8.38 3.34
CA ARG A 65 -10.36 -9.51 3.95
C ARG A 65 -9.99 -9.72 5.42
N ASP A 66 -8.75 -9.42 5.79
CA ASP A 66 -8.28 -9.37 7.18
C ASP A 66 -8.73 -8.08 7.91
N GLY A 67 -8.55 -6.91 7.28
CA GLY A 67 -9.11 -5.63 7.74
C GLY A 67 -8.51 -5.04 9.03
N GLN A 68 -7.27 -5.42 9.40
CA GLN A 68 -6.68 -5.10 10.71
C GLN A 68 -5.95 -3.73 10.79
N TYR A 69 -5.67 -3.08 9.64
CA TYR A 69 -4.87 -1.85 9.56
C TYR A 69 -5.67 -0.65 9.01
N ASP A 70 -5.18 0.56 9.31
CA ASP A 70 -5.82 1.84 8.95
C ASP A 70 -5.51 2.27 7.49
N LEU A 71 -4.41 1.78 6.93
CA LEU A 71 -3.96 1.99 5.54
C LEU A 71 -3.06 0.83 5.06
N PHE A 72 -2.88 0.71 3.75
CA PHE A 72 -2.12 -0.38 3.12
C PHE A 72 -1.02 0.15 2.18
N PHE A 73 0.17 -0.47 2.20
CA PHE A 73 1.38 -0.09 1.45
C PHE A 73 1.86 -1.21 0.50
N ILE A 74 2.32 -0.82 -0.69
CA ILE A 74 2.71 -1.73 -1.80
C ILE A 74 4.24 -1.70 -2.01
N ALA A 75 4.97 -2.63 -1.39
CA ALA A 75 6.42 -2.74 -1.57
C ALA A 75 6.76 -3.71 -2.71
N LYS A 76 7.13 -3.20 -3.88
CA LYS A 76 7.59 -4.03 -5.01
C LYS A 76 9.11 -4.23 -5.03
N THR A 77 9.88 -3.34 -4.39
CA THR A 77 11.35 -3.39 -4.26
C THR A 77 11.81 -2.94 -2.87
N GLU A 78 13.02 -3.35 -2.45
CA GLU A 78 13.51 -3.11 -1.08
C GLU A 78 13.79 -1.63 -0.75
N ASP A 79 14.16 -0.80 -1.72
CA ASP A 79 14.33 0.65 -1.52
C ASP A 79 12.98 1.39 -1.45
N ASP A 80 11.91 0.80 -1.99
CA ASP A 80 10.54 1.28 -1.78
C ASP A 80 10.04 0.84 -0.39
N GLU A 81 10.29 -0.42 -0.02
CA GLU A 81 9.99 -0.92 1.33
C GLU A 81 10.67 -0.08 2.43
N ARG A 82 11.86 0.45 2.15
CA ARG A 82 12.58 1.43 2.98
C ARG A 82 11.77 2.71 3.20
N ARG A 83 11.20 3.31 2.14
CA ARG A 83 10.41 4.56 2.26
C ARG A 83 9.07 4.34 2.96
N ALA A 84 8.50 3.14 2.84
CA ALA A 84 7.34 2.70 3.62
C ALA A 84 7.67 2.58 5.12
N ARG A 85 8.83 2.02 5.46
CA ARG A 85 9.34 1.93 6.84
C ARG A 85 9.67 3.31 7.43
N GLU A 86 10.13 4.26 6.62
CA GLU A 86 10.28 5.67 7.03
C GLU A 86 8.92 6.35 7.30
N LEU A 87 7.89 6.09 6.48
CA LEU A 87 6.54 6.59 6.70
C LEU A 87 5.92 6.03 7.99
N LYS A 88 6.05 4.72 8.24
CA LYS A 88 5.56 4.06 9.46
C LYS A 88 6.06 4.71 10.75
N GLU A 89 7.32 5.17 10.77
CA GLU A 89 7.94 5.81 11.94
C GLU A 89 7.27 7.15 12.31
N ARG A 90 7.05 8.01 11.31
CA ARG A 90 6.46 9.35 11.49
C ARG A 90 4.95 9.36 11.70
N MET A 91 4.25 8.32 11.25
CA MET A 91 2.78 8.30 11.16
C MET A 91 2.03 8.20 12.50
N GLY A 92 2.63 7.60 13.52
CA GLY A 92 1.97 7.33 14.82
C GLY A 92 0.82 6.31 14.74
N LYS A 93 0.70 5.58 13.62
CA LYS A 93 -0.36 4.61 13.27
C LYS A 93 0.25 3.37 12.59
N PRO A 94 -0.36 2.18 12.72
CA PRO A 94 0.17 0.95 12.15
C PRO A 94 -0.10 0.87 10.64
N VAL A 95 0.83 0.26 9.89
CA VAL A 95 0.79 0.13 8.43
C VAL A 95 1.19 -1.29 8.03
N GLU A 96 0.46 -1.91 7.12
CA GLU A 96 0.81 -3.24 6.58
C GLU A 96 1.59 -3.10 5.26
N ILE A 97 2.76 -3.74 5.23
CA ILE A 97 3.66 -3.77 4.08
C ILE A 97 3.43 -5.07 3.29
N LEU A 98 3.23 -4.96 1.97
CA LEU A 98 2.92 -6.09 1.09
C LEU A 98 4.01 -6.27 0.03
N ARG A 99 4.59 -7.47 -0.06
CA ARG A 99 5.68 -7.82 -1.00
C ARG A 99 5.42 -9.14 -1.75
N GLY A 100 5.94 -9.24 -2.97
CA GLY A 100 5.99 -10.50 -3.73
C GLY A 100 7.26 -11.31 -3.43
N SER A 101 7.43 -12.43 -4.15
CA SER A 101 8.66 -13.25 -4.12
C SER A 101 9.59 -12.87 -5.29
N LEU A 102 10.72 -12.21 -4.98
CA LEU A 102 11.66 -11.71 -5.98
C LEU A 102 12.65 -12.78 -6.49
N GLU A 103 12.88 -13.84 -5.72
CA GLU A 103 13.69 -15.01 -6.10
C GLU A 103 12.80 -16.16 -6.63
N HIS A 104 13.29 -16.90 -7.63
CA HIS A 104 12.54 -17.95 -8.30
C HIS A 104 12.83 -19.36 -7.74
N HIS A 105 11.79 -20.07 -7.32
CA HIS A 105 11.87 -21.48 -6.92
C HIS A 105 12.12 -22.39 -8.13
N HIS A 106 12.89 -23.47 -7.94
CA HIS A 106 13.35 -24.35 -9.01
C HIS A 106 13.69 -25.77 -8.50
N HIS A 107 13.65 -26.76 -9.40
CA HIS A 107 13.99 -28.16 -9.15
C HIS A 107 14.66 -28.79 -10.38
N HIS A 108 15.56 -29.75 -10.15
CA HIS A 108 16.47 -30.36 -11.16
C HIS A 108 17.44 -29.36 -11.83
N HIS A 109 18.47 -29.89 -12.49
CA HIS A 109 19.40 -29.13 -13.35
C HIS A 109 18.88 -28.97 -14.80
N GLY A 1 4.96 19.55 0.98
CA GLY A 1 5.53 18.26 1.42
C GLY A 1 4.59 17.14 1.05
N GLU A 2 4.73 16.60 -0.16
CA GLU A 2 3.77 15.68 -0.80
C GLU A 2 3.43 14.42 0.00
N ASP A 3 4.37 13.90 0.78
CA ASP A 3 4.18 12.72 1.65
C ASP A 3 3.73 13.03 3.09
N ASP A 4 3.77 14.30 3.52
CA ASP A 4 3.28 14.76 4.83
C ASP A 4 1.87 15.37 4.78
N GLU A 5 1.50 16.00 3.66
CA GLU A 5 0.15 16.55 3.47
C GLU A 5 -0.89 15.44 3.29
N ILE A 6 -0.55 14.40 2.53
CA ILE A 6 -1.41 13.21 2.33
C ILE A 6 -1.58 12.41 3.63
N LEU A 7 -0.57 12.44 4.50
CA LEU A 7 -0.52 11.66 5.74
C LEU A 7 -1.67 12.03 6.68
N GLN A 8 -1.91 13.33 6.85
CA GLN A 8 -3.02 13.87 7.65
C GLN A 8 -4.39 13.71 6.96
N ARG A 9 -4.46 13.88 5.64
CA ARG A 9 -5.68 13.64 4.85
C ARG A 9 -6.15 12.19 4.92
N ALA A 10 -5.23 11.24 4.89
CA ALA A 10 -5.53 9.81 5.06
C ALA A 10 -6.25 9.53 6.39
N LYS A 11 -5.74 10.07 7.50
CA LYS A 11 -6.37 9.97 8.83
C LYS A 11 -7.76 10.60 8.87
N ASP A 12 -7.94 11.76 8.21
CA ASP A 12 -9.23 12.47 8.16
C ASP A 12 -10.29 11.76 7.30
N ILE A 13 -9.88 11.07 6.21
CA ILE A 13 -10.77 10.22 5.40
C ILE A 13 -11.38 9.11 6.25
N LEU A 14 -10.58 8.41 7.07
CA LEU A 14 -11.10 7.38 8.00
C LEU A 14 -11.93 7.97 9.14
N LYS A 15 -11.62 9.20 9.61
CA LYS A 15 -12.40 9.90 10.64
C LYS A 15 -13.83 10.22 10.17
N GLU A 16 -14.00 10.62 8.91
CA GLU A 16 -15.31 10.88 8.31
C GLU A 16 -15.99 9.63 7.72
N ASP A 17 -15.22 8.65 7.22
CA ASP A 17 -15.73 7.43 6.60
C ASP A 17 -14.98 6.18 7.13
N PRO A 18 -15.32 5.69 8.34
CA PRO A 18 -14.68 4.54 8.98
C PRO A 18 -15.00 3.20 8.28
N ASN A 19 -16.00 3.18 7.40
CA ASN A 19 -16.42 2.03 6.59
C ASN A 19 -15.52 1.82 5.35
N ARG A 20 -14.58 2.72 5.08
CA ARG A 20 -13.67 2.71 3.91
C ARG A 20 -12.24 2.32 4.30
N LYS A 21 -11.36 2.19 3.29
CA LYS A 21 -9.93 1.86 3.40
C LYS A 21 -9.08 2.77 2.49
N ILE A 22 -7.76 2.69 2.66
CA ILE A 22 -6.78 3.46 1.89
C ILE A 22 -5.69 2.56 1.30
N LEU A 23 -5.30 2.86 0.07
CA LEU A 23 -4.13 2.28 -0.61
C LEU A 23 -3.11 3.39 -0.91
N ILE A 24 -1.83 3.06 -0.80
CA ILE A 24 -0.71 3.98 -0.98
C ILE A 24 0.30 3.39 -1.96
N ILE A 25 0.72 4.21 -2.93
CA ILE A 25 1.63 3.81 -4.01
C ILE A 25 3.01 4.43 -3.78
N LEU A 26 4.01 3.56 -3.72
CA LEU A 26 5.44 3.88 -3.67
C LEU A 26 5.94 4.37 -5.04
N ASN A 27 6.54 5.56 -5.10
CA ASN A 27 7.26 6.06 -6.28
C ASN A 27 8.78 5.79 -6.15
N PRO A 28 9.50 5.47 -7.26
CA PRO A 28 10.93 5.17 -7.21
C PRO A 28 11.82 6.36 -6.83
N ASP A 29 11.31 7.59 -6.97
CA ASP A 29 11.98 8.84 -6.51
C ASP A 29 11.83 9.09 -4.99
N GLY A 30 11.15 8.20 -4.26
CA GLY A 30 10.86 8.30 -2.82
C GLY A 30 9.57 9.06 -2.49
N LYS A 31 8.91 9.67 -3.48
CA LYS A 31 7.58 10.30 -3.36
C LYS A 31 6.47 9.26 -3.11
N ILE A 32 5.28 9.74 -2.79
CA ILE A 32 4.11 8.89 -2.51
C ILE A 32 2.83 9.41 -3.18
N GLU A 33 1.87 8.50 -3.44
CA GLU A 33 0.53 8.83 -3.92
C GLU A 33 -0.54 8.10 -3.11
N LEU A 34 -1.65 8.80 -2.81
CA LEU A 34 -2.76 8.34 -1.98
C LEU A 34 -3.99 7.98 -2.83
N TYR A 35 -4.58 6.81 -2.56
CA TYR A 35 -5.82 6.32 -3.17
C TYR A 35 -6.87 5.93 -2.12
N GLU A 36 -8.13 6.21 -2.45
CA GLU A 36 -9.32 5.79 -1.69
C GLU A 36 -9.89 4.48 -2.26
N VAL A 37 -10.28 3.55 -1.38
CA VAL A 37 -10.78 2.22 -1.78
C VAL A 37 -11.81 1.70 -0.78
N THR A 38 -12.83 0.99 -1.27
CA THR A 38 -14.03 0.63 -0.47
C THR A 38 -14.32 -0.89 -0.40
N SER A 39 -13.70 -1.68 -1.28
CA SER A 39 -13.91 -3.13 -1.47
C SER A 39 -12.74 -3.72 -2.25
N GLU A 40 -12.55 -5.03 -2.23
CA GLU A 40 -11.60 -5.71 -3.13
C GLU A 40 -11.88 -5.39 -4.61
N GLU A 41 -13.15 -5.21 -5.00
CA GLU A 41 -13.52 -4.86 -6.37
C GLU A 41 -13.02 -3.45 -6.77
N ASP A 42 -12.84 -2.56 -5.79
CA ASP A 42 -12.25 -1.23 -5.96
C ASP A 42 -10.73 -1.34 -6.18
N ILE A 43 -10.05 -2.24 -5.45
CA ILE A 43 -8.62 -2.53 -5.58
C ILE A 43 -8.26 -3.03 -6.99
N LYS A 44 -9.15 -3.81 -7.63
CA LYS A 44 -8.97 -4.29 -9.01
C LYS A 44 -8.77 -3.14 -10.02
N ARG A 45 -9.39 -1.97 -9.79
CA ARG A 45 -9.16 -0.78 -10.61
C ARG A 45 -7.79 -0.14 -10.32
N ILE A 46 -7.40 -0.07 -9.05
CA ILE A 46 -6.08 0.45 -8.63
C ILE A 46 -4.94 -0.38 -9.26
N ALA A 47 -5.13 -1.70 -9.44
CA ALA A 47 -4.14 -2.57 -10.09
C ALA A 47 -3.69 -2.06 -11.46
N LYS A 48 -4.64 -1.66 -12.31
CA LYS A 48 -4.38 -1.07 -13.64
C LYS A 48 -3.90 0.38 -13.54
N LYS A 49 -4.44 1.17 -12.59
CA LYS A 49 -4.13 2.60 -12.42
C LYS A 49 -2.69 2.84 -11.94
N ALA A 50 -2.27 2.08 -10.92
CA ALA A 50 -0.99 2.18 -10.25
C ALA A 50 0.08 1.24 -10.85
N GLY A 51 -0.33 0.21 -11.60
CA GLY A 51 0.57 -0.76 -12.23
C GLY A 51 1.06 -1.88 -11.31
N ILE A 52 0.15 -2.42 -10.47
CA ILE A 52 0.43 -3.48 -9.49
C ILE A 52 0.35 -4.85 -10.19
N SER A 53 1.32 -5.74 -9.94
CA SER A 53 1.30 -7.12 -10.45
C SER A 53 0.17 -7.95 -9.83
N GLU A 54 -0.35 -8.95 -10.55
CA GLU A 54 -1.38 -9.86 -10.01
C GLU A 54 -0.88 -10.63 -8.77
N GLU A 55 0.43 -10.87 -8.70
CA GLU A 55 1.09 -11.61 -7.60
C GLU A 55 1.10 -10.80 -6.29
N LEU A 56 1.39 -9.50 -6.38
CA LEU A 56 1.30 -8.57 -5.25
C LEU A 56 -0.16 -8.21 -4.95
N LEU A 57 -0.99 -7.98 -5.97
CA LEU A 57 -2.39 -7.56 -5.84
C LEU A 57 -3.20 -8.49 -4.93
N ARG A 58 -3.01 -9.82 -5.05
CA ARG A 58 -3.59 -10.85 -4.16
C ARG A 58 -3.38 -10.51 -2.68
N ARG A 59 -2.19 -10.03 -2.33
CA ARG A 59 -1.83 -9.65 -0.95
C ARG A 59 -2.57 -8.37 -0.51
N ILE A 60 -2.81 -7.43 -1.42
CA ILE A 60 -3.66 -6.25 -1.15
C ILE A 60 -5.11 -6.70 -0.89
N LEU A 61 -5.65 -7.65 -1.67
CA LEU A 61 -6.99 -8.21 -1.44
C LEU A 61 -7.07 -8.90 -0.06
N GLN A 62 -6.02 -9.65 0.32
CA GLN A 62 -5.90 -10.32 1.62
C GLN A 62 -5.85 -9.31 2.79
N SER A 63 -5.17 -8.18 2.62
CA SER A 63 -5.15 -7.09 3.59
C SER A 63 -6.54 -6.53 3.87
N PHE A 64 -7.40 -6.44 2.86
CA PHE A 64 -8.80 -6.03 3.05
C PHE A 64 -9.65 -7.11 3.76
N ARG A 65 -9.42 -8.39 3.40
CA ARG A 65 -10.10 -9.55 4.03
C ARG A 65 -9.83 -9.61 5.53
N ASP A 66 -8.58 -9.40 5.94
CA ASP A 66 -8.17 -9.35 7.33
C ASP A 66 -8.59 -8.04 8.02
N GLY A 67 -8.46 -6.90 7.32
CA GLY A 67 -9.03 -5.59 7.69
C GLY A 67 -8.45 -4.89 8.92
N GLN A 68 -7.33 -5.35 9.49
CA GLN A 68 -6.79 -4.90 10.78
C GLN A 68 -6.12 -3.51 10.76
N TYR A 69 -5.87 -2.93 9.58
CA TYR A 69 -5.15 -1.67 9.39
C TYR A 69 -6.01 -0.62 8.65
N ASP A 70 -5.72 0.66 8.86
CA ASP A 70 -6.44 1.78 8.24
C ASP A 70 -5.94 2.11 6.81
N LEU A 71 -4.66 1.84 6.53
CA LEU A 71 -4.00 2.08 5.25
C LEU A 71 -3.02 0.96 4.87
N PHE A 72 -2.74 0.85 3.57
CA PHE A 72 -1.89 -0.20 2.99
C PHE A 72 -0.83 0.39 2.04
N PHE A 73 0.43 -0.06 2.16
CA PHE A 73 1.59 0.37 1.34
C PHE A 73 2.07 -0.77 0.43
N ILE A 74 2.34 -0.47 -0.84
CA ILE A 74 2.73 -1.44 -1.89
C ILE A 74 4.23 -1.38 -2.18
N ALA A 75 5.00 -2.36 -1.69
CA ALA A 75 6.44 -2.46 -1.91
C ALA A 75 6.76 -3.54 -2.96
N LYS A 76 6.83 -3.17 -4.24
CA LYS A 76 7.22 -4.09 -5.34
C LYS A 76 8.69 -4.52 -5.25
N THR A 77 9.52 -3.74 -4.57
CA THR A 77 10.94 -4.04 -4.27
C THR A 77 11.30 -3.65 -2.83
N GLU A 78 12.33 -4.27 -2.25
CA GLU A 78 12.82 -3.94 -0.91
C GLU A 78 13.36 -2.50 -0.82
N ASP A 79 13.89 -1.97 -1.92
CA ASP A 79 14.30 -0.57 -2.07
C ASP A 79 13.13 0.43 -1.92
N ASP A 80 11.91 0.03 -2.30
CA ASP A 80 10.69 0.80 -2.06
C ASP A 80 10.20 0.63 -0.62
N GLU A 81 10.39 -0.55 -0.03
CA GLU A 81 9.95 -0.85 1.34
C GLU A 81 10.61 0.05 2.39
N ARG A 82 11.84 0.51 2.14
CA ARG A 82 12.56 1.49 2.98
C ARG A 82 11.74 2.76 3.16
N ARG A 83 11.17 3.29 2.08
CA ARG A 83 10.31 4.49 2.09
C ARG A 83 9.06 4.26 2.95
N ALA A 84 8.41 3.11 2.80
CA ALA A 84 7.23 2.74 3.60
C ALA A 84 7.55 2.65 5.10
N ARG A 85 8.70 2.06 5.47
CA ARG A 85 9.17 1.96 6.86
C ARG A 85 9.47 3.34 7.46
N GLU A 86 10.15 4.21 6.73
CA GLU A 86 10.43 5.59 7.18
C GLU A 86 9.17 6.44 7.34
N LEU A 87 8.13 6.19 6.52
CA LEU A 87 6.82 6.83 6.64
C LEU A 87 6.06 6.35 7.89
N LYS A 88 6.04 5.04 8.17
CA LYS A 88 5.40 4.46 9.34
C LYS A 88 5.87 5.10 10.66
N GLU A 89 7.17 5.40 10.76
CA GLU A 89 7.78 6.02 11.95
C GLU A 89 7.22 7.41 12.26
N ARG A 90 7.14 8.30 11.24
CA ARG A 90 6.60 9.66 11.39
C ARG A 90 5.07 9.70 11.51
N MET A 91 4.40 8.69 10.97
CA MET A 91 2.92 8.60 10.94
C MET A 91 2.31 8.25 12.31
N GLY A 92 3.04 7.55 13.18
CA GLY A 92 2.60 7.23 14.55
C GLY A 92 1.41 6.25 14.62
N LYS A 93 1.13 5.52 13.53
CA LYS A 93 0.01 4.59 13.33
C LYS A 93 0.50 3.28 12.71
N PRO A 94 -0.18 2.14 12.98
CA PRO A 94 0.11 0.88 12.30
C PRO A 94 -0.24 0.94 10.80
N VAL A 95 0.64 0.39 9.97
CA VAL A 95 0.53 0.32 8.50
C VAL A 95 0.97 -1.08 8.05
N GLU A 96 0.22 -1.72 7.17
CA GLU A 96 0.60 -3.03 6.62
C GLU A 96 1.24 -2.88 5.23
N ILE A 97 2.36 -3.59 5.05
CA ILE A 97 3.19 -3.60 3.86
C ILE A 97 2.88 -4.86 3.03
N LEU A 98 2.65 -4.71 1.72
CA LEU A 98 2.58 -5.83 0.78
C LEU A 98 3.84 -5.89 -0.08
N ARG A 99 4.48 -7.06 -0.14
CA ARG A 99 5.75 -7.28 -0.87
C ARG A 99 5.56 -8.14 -2.11
N GLY A 100 6.06 -7.66 -3.26
CA GLY A 100 6.19 -8.44 -4.49
C GLY A 100 7.45 -9.31 -4.48
N SER A 101 7.30 -10.62 -4.66
CA SER A 101 8.38 -11.62 -4.65
C SER A 101 8.35 -12.53 -5.88
N LEU A 102 9.48 -13.19 -6.20
CA LEU A 102 9.68 -14.03 -7.38
C LEU A 102 10.29 -15.40 -7.02
N GLU A 103 9.84 -16.45 -7.70
CA GLU A 103 10.40 -17.81 -7.64
C GLU A 103 10.39 -18.47 -9.04
N HIS A 104 11.41 -19.28 -9.34
CA HIS A 104 11.58 -19.94 -10.64
C HIS A 104 11.20 -21.43 -10.60
N HIS A 105 10.47 -21.91 -11.61
CA HIS A 105 10.10 -23.32 -11.78
C HIS A 105 11.33 -24.21 -12.11
N HIS A 106 11.31 -25.47 -11.66
CA HIS A 106 12.36 -26.46 -11.92
C HIS A 106 11.93 -27.51 -12.97
N HIS A 107 12.89 -28.07 -13.70
CA HIS A 107 12.67 -29.13 -14.70
C HIS A 107 12.45 -30.52 -14.05
N HIS A 108 11.88 -31.45 -14.81
CA HIS A 108 11.64 -32.85 -14.41
C HIS A 108 11.80 -33.81 -15.60
N HIS A 109 11.86 -35.12 -15.30
CA HIS A 109 11.89 -36.25 -16.26
C HIS A 109 10.72 -36.21 -17.27
N GLY A 1 8.15 17.35 1.65
CA GLY A 1 7.90 16.42 0.53
C GLY A 1 6.42 16.13 0.34
N GLU A 2 6.06 15.49 -0.76
CA GLU A 2 4.66 15.14 -1.09
C GLU A 2 4.04 14.15 -0.09
N ASP A 3 4.87 13.34 0.57
CA ASP A 3 4.47 12.45 1.67
C ASP A 3 4.13 13.15 3.01
N ASP A 4 4.36 14.46 3.14
CA ASP A 4 3.93 15.24 4.32
C ASP A 4 2.46 15.71 4.25
N GLU A 5 2.00 16.16 3.08
CA GLU A 5 0.64 16.72 2.91
C GLU A 5 -0.45 15.64 2.88
N ILE A 6 -0.20 14.56 2.14
CA ILE A 6 -1.12 13.42 1.98
C ILE A 6 -1.34 12.66 3.29
N LEU A 7 -0.35 12.76 4.19
CA LEU A 7 -0.33 12.12 5.50
C LEU A 7 -1.58 12.51 6.31
N GLN A 8 -1.86 13.82 6.38
CA GLN A 8 -3.05 14.36 7.05
C GLN A 8 -4.33 14.02 6.29
N ARG A 9 -4.31 14.04 4.94
CA ARG A 9 -5.46 13.66 4.09
C ARG A 9 -5.92 12.22 4.34
N ALA A 10 -4.99 11.29 4.52
CA ALA A 10 -5.31 9.89 4.84
C ALA A 10 -6.05 9.75 6.19
N LYS A 11 -5.54 10.39 7.25
CA LYS A 11 -6.18 10.39 8.58
C LYS A 11 -7.49 11.18 8.61
N ASP A 12 -7.64 12.23 7.81
CA ASP A 12 -8.90 12.97 7.63
C ASP A 12 -9.97 12.13 6.91
N ILE A 13 -9.60 11.36 5.89
CA ILE A 13 -10.50 10.39 5.22
C ILE A 13 -10.95 9.32 6.22
N LEU A 14 -10.04 8.75 7.03
CA LEU A 14 -10.37 7.74 8.03
C LEU A 14 -11.23 8.28 9.20
N LYS A 15 -11.06 9.56 9.58
CA LYS A 15 -11.90 10.24 10.58
C LYS A 15 -13.37 10.32 10.11
N GLU A 16 -13.58 10.75 8.87
CA GLU A 16 -14.93 10.92 8.31
C GLU A 16 -15.56 9.62 7.78
N ASP A 17 -14.74 8.66 7.34
CA ASP A 17 -15.16 7.36 6.82
C ASP A 17 -14.33 6.22 7.46
N PRO A 18 -14.63 5.83 8.72
CA PRO A 18 -13.89 4.80 9.45
C PRO A 18 -14.15 3.38 8.93
N ASN A 19 -15.21 3.20 8.11
CA ASN A 19 -15.59 1.93 7.48
C ASN A 19 -14.85 1.67 6.16
N ARG A 20 -14.10 2.65 5.64
CA ARG A 20 -13.25 2.54 4.44
C ARG A 20 -11.82 2.11 4.79
N LYS A 21 -11.07 1.76 3.75
CA LYS A 21 -9.63 1.47 3.77
C LYS A 21 -8.87 2.46 2.87
N ILE A 22 -7.55 2.47 3.00
CA ILE A 22 -6.66 3.30 2.19
C ILE A 22 -5.57 2.43 1.55
N LEU A 23 -5.21 2.74 0.31
CA LEU A 23 -4.07 2.17 -0.40
C LEU A 23 -3.02 3.25 -0.69
N ILE A 24 -1.74 2.88 -0.60
CA ILE A 24 -0.60 3.77 -0.77
C ILE A 24 0.38 3.17 -1.78
N ILE A 25 0.81 3.99 -2.74
CA ILE A 25 1.76 3.60 -3.80
C ILE A 25 3.12 4.25 -3.53
N LEU A 26 4.15 3.42 -3.47
CA LEU A 26 5.56 3.80 -3.26
C LEU A 26 6.22 4.02 -4.63
N ASN A 27 6.67 5.24 -4.94
CA ASN A 27 7.32 5.56 -6.21
C ASN A 27 8.87 5.42 -6.13
N PRO A 28 9.55 4.96 -7.19
CA PRO A 28 11.01 4.79 -7.21
C PRO A 28 11.78 6.12 -7.13
N ASP A 29 11.13 7.25 -7.47
CA ASP A 29 11.64 8.61 -7.29
C ASP A 29 11.54 9.13 -5.83
N GLY A 30 11.12 8.27 -4.89
CA GLY A 30 10.98 8.57 -3.46
C GLY A 30 9.63 9.18 -3.07
N LYS A 31 8.78 9.46 -4.06
CA LYS A 31 7.45 10.06 -3.90
C LYS A 31 6.41 9.04 -3.40
N ILE A 32 5.20 9.52 -3.09
CA ILE A 32 4.06 8.71 -2.64
C ILE A 32 2.75 9.11 -3.33
N GLU A 33 1.82 8.17 -3.46
CA GLU A 33 0.44 8.42 -3.93
C GLU A 33 -0.59 7.81 -2.96
N LEU A 34 -1.69 8.53 -2.72
CA LEU A 34 -2.75 8.20 -1.76
C LEU A 34 -4.06 7.85 -2.49
N TYR A 35 -4.63 6.69 -2.16
CA TYR A 35 -5.89 6.18 -2.72
C TYR A 35 -6.89 5.76 -1.63
N GLU A 36 -8.18 5.99 -1.87
CA GLU A 36 -9.27 5.56 -0.99
C GLU A 36 -10.07 4.42 -1.63
N VAL A 37 -10.38 3.39 -0.84
CA VAL A 37 -10.91 2.10 -1.31
C VAL A 37 -11.79 1.42 -0.24
N THR A 38 -12.84 0.72 -0.66
CA THR A 38 -13.86 0.16 0.26
C THR A 38 -14.02 -1.36 0.17
N SER A 39 -13.56 -1.98 -0.92
CA SER A 39 -13.71 -3.42 -1.21
C SER A 39 -12.67 -3.92 -2.21
N GLU A 40 -12.53 -5.24 -2.33
CA GLU A 40 -11.71 -5.90 -3.37
C GLU A 40 -12.08 -5.47 -4.81
N GLU A 41 -13.34 -5.10 -5.06
CA GLU A 41 -13.79 -4.62 -6.37
C GLU A 41 -13.19 -3.26 -6.73
N ASP A 42 -12.95 -2.41 -5.72
CA ASP A 42 -12.28 -1.12 -5.88
C ASP A 42 -10.76 -1.28 -6.07
N ILE A 43 -10.13 -2.25 -5.38
CA ILE A 43 -8.68 -2.54 -5.51
C ILE A 43 -8.32 -2.98 -6.93
N LYS A 44 -9.22 -3.73 -7.60
CA LYS A 44 -9.09 -4.09 -9.03
C LYS A 44 -8.93 -2.86 -9.96
N ARG A 45 -9.56 -1.73 -9.62
CA ARG A 45 -9.40 -0.43 -10.31
C ARG A 45 -8.04 0.21 -10.02
N ILE A 46 -7.56 0.14 -8.78
CA ILE A 46 -6.23 0.66 -8.39
C ILE A 46 -5.11 -0.09 -9.13
N ALA A 47 -5.27 -1.39 -9.39
CA ALA A 47 -4.24 -2.22 -10.04
C ALA A 47 -3.75 -1.63 -11.37
N LYS A 48 -4.67 -1.26 -12.27
CA LYS A 48 -4.36 -0.63 -13.56
C LYS A 48 -4.04 0.88 -13.45
N LYS A 49 -4.58 1.59 -12.45
CA LYS A 49 -4.28 3.01 -12.21
C LYS A 49 -2.83 3.22 -11.73
N ALA A 50 -2.37 2.39 -10.80
CA ALA A 50 -1.07 2.50 -10.13
C ALA A 50 0.01 1.57 -10.75
N GLY A 51 -0.40 0.58 -11.56
CA GLY A 51 0.50 -0.37 -12.22
C GLY A 51 0.97 -1.52 -11.31
N ILE A 52 0.08 -2.00 -10.43
CA ILE A 52 0.36 -3.05 -9.45
C ILE A 52 0.29 -4.42 -10.15
N SER A 53 1.38 -5.20 -10.09
CA SER A 53 1.44 -6.56 -10.63
C SER A 53 0.47 -7.49 -9.91
N GLU A 54 -0.15 -8.40 -10.65
CA GLU A 54 -1.22 -9.28 -10.13
C GLU A 54 -0.74 -10.21 -9.00
N GLU A 55 0.55 -10.54 -8.98
CA GLU A 55 1.22 -11.33 -7.94
C GLU A 55 1.28 -10.63 -6.58
N LEU A 56 1.40 -9.30 -6.61
CA LEU A 56 1.29 -8.42 -5.44
C LEU A 56 -0.17 -8.05 -5.16
N LEU A 57 -0.98 -7.76 -6.18
CA LEU A 57 -2.37 -7.34 -6.06
C LEU A 57 -3.22 -8.31 -5.21
N ARG A 58 -3.02 -9.62 -5.38
CA ARG A 58 -3.72 -10.65 -4.57
C ARG A 58 -3.40 -10.55 -3.07
N ARG A 59 -2.19 -10.08 -2.71
CA ARG A 59 -1.80 -9.76 -1.32
C ARG A 59 -2.57 -8.56 -0.78
N ILE A 60 -2.82 -7.55 -1.61
CA ILE A 60 -3.69 -6.40 -1.27
C ILE A 60 -5.12 -6.89 -0.97
N LEU A 61 -5.69 -7.74 -1.84
CA LEU A 61 -7.04 -8.30 -1.63
C LEU A 61 -7.11 -9.14 -0.33
N GLN A 62 -6.08 -9.95 -0.05
CA GLN A 62 -5.98 -10.72 1.20
C GLN A 62 -5.86 -9.81 2.44
N SER A 63 -5.13 -8.70 2.34
CA SER A 63 -5.01 -7.71 3.42
C SER A 63 -6.36 -7.08 3.78
N PHE A 64 -7.24 -6.86 2.81
CA PHE A 64 -8.62 -6.40 3.04
C PHE A 64 -9.49 -7.47 3.71
N ARG A 65 -9.34 -8.74 3.31
CA ARG A 65 -10.03 -9.90 3.90
C ARG A 65 -9.70 -10.06 5.39
N ASP A 66 -8.45 -9.84 5.77
CA ASP A 66 -8.01 -9.83 7.17
C ASP A 66 -8.47 -8.54 7.88
N GLY A 67 -8.34 -7.38 7.23
CA GLY A 67 -8.95 -6.11 7.62
C GLY A 67 -8.42 -5.43 8.89
N GLN A 68 -7.30 -5.88 9.46
CA GLN A 68 -6.80 -5.44 10.79
C GLN A 68 -6.11 -4.06 10.78
N TYR A 69 -5.86 -3.48 9.61
CA TYR A 69 -5.14 -2.22 9.40
C TYR A 69 -6.03 -1.16 8.73
N ASP A 70 -5.74 0.13 8.97
CA ASP A 70 -6.53 1.24 8.38
C ASP A 70 -6.07 1.61 6.97
N LEU A 71 -4.77 1.41 6.68
CA LEU A 71 -4.15 1.68 5.39
C LEU A 71 -3.15 0.59 4.98
N PHE A 72 -2.78 0.57 3.69
CA PHE A 72 -1.93 -0.47 3.10
C PHE A 72 -0.84 0.14 2.20
N PHE A 73 0.40 -0.33 2.34
CA PHE A 73 1.59 0.14 1.59
C PHE A 73 2.09 -0.93 0.61
N ILE A 74 2.28 -0.56 -0.66
CA ILE A 74 2.68 -1.46 -1.76
C ILE A 74 4.18 -1.33 -2.04
N ALA A 75 4.96 -2.34 -1.70
CA ALA A 75 6.40 -2.34 -1.91
C ALA A 75 6.82 -3.51 -2.81
N LYS A 76 7.01 -3.26 -4.10
CA LYS A 76 7.51 -4.29 -5.04
C LYS A 76 8.97 -4.66 -4.75
N THR A 77 9.78 -3.69 -4.29
CA THR A 77 11.23 -3.83 -4.08
C THR A 77 11.65 -3.37 -2.67
N GLU A 78 12.74 -3.94 -2.13
CA GLU A 78 13.28 -3.53 -0.81
C GLU A 78 13.82 -2.08 -0.78
N ASP A 79 14.26 -1.54 -1.92
CA ASP A 79 14.65 -0.13 -2.03
C ASP A 79 13.44 0.83 -2.01
N ASP A 80 12.26 0.37 -2.45
CA ASP A 80 11.00 1.10 -2.27
C ASP A 80 10.55 1.01 -0.81
N GLU A 81 10.56 -0.18 -0.23
CA GLU A 81 10.10 -0.46 1.14
C GLU A 81 10.80 0.40 2.21
N ARG A 82 12.06 0.78 1.95
CA ARG A 82 12.84 1.70 2.80
C ARG A 82 12.08 3.01 3.10
N ARG A 83 11.19 3.45 2.20
CA ARG A 83 10.36 4.67 2.33
C ARG A 83 9.04 4.49 3.10
N ALA A 84 8.50 3.28 3.18
CA ALA A 84 7.31 2.95 4.00
C ALA A 84 7.60 2.97 5.51
N ARG A 85 8.73 2.36 5.91
CA ARG A 85 9.14 2.20 7.31
C ARG A 85 9.32 3.55 8.03
N GLU A 86 9.93 4.51 7.35
CA GLU A 86 10.14 5.88 7.84
C GLU A 86 8.84 6.70 7.90
N LEU A 87 7.86 6.39 7.03
CA LEU A 87 6.58 7.09 6.98
C LEU A 87 5.68 6.68 8.15
N LYS A 88 5.57 5.40 8.48
CA LYS A 88 4.76 4.92 9.62
C LYS A 88 5.14 5.61 10.95
N GLU A 89 6.44 5.87 11.15
CA GLU A 89 6.99 6.46 12.38
C GLU A 89 6.43 7.87 12.64
N ARG A 90 6.33 8.71 11.60
CA ARG A 90 5.68 10.03 11.66
C ARG A 90 4.15 9.98 11.64
N MET A 91 3.58 8.90 11.07
CA MET A 91 2.13 8.75 10.86
C MET A 91 1.33 8.37 12.10
N GLY A 92 1.87 7.49 12.96
CA GLY A 92 1.21 7.03 14.20
C GLY A 92 -0.06 6.18 14.00
N LYS A 93 -0.29 5.63 12.80
CA LYS A 93 -1.43 4.76 12.43
C LYS A 93 -0.97 3.34 12.05
N PRO A 94 -1.80 2.30 12.24
CA PRO A 94 -1.45 0.93 11.89
C PRO A 94 -1.57 0.72 10.38
N VAL A 95 -0.49 0.21 9.79
CA VAL A 95 -0.31 -0.03 8.36
C VAL A 95 0.37 -1.39 8.13
N GLU A 96 -0.03 -2.08 7.08
CA GLU A 96 0.62 -3.33 6.62
C GLU A 96 1.40 -3.11 5.31
N ILE A 97 2.57 -3.74 5.24
CA ILE A 97 3.49 -3.72 4.10
C ILE A 97 3.22 -4.95 3.21
N LEU A 98 3.09 -4.74 1.90
CA LEU A 98 2.75 -5.78 0.93
C LEU A 98 3.77 -5.87 -0.19
N ARG A 99 4.39 -7.04 -0.35
CA ARG A 99 5.34 -7.38 -1.43
C ARG A 99 4.88 -8.62 -2.21
N GLY A 100 5.13 -8.64 -3.52
CA GLY A 100 4.71 -9.73 -4.40
C GLY A 100 5.51 -11.03 -4.22
N SER A 101 5.02 -12.12 -4.82
CA SER A 101 5.68 -13.44 -4.80
C SER A 101 7.00 -13.40 -5.59
N LEU A 102 8.09 -13.91 -4.99
CA LEU A 102 9.45 -13.85 -5.54
C LEU A 102 10.27 -15.07 -5.14
N GLU A 103 10.90 -15.73 -6.12
CA GLU A 103 11.80 -16.87 -5.89
C GLU A 103 13.16 -16.39 -5.36
N HIS A 104 13.66 -17.02 -4.29
CA HIS A 104 14.94 -16.72 -3.65
C HIS A 104 15.94 -17.88 -3.84
N HIS A 105 17.13 -17.59 -4.38
CA HIS A 105 18.15 -18.60 -4.71
C HIS A 105 18.99 -19.03 -3.50
N HIS A 106 19.41 -20.30 -3.48
CA HIS A 106 20.22 -20.90 -2.42
C HIS A 106 21.73 -20.64 -2.58
N HIS A 107 22.52 -21.03 -1.56
CA HIS A 107 23.99 -20.98 -1.57
C HIS A 107 24.59 -22.39 -1.36
N HIS A 108 25.78 -22.63 -1.95
CA HIS A 108 26.48 -23.92 -1.97
C HIS A 108 25.66 -25.08 -2.61
N HIS A 109 26.24 -26.29 -2.62
CA HIS A 109 25.68 -27.52 -3.19
C HIS A 109 25.76 -28.71 -2.21
N GLY A 1 7.08 17.64 3.28
CA GLY A 1 7.04 17.42 1.82
C GLY A 1 5.67 16.91 1.35
N GLU A 2 5.60 16.53 0.07
CA GLU A 2 4.37 16.01 -0.58
C GLU A 2 3.84 14.71 0.06
N ASP A 3 4.74 13.95 0.71
CA ASP A 3 4.46 12.76 1.52
C ASP A 3 3.90 13.05 2.93
N ASP A 4 3.90 14.29 3.39
CA ASP A 4 3.35 14.69 4.70
C ASP A 4 1.96 15.33 4.63
N GLU A 5 1.62 16.02 3.54
CA GLU A 5 0.26 16.56 3.33
C GLU A 5 -0.75 15.42 3.15
N ILE A 6 -0.39 14.43 2.35
CA ILE A 6 -1.21 13.23 2.08
C ILE A 6 -1.42 12.39 3.35
N LEU A 7 -0.44 12.43 4.25
CA LEU A 7 -0.47 11.68 5.52
C LEU A 7 -1.65 12.18 6.38
N GLN A 8 -1.88 13.49 6.40
CA GLN A 8 -3.00 14.14 7.08
C GLN A 8 -4.34 13.87 6.37
N ARG A 9 -4.37 13.93 5.03
CA ARG A 9 -5.56 13.59 4.23
C ARG A 9 -6.02 12.15 4.44
N ALA A 10 -5.10 11.20 4.58
CA ALA A 10 -5.42 9.80 4.88
C ALA A 10 -6.20 9.66 6.20
N LYS A 11 -5.74 10.31 7.28
CA LYS A 11 -6.44 10.33 8.57
C LYS A 11 -7.81 11.03 8.49
N ASP A 12 -7.92 12.09 7.69
CA ASP A 12 -9.18 12.83 7.49
C ASP A 12 -10.24 12.05 6.69
N ILE A 13 -9.84 11.12 5.81
CA ILE A 13 -10.76 10.17 5.15
C ILE A 13 -11.36 9.22 6.20
N LEU A 14 -10.54 8.61 7.06
CA LEU A 14 -11.00 7.68 8.11
C LEU A 14 -11.86 8.37 9.18
N LYS A 15 -11.66 9.67 9.43
CA LYS A 15 -12.47 10.49 10.35
C LYS A 15 -13.95 10.51 9.93
N GLU A 16 -14.23 10.70 8.64
CA GLU A 16 -15.58 10.69 8.08
C GLU A 16 -16.08 9.29 7.68
N ASP A 17 -15.17 8.39 7.25
CA ASP A 17 -15.50 7.07 6.71
C ASP A 17 -14.58 5.99 7.34
N PRO A 18 -14.81 5.60 8.61
CA PRO A 18 -13.96 4.63 9.33
C PRO A 18 -14.12 3.19 8.80
N ASN A 19 -15.17 2.93 8.02
CA ASN A 19 -15.45 1.64 7.37
C ASN A 19 -14.73 1.47 6.02
N ARG A 20 -14.14 2.55 5.49
CA ARG A 20 -13.35 2.57 4.24
C ARG A 20 -11.87 2.31 4.50
N LYS A 21 -11.14 2.02 3.42
CA LYS A 21 -9.75 1.59 3.38
C LYS A 21 -8.94 2.59 2.55
N ILE A 22 -7.62 2.52 2.67
CA ILE A 22 -6.69 3.35 1.90
C ILE A 22 -5.62 2.47 1.25
N LEU A 23 -5.28 2.80 0.00
CA LEU A 23 -4.12 2.25 -0.73
C LEU A 23 -3.12 3.37 -1.03
N ILE A 24 -1.83 3.05 -0.91
CA ILE A 24 -0.72 3.98 -1.09
C ILE A 24 0.30 3.39 -2.08
N ILE A 25 0.68 4.19 -3.08
CA ILE A 25 1.61 3.77 -4.14
C ILE A 25 2.99 4.38 -3.87
N LEU A 26 3.99 3.51 -3.76
CA LEU A 26 5.40 3.85 -3.61
C LEU A 26 6.09 4.01 -4.96
N ASN A 27 6.63 5.20 -5.21
CA ASN A 27 7.40 5.53 -6.43
C ASN A 27 8.91 5.42 -6.17
N PRO A 28 9.72 5.02 -7.18
CA PRO A 28 11.17 4.78 -7.02
C PRO A 28 11.99 6.03 -6.66
N ASP A 29 11.45 7.24 -6.92
CA ASP A 29 12.03 8.53 -6.51
C ASP A 29 11.83 8.85 -5.00
N GLY A 30 11.16 7.97 -4.25
CA GLY A 30 10.79 8.16 -2.83
C GLY A 30 9.45 8.89 -2.63
N LYS A 31 8.86 9.43 -3.71
CA LYS A 31 7.53 10.04 -3.73
C LYS A 31 6.41 9.02 -3.44
N ILE A 32 5.25 9.55 -3.06
CA ILE A 32 4.08 8.77 -2.64
C ILE A 32 2.78 9.29 -3.27
N GLU A 33 1.81 8.40 -3.51
CA GLU A 33 0.48 8.74 -4.04
C GLU A 33 -0.63 8.02 -3.26
N LEU A 34 -1.74 8.72 -3.00
CA LEU A 34 -2.83 8.29 -2.12
C LEU A 34 -4.09 7.90 -2.92
N TYR A 35 -4.67 6.74 -2.63
CA TYR A 35 -5.92 6.24 -3.21
C TYR A 35 -6.93 5.80 -2.14
N GLU A 36 -8.21 6.05 -2.44
CA GLU A 36 -9.35 5.65 -1.61
C GLU A 36 -10.05 4.39 -2.17
N VAL A 37 -10.39 3.44 -1.29
CA VAL A 37 -10.92 2.11 -1.65
C VAL A 37 -11.83 1.54 -0.54
N THR A 38 -12.86 0.76 -0.90
CA THR A 38 -13.85 0.24 0.08
C THR A 38 -13.98 -1.29 0.12
N SER A 39 -13.61 -1.97 -0.97
CA SER A 39 -13.84 -3.41 -1.26
C SER A 39 -12.86 -3.90 -2.34
N GLU A 40 -12.73 -5.22 -2.57
CA GLU A 40 -11.78 -5.76 -3.58
C GLU A 40 -12.03 -5.24 -5.01
N GLU A 41 -13.29 -5.06 -5.42
CA GLU A 41 -13.65 -4.51 -6.74
C GLU A 41 -13.10 -3.07 -6.93
N ASP A 42 -13.00 -2.33 -5.82
CA ASP A 42 -12.40 -1.00 -5.78
C ASP A 42 -10.87 -1.09 -5.92
N ILE A 43 -10.23 -2.13 -5.33
CA ILE A 43 -8.80 -2.42 -5.49
C ILE A 43 -8.48 -2.83 -6.93
N LYS A 44 -9.35 -3.60 -7.60
CA LYS A 44 -9.21 -3.94 -9.03
C LYS A 44 -9.11 -2.69 -9.91
N ARG A 45 -9.79 -1.60 -9.53
CA ARG A 45 -9.68 -0.28 -10.18
C ARG A 45 -8.28 0.31 -9.99
N ILE A 46 -7.72 0.23 -8.78
CA ILE A 46 -6.35 0.71 -8.48
C ILE A 46 -5.29 -0.11 -9.23
N ALA A 47 -5.50 -1.41 -9.43
CA ALA A 47 -4.55 -2.28 -10.15
C ALA A 47 -4.20 -1.74 -11.54
N LYS A 48 -5.22 -1.30 -12.29
CA LYS A 48 -5.06 -0.67 -13.62
C LYS A 48 -4.55 0.77 -13.53
N LYS A 49 -4.97 1.54 -12.52
CA LYS A 49 -4.61 2.96 -12.35
C LYS A 49 -3.15 3.17 -11.92
N ALA A 50 -2.67 2.35 -10.99
CA ALA A 50 -1.31 2.39 -10.42
C ALA A 50 -0.33 1.42 -11.11
N GLY A 51 -0.84 0.43 -11.87
CA GLY A 51 -0.03 -0.56 -12.59
C GLY A 51 0.50 -1.70 -11.71
N ILE A 52 -0.29 -2.17 -10.74
CA ILE A 52 0.09 -3.18 -9.76
C ILE A 52 0.11 -4.59 -10.41
N SER A 53 1.17 -5.37 -10.15
CA SER A 53 1.32 -6.75 -10.64
C SER A 53 0.28 -7.69 -10.03
N GLU A 54 -0.18 -8.70 -10.76
CA GLU A 54 -1.22 -9.64 -10.28
C GLU A 54 -0.80 -10.40 -9.01
N GLU A 55 0.49 -10.74 -8.89
CA GLU A 55 1.07 -11.43 -7.73
C GLU A 55 1.07 -10.57 -6.47
N LEU A 56 1.26 -9.26 -6.64
CA LEU A 56 1.17 -8.24 -5.59
C LEU A 56 -0.30 -7.93 -5.26
N LEU A 57 -1.15 -7.75 -6.28
CA LEU A 57 -2.58 -7.41 -6.13
C LEU A 57 -3.35 -8.45 -5.29
N ARG A 58 -3.02 -9.74 -5.42
CA ARG A 58 -3.52 -10.81 -4.54
C ARG A 58 -3.27 -10.49 -3.07
N ARG A 59 -2.10 -9.96 -2.73
CA ARG A 59 -1.71 -9.59 -1.37
C ARG A 59 -2.47 -8.37 -0.87
N ILE A 60 -2.75 -7.38 -1.72
CA ILE A 60 -3.64 -6.25 -1.39
C ILE A 60 -5.05 -6.76 -1.08
N LEU A 61 -5.59 -7.64 -1.93
CA LEU A 61 -6.90 -8.27 -1.74
C LEU A 61 -6.98 -9.05 -0.39
N GLN A 62 -5.93 -9.81 -0.06
CA GLN A 62 -5.84 -10.59 1.18
C GLN A 62 -5.74 -9.68 2.43
N SER A 63 -5.02 -8.57 2.31
CA SER A 63 -4.87 -7.56 3.38
C SER A 63 -6.20 -6.94 3.79
N PHE A 64 -7.13 -6.76 2.85
CA PHE A 64 -8.49 -6.29 3.13
C PHE A 64 -9.30 -7.32 3.93
N ARG A 65 -9.09 -8.62 3.67
CA ARG A 65 -9.71 -9.73 4.41
C ARG A 65 -9.16 -9.85 5.84
N ASP A 66 -7.89 -9.52 6.06
CA ASP A 66 -7.31 -9.40 7.41
C ASP A 66 -7.95 -8.21 8.18
N GLY A 67 -8.04 -7.05 7.53
CA GLY A 67 -8.83 -5.89 8.00
C GLY A 67 -8.35 -5.17 9.26
N GLN A 68 -7.14 -5.45 9.75
CA GLN A 68 -6.61 -4.89 11.02
C GLN A 68 -5.96 -3.50 10.87
N TYR A 69 -5.89 -2.95 9.66
CA TYR A 69 -5.16 -1.71 9.30
C TYR A 69 -6.05 -0.69 8.58
N ASP A 70 -5.77 0.59 8.79
CA ASP A 70 -6.53 1.70 8.16
C ASP A 70 -6.03 2.02 6.73
N LEU A 71 -4.75 1.76 6.45
CA LEU A 71 -4.08 2.03 5.17
C LEU A 71 -3.07 0.94 4.79
N PHE A 72 -2.77 0.85 3.49
CA PHE A 72 -1.89 -0.18 2.91
C PHE A 72 -0.83 0.43 1.98
N PHE A 73 0.44 0.07 2.15
CA PHE A 73 1.60 0.52 1.36
C PHE A 73 2.08 -0.60 0.43
N ILE A 74 2.12 -0.33 -0.88
CA ILE A 74 2.51 -1.30 -1.93
C ILE A 74 4.02 -1.19 -2.19
N ALA A 75 4.82 -1.96 -1.46
CA ALA A 75 6.23 -2.11 -1.81
C ALA A 75 6.36 -3.29 -2.79
N LYS A 76 7.16 -3.13 -3.84
CA LYS A 76 7.55 -4.19 -4.78
C LYS A 76 8.99 -4.65 -4.55
N THR A 77 9.85 -3.77 -4.05
CA THR A 77 11.29 -4.03 -3.77
C THR A 77 11.70 -3.52 -2.39
N GLU A 78 12.78 -4.05 -1.82
CA GLU A 78 13.25 -3.67 -0.48
C GLU A 78 13.70 -2.19 -0.40
N ASP A 79 14.14 -1.60 -1.52
CA ASP A 79 14.51 -0.18 -1.62
C ASP A 79 13.30 0.76 -1.48
N ASP A 80 12.14 0.38 -2.05
CA ASP A 80 10.86 1.06 -1.82
C ASP A 80 10.18 0.66 -0.49
N GLU A 81 10.43 -0.54 0.03
CA GLU A 81 9.96 -0.96 1.37
C GLU A 81 10.55 -0.07 2.50
N ARG A 82 11.82 0.36 2.35
CA ARG A 82 12.49 1.28 3.29
C ARG A 82 11.75 2.63 3.43
N ARG A 83 11.18 3.15 2.33
CA ARG A 83 10.38 4.39 2.31
C ARG A 83 9.10 4.22 3.15
N ALA A 84 8.41 3.10 2.98
CA ALA A 84 7.21 2.75 3.75
C ALA A 84 7.49 2.61 5.26
N ARG A 85 8.64 2.02 5.63
CA ARG A 85 9.08 1.84 7.02
C ARG A 85 9.34 3.17 7.73
N GLU A 86 10.01 4.11 7.08
CA GLU A 86 10.27 5.45 7.67
C GLU A 86 9.01 6.34 7.71
N LEU A 87 8.06 6.13 6.79
CA LEU A 87 6.75 6.80 6.82
C LEU A 87 5.92 6.36 8.04
N LYS A 88 5.89 5.06 8.37
CA LYS A 88 5.19 4.56 9.57
C LYS A 88 5.64 5.25 10.86
N GLU A 89 6.94 5.51 10.99
CA GLU A 89 7.56 6.13 12.17
C GLU A 89 7.02 7.54 12.45
N ARG A 90 6.91 8.38 11.41
CA ARG A 90 6.33 9.74 11.50
C ARG A 90 4.79 9.73 11.60
N MET A 91 4.15 8.71 11.04
CA MET A 91 2.68 8.62 10.95
C MET A 91 2.01 8.24 12.27
N GLY A 92 2.65 7.41 13.10
CA GLY A 92 2.16 7.05 14.44
C GLY A 92 0.89 6.20 14.46
N LYS A 93 0.54 5.55 13.33
CA LYS A 93 -0.63 4.66 13.15
C LYS A 93 -0.23 3.32 12.50
N PRO A 94 -1.04 2.26 12.66
CA PRO A 94 -0.75 0.94 12.09
C PRO A 94 -0.86 0.96 10.56
N VAL A 95 0.15 0.37 9.90
CA VAL A 95 0.24 0.19 8.43
C VAL A 95 0.76 -1.21 8.14
N GLU A 96 0.17 -1.91 7.16
CA GLU A 96 0.68 -3.20 6.71
C GLU A 96 1.54 -3.05 5.44
N ILE A 97 2.72 -3.67 5.47
CA ILE A 97 3.73 -3.62 4.42
C ILE A 97 3.64 -4.87 3.56
N LEU A 98 3.46 -4.68 2.26
CA LEU A 98 3.37 -5.74 1.25
C LEU A 98 4.65 -5.81 0.43
N ARG A 99 4.96 -7.02 -0.05
CA ARG A 99 5.99 -7.30 -1.08
C ARG A 99 5.61 -8.56 -1.87
N GLY A 100 6.03 -8.66 -3.13
CA GLY A 100 5.57 -9.68 -4.08
C GLY A 100 5.97 -11.12 -3.76
N SER A 101 5.24 -12.08 -4.34
CA SER A 101 5.48 -13.52 -4.19
C SER A 101 6.76 -14.00 -4.89
N LEU A 102 7.43 -15.00 -4.29
CA LEU A 102 8.64 -15.65 -4.80
C LEU A 102 8.74 -17.09 -4.28
N GLU A 103 9.12 -18.03 -5.15
CA GLU A 103 9.46 -19.42 -4.81
C GLU A 103 10.98 -19.65 -4.70
N HIS A 104 11.40 -20.51 -3.77
CA HIS A 104 12.81 -20.85 -3.51
C HIS A 104 13.02 -22.37 -3.45
N HIS A 105 14.11 -22.85 -4.06
CA HIS A 105 14.52 -24.27 -4.02
C HIS A 105 15.00 -24.70 -2.63
N HIS A 106 14.81 -25.98 -2.29
CA HIS A 106 15.20 -26.59 -1.02
C HIS A 106 15.88 -27.97 -1.21
N HIS A 107 16.66 -28.11 -2.30
CA HIS A 107 17.24 -29.37 -2.77
C HIS A 107 18.75 -29.25 -3.04
N HIS A 108 19.49 -30.36 -2.87
CA HIS A 108 20.92 -30.48 -3.15
C HIS A 108 21.29 -31.92 -3.57
N HIS A 109 22.23 -32.05 -4.52
CA HIS A 109 22.76 -33.33 -5.04
C HIS A 109 24.21 -33.18 -5.56
N GLY A 1 7.89 17.86 2.34
CA GLY A 1 7.67 17.11 1.10
C GLY A 1 6.19 16.79 0.88
N GLU A 2 5.83 16.32 -0.32
CA GLU A 2 4.44 16.01 -0.71
C GLU A 2 3.82 14.82 0.06
N ASP A 3 4.65 13.99 0.70
CA ASP A 3 4.21 12.93 1.62
C ASP A 3 3.68 13.45 2.98
N ASP A 4 3.89 14.73 3.33
CA ASP A 4 3.42 15.31 4.60
C ASP A 4 1.91 15.60 4.62
N GLU A 5 1.37 16.15 3.52
CA GLU A 5 -0.04 16.55 3.42
C GLU A 5 -0.97 15.34 3.28
N ILE A 6 -0.59 14.39 2.43
CA ILE A 6 -1.34 13.14 2.19
C ILE A 6 -1.40 12.28 3.45
N LEU A 7 -0.35 12.34 4.28
CA LEU A 7 -0.29 11.59 5.54
C LEU A 7 -1.40 12.05 6.48
N GLN A 8 -1.63 13.36 6.55
CA GLN A 8 -2.72 13.94 7.33
C GLN A 8 -4.09 13.68 6.69
N ARG A 9 -4.17 13.76 5.35
CA ARG A 9 -5.40 13.45 4.58
C ARG A 9 -5.88 12.02 4.77
N ALA A 10 -4.97 11.07 4.96
CA ALA A 10 -5.32 9.69 5.32
C ALA A 10 -6.16 9.61 6.61
N LYS A 11 -5.83 10.39 7.65
CA LYS A 11 -6.68 10.54 8.85
C LYS A 11 -7.95 11.34 8.55
N ASP A 12 -7.86 12.38 7.73
CA ASP A 12 -8.99 13.28 7.38
C ASP A 12 -10.11 12.57 6.57
N ILE A 13 -9.75 11.56 5.76
CA ILE A 13 -10.68 10.65 5.08
C ILE A 13 -11.39 9.75 6.09
N LEU A 14 -10.63 9.08 6.96
CA LEU A 14 -11.15 8.13 7.96
C LEU A 14 -11.99 8.81 9.06
N LYS A 15 -11.74 10.09 9.34
CA LYS A 15 -12.55 10.96 10.20
C LYS A 15 -14.02 11.04 9.72
N GLU A 16 -14.23 11.18 8.43
CA GLU A 16 -15.57 11.27 7.81
C GLU A 16 -16.14 9.90 7.37
N ASP A 17 -15.28 8.94 7.02
CA ASP A 17 -15.66 7.58 6.59
C ASP A 17 -14.80 6.51 7.30
N PRO A 18 -15.07 6.20 8.58
CA PRO A 18 -14.28 5.25 9.38
C PRO A 18 -14.46 3.79 8.96
N ASN A 19 -15.50 3.50 8.16
CA ASN A 19 -15.82 2.18 7.62
C ASN A 19 -14.98 1.83 6.36
N ARG A 20 -14.24 2.79 5.81
CA ARG A 20 -13.37 2.63 4.64
C ARG A 20 -11.92 2.28 5.03
N LYS A 21 -11.15 1.88 4.03
CA LYS A 21 -9.73 1.53 4.07
C LYS A 21 -8.96 2.45 3.11
N ILE A 22 -7.63 2.43 3.21
CA ILE A 22 -6.73 3.24 2.38
C ILE A 22 -5.68 2.37 1.70
N LEU A 23 -5.32 2.73 0.47
CA LEU A 23 -4.19 2.18 -0.29
C LEU A 23 -3.19 3.29 -0.63
N ILE A 24 -1.90 2.96 -0.63
CA ILE A 24 -0.79 3.89 -0.85
C ILE A 24 0.17 3.32 -1.89
N ILE A 25 0.53 4.12 -2.89
CA ILE A 25 1.41 3.72 -4.00
C ILE A 25 2.80 4.33 -3.80
N LEU A 26 3.81 3.46 -3.81
CA LEU A 26 5.22 3.80 -3.71
C LEU A 26 5.89 3.81 -5.10
N ASN A 27 6.38 4.98 -5.53
CA ASN A 27 7.18 5.14 -6.74
C ASN A 27 8.69 5.07 -6.42
N PRO A 28 9.54 4.56 -7.33
CA PRO A 28 10.98 4.41 -7.10
C PRO A 28 11.74 5.75 -6.95
N ASP A 29 11.15 6.86 -7.42
CA ASP A 29 11.64 8.23 -7.20
C ASP A 29 11.33 8.77 -5.78
N GLY A 30 10.65 7.99 -4.93
CA GLY A 30 10.24 8.36 -3.57
C GLY A 30 8.87 9.05 -3.49
N LYS A 31 8.23 9.35 -4.62
CA LYS A 31 6.90 9.98 -4.69
C LYS A 31 5.81 9.01 -4.21
N ILE A 32 4.88 9.52 -3.41
CA ILE A 32 3.77 8.75 -2.82
C ILE A 32 2.41 9.21 -3.37
N GLU A 33 1.46 8.28 -3.53
CA GLU A 33 0.09 8.58 -4.00
C GLU A 33 -0.94 7.90 -3.09
N LEU A 34 -2.05 8.58 -2.80
CA LEU A 34 -3.07 8.17 -1.82
C LEU A 34 -4.38 7.76 -2.52
N TYR A 35 -4.91 6.59 -2.17
CA TYR A 35 -6.21 6.07 -2.61
C TYR A 35 -7.13 5.73 -1.43
N GLU A 36 -8.43 5.95 -1.61
CA GLU A 36 -9.46 5.47 -0.68
C GLU A 36 -10.29 4.35 -1.32
N VAL A 37 -10.60 3.32 -0.54
CA VAL A 37 -11.12 2.04 -1.01
C VAL A 37 -11.96 1.33 0.06
N THR A 38 -12.94 0.53 -0.35
CA THR A 38 -13.87 -0.15 0.58
C THR A 38 -13.88 -1.68 0.40
N SER A 39 -13.57 -2.16 -0.81
CA SER A 39 -13.73 -3.55 -1.25
C SER A 39 -12.75 -3.90 -2.37
N GLU A 40 -12.52 -5.20 -2.60
CA GLU A 40 -11.65 -5.70 -3.67
C GLU A 40 -12.01 -5.18 -5.07
N GLU A 41 -13.29 -4.92 -5.33
CA GLU A 41 -13.79 -4.39 -6.60
C GLU A 41 -13.20 -3.00 -6.94
N ASP A 42 -12.92 -2.16 -5.93
CA ASP A 42 -12.25 -0.88 -6.13
C ASP A 42 -10.72 -1.04 -6.30
N ILE A 43 -10.10 -2.00 -5.58
CA ILE A 43 -8.67 -2.34 -5.73
C ILE A 43 -8.36 -2.85 -7.15
N LYS A 44 -9.29 -3.60 -7.77
CA LYS A 44 -9.18 -4.09 -9.16
C LYS A 44 -8.86 -2.98 -10.17
N ARG A 45 -9.40 -1.76 -9.96
CA ARG A 45 -9.14 -0.57 -10.78
C ARG A 45 -7.74 0.00 -10.51
N ILE A 46 -7.37 0.10 -9.23
CA ILE A 46 -6.08 0.63 -8.78
C ILE A 46 -4.91 -0.21 -9.31
N ALA A 47 -5.09 -1.52 -9.49
CA ALA A 47 -4.09 -2.39 -10.12
C ALA A 47 -3.57 -1.82 -11.46
N LYS A 48 -4.49 -1.42 -12.34
CA LYS A 48 -4.21 -0.80 -13.64
C LYS A 48 -3.80 0.68 -13.52
N LYS A 49 -4.44 1.41 -12.60
CA LYS A 49 -4.23 2.86 -12.39
C LYS A 49 -2.85 3.20 -11.80
N ALA A 50 -2.36 2.37 -10.88
CA ALA A 50 -1.08 2.50 -10.19
C ALA A 50 0.04 1.63 -10.81
N GLY A 51 -0.31 0.61 -11.60
CA GLY A 51 0.64 -0.30 -12.27
C GLY A 51 1.15 -1.44 -11.37
N ILE A 52 0.30 -1.97 -10.50
CA ILE A 52 0.63 -3.02 -9.52
C ILE A 52 0.68 -4.40 -10.21
N SER A 53 1.73 -5.19 -9.94
CA SER A 53 1.89 -6.56 -10.47
C SER A 53 0.82 -7.50 -9.90
N GLU A 54 0.35 -8.48 -10.67
CA GLU A 54 -0.72 -9.41 -10.24
C GLU A 54 -0.34 -10.21 -8.98
N GLU A 55 0.95 -10.54 -8.83
CA GLU A 55 1.51 -11.27 -7.67
C GLU A 55 1.48 -10.44 -6.38
N LEU A 56 1.67 -9.12 -6.52
CA LEU A 56 1.54 -8.13 -5.45
C LEU A 56 0.04 -7.87 -5.16
N LEU A 57 -0.76 -7.63 -6.20
CA LEU A 57 -2.19 -7.34 -6.12
C LEU A 57 -2.98 -8.39 -5.32
N ARG A 58 -2.63 -9.68 -5.48
CA ARG A 58 -3.17 -10.79 -4.67
C ARG A 58 -3.05 -10.52 -3.17
N ARG A 59 -1.91 -9.99 -2.72
CA ARG A 59 -1.68 -9.66 -1.30
C ARG A 59 -2.50 -8.47 -0.84
N ILE A 60 -2.69 -7.43 -1.70
CA ILE A 60 -3.59 -6.31 -1.39
C ILE A 60 -5.02 -6.82 -1.16
N LEU A 61 -5.53 -7.66 -2.08
CA LEU A 61 -6.88 -8.24 -1.95
C LEU A 61 -7.01 -9.12 -0.69
N GLN A 62 -5.98 -9.91 -0.35
CA GLN A 62 -5.96 -10.74 0.87
C GLN A 62 -5.94 -9.90 2.15
N SER A 63 -5.25 -8.76 2.17
CA SER A 63 -5.22 -7.85 3.33
C SER A 63 -6.58 -7.23 3.64
N PHE A 64 -7.43 -7.01 2.64
CA PHE A 64 -8.78 -6.47 2.83
C PHE A 64 -9.75 -7.44 3.51
N ARG A 65 -9.58 -8.76 3.31
CA ARG A 65 -10.32 -9.81 4.03
C ARG A 65 -10.11 -9.71 5.53
N ASP A 66 -8.87 -9.45 5.95
CA ASP A 66 -8.52 -9.25 7.36
C ASP A 66 -8.92 -7.87 7.88
N GLY A 67 -8.61 -6.79 7.14
CA GLY A 67 -9.05 -5.43 7.42
C GLY A 67 -8.52 -4.80 8.73
N GLN A 68 -7.49 -5.40 9.35
CA GLN A 68 -7.02 -5.05 10.70
C GLN A 68 -6.24 -3.72 10.77
N TYR A 69 -5.85 -3.17 9.62
CA TYR A 69 -5.07 -1.93 9.47
C TYR A 69 -5.93 -0.81 8.86
N ASP A 70 -5.55 0.45 9.12
CA ASP A 70 -6.28 1.62 8.59
C ASP A 70 -5.84 1.97 7.16
N LEU A 71 -4.60 1.63 6.79
CA LEU A 71 -4.01 1.85 5.47
C LEU A 71 -3.05 0.73 5.05
N PHE A 72 -2.77 0.66 3.75
CA PHE A 72 -1.94 -0.39 3.14
C PHE A 72 -0.85 0.21 2.23
N PHE A 73 0.38 -0.27 2.35
CA PHE A 73 1.57 0.22 1.62
C PHE A 73 2.09 -0.86 0.64
N ILE A 74 2.23 -0.50 -0.63
CA ILE A 74 2.64 -1.39 -1.73
C ILE A 74 4.15 -1.26 -1.97
N ALA A 75 4.95 -2.08 -1.29
CA ALA A 75 6.40 -2.13 -1.48
C ALA A 75 6.77 -3.25 -2.45
N LYS A 76 6.91 -2.95 -3.74
CA LYS A 76 7.32 -3.96 -4.74
C LYS A 76 8.77 -4.39 -4.55
N THR A 77 9.61 -3.45 -4.11
CA THR A 77 11.07 -3.58 -3.98
C THR A 77 11.51 -3.30 -2.54
N GLU A 78 12.68 -3.79 -2.13
CA GLU A 78 13.31 -3.42 -0.84
C GLU A 78 13.63 -1.91 -0.77
N ASP A 79 13.92 -1.27 -1.90
CA ASP A 79 14.05 0.19 -2.02
C ASP A 79 12.72 0.92 -1.75
N ASP A 80 11.57 0.29 -2.05
CA ASP A 80 10.25 0.80 -1.67
C ASP A 80 9.97 0.51 -0.18
N GLU A 81 10.38 -0.66 0.32
CA GLU A 81 10.15 -1.06 1.70
C GLU A 81 10.82 -0.11 2.71
N ARG A 82 11.97 0.49 2.34
CA ARG A 82 12.63 1.55 3.10
C ARG A 82 11.75 2.79 3.22
N ARG A 83 11.05 3.15 2.14
CA ARG A 83 10.17 4.32 2.03
C ARG A 83 8.90 4.14 2.85
N ALA A 84 8.36 2.92 2.90
CA ALA A 84 7.26 2.53 3.79
C ALA A 84 7.66 2.62 5.28
N ARG A 85 8.83 2.08 5.63
CA ARG A 85 9.34 2.02 7.01
C ARG A 85 9.53 3.39 7.62
N GLU A 86 10.17 4.33 6.92
CA GLU A 86 10.37 5.70 7.43
C GLU A 86 9.05 6.49 7.53
N LEU A 87 8.09 6.23 6.64
CA LEU A 87 6.79 6.90 6.63
C LEU A 87 5.92 6.43 7.81
N LYS A 88 5.86 5.11 8.07
CA LYS A 88 5.11 4.56 9.21
C LYS A 88 5.61 5.09 10.56
N GLU A 89 6.92 5.34 10.68
CA GLU A 89 7.54 5.87 11.90
C GLU A 89 7.00 7.27 12.25
N ARG A 90 6.92 8.17 11.28
CA ARG A 90 6.35 9.53 11.43
C ARG A 90 4.82 9.56 11.48
N MET A 91 4.16 8.55 10.89
CA MET A 91 2.70 8.41 10.85
C MET A 91 2.09 7.86 12.16
N GLY A 92 2.82 7.00 12.89
CA GLY A 92 2.43 6.45 14.19
C GLY A 92 1.37 5.33 14.13
N LYS A 93 0.32 5.49 13.31
CA LYS A 93 -0.72 4.48 13.06
C LYS A 93 -0.14 3.20 12.42
N PRO A 94 -0.71 2.02 12.69
CA PRO A 94 -0.20 0.76 12.16
C PRO A 94 -0.47 0.64 10.65
N VAL A 95 0.49 0.09 9.93
CA VAL A 95 0.47 -0.12 8.47
C VAL A 95 0.94 -1.54 8.15
N GLU A 96 0.30 -2.22 7.20
CA GLU A 96 0.78 -3.52 6.69
C GLU A 96 1.57 -3.33 5.39
N ILE A 97 2.75 -3.96 5.33
CA ILE A 97 3.71 -3.86 4.23
C ILE A 97 3.47 -5.03 3.26
N LEU A 98 3.18 -4.72 2.00
CA LEU A 98 2.85 -5.71 0.97
C LEU A 98 4.00 -5.85 -0.01
N ARG A 99 4.63 -7.04 -0.06
CA ARG A 99 5.86 -7.37 -0.82
C ARG A 99 5.69 -8.60 -1.70
N GLY A 100 6.33 -8.61 -2.87
CA GLY A 100 6.43 -9.80 -3.73
C GLY A 100 7.48 -10.78 -3.20
N SER A 101 7.19 -12.08 -3.25
CA SER A 101 8.09 -13.17 -2.86
C SER A 101 7.93 -14.41 -3.75
N LEU A 102 9.04 -15.07 -4.09
CA LEU A 102 9.11 -16.26 -4.95
C LEU A 102 10.12 -17.29 -4.41
N GLU A 103 9.93 -18.56 -4.77
CA GLU A 103 10.88 -19.66 -4.56
C GLU A 103 11.48 -20.15 -5.89
N HIS A 104 12.76 -20.53 -5.89
CA HIS A 104 13.44 -21.08 -7.08
C HIS A 104 12.98 -22.51 -7.40
N HIS A 105 12.71 -22.80 -8.67
CA HIS A 105 12.34 -24.14 -9.14
C HIS A 105 13.56 -25.07 -9.25
N HIS A 106 13.36 -26.36 -8.97
CA HIS A 106 14.38 -27.42 -9.06
C HIS A 106 13.76 -28.80 -9.35
N HIS A 107 14.56 -29.69 -9.94
CA HIS A 107 14.16 -31.06 -10.30
C HIS A 107 15.03 -32.15 -9.62
N HIS A 108 15.95 -31.74 -8.75
CA HIS A 108 16.92 -32.60 -8.05
C HIS A 108 17.04 -32.20 -6.56
N HIS A 109 17.66 -33.06 -5.76
CA HIS A 109 17.87 -32.91 -4.31
C HIS A 109 19.33 -33.15 -3.90
N GLY A 1 5.46 19.95 1.35
CA GLY A 1 5.92 18.70 0.70
C GLY A 1 4.73 17.81 0.37
N GLU A 2 4.48 17.56 -0.92
CA GLU A 2 3.30 16.82 -1.41
C GLU A 2 3.20 15.40 -0.81
N ASP A 3 4.32 14.70 -0.66
CA ASP A 3 4.40 13.35 -0.12
C ASP A 3 4.45 13.26 1.43
N ASP A 4 4.29 14.39 2.12
CA ASP A 4 4.08 14.46 3.58
C ASP A 4 2.72 15.07 3.98
N GLU A 5 2.15 16.01 3.22
CA GLU A 5 0.82 16.58 3.55
C GLU A 5 -0.32 15.56 3.46
N ILE A 6 -0.19 14.63 2.52
CA ILE A 6 -1.09 13.50 2.27
C ILE A 6 -1.25 12.60 3.49
N LEU A 7 -0.25 12.62 4.37
CA LEU A 7 -0.20 11.77 5.56
C LEU A 7 -1.40 12.07 6.47
N GLN A 8 -1.67 13.36 6.70
CA GLN A 8 -2.82 13.82 7.48
C GLN A 8 -4.15 13.66 6.72
N ARG A 9 -4.15 13.87 5.40
CA ARG A 9 -5.33 13.66 4.53
C ARG A 9 -5.85 12.22 4.64
N ALA A 10 -4.94 11.25 4.69
CA ALA A 10 -5.27 9.84 4.87
C ALA A 10 -6.02 9.59 6.20
N LYS A 11 -5.53 10.14 7.31
CA LYS A 11 -6.19 10.00 8.63
C LYS A 11 -7.59 10.63 8.62
N ASP A 12 -7.72 11.79 7.98
CA ASP A 12 -8.97 12.55 7.88
C ASP A 12 -10.06 11.86 7.05
N ILE A 13 -9.69 11.03 6.05
CA ILE A 13 -10.64 10.16 5.33
C ILE A 13 -11.23 9.10 6.28
N LEU A 14 -10.39 8.42 7.08
CA LEU A 14 -10.86 7.40 8.03
C LEU A 14 -11.68 8.00 9.19
N LYS A 15 -11.41 9.25 9.58
CA LYS A 15 -12.20 10.01 10.57
C LYS A 15 -13.65 10.16 10.11
N GLU A 16 -13.87 10.48 8.84
CA GLU A 16 -15.20 10.66 8.25
C GLU A 16 -15.84 9.34 7.74
N ASP A 17 -15.04 8.39 7.28
CA ASP A 17 -15.47 7.12 6.68
C ASP A 17 -14.66 5.95 7.30
N PRO A 18 -14.97 5.53 8.56
CA PRO A 18 -14.25 4.46 9.26
C PRO A 18 -14.53 3.06 8.67
N ASN A 19 -15.57 2.94 7.83
CA ASN A 19 -15.96 1.72 7.13
C ASN A 19 -15.18 1.51 5.81
N ARG A 20 -14.35 2.47 5.41
CA ARG A 20 -13.49 2.44 4.20
C ARG A 20 -12.03 2.16 4.56
N LYS A 21 -11.19 2.05 3.53
CA LYS A 21 -9.74 1.79 3.58
C LYS A 21 -8.97 2.74 2.66
N ILE A 22 -7.65 2.67 2.77
CA ILE A 22 -6.70 3.46 1.97
C ILE A 22 -5.64 2.57 1.36
N LEU A 23 -5.28 2.87 0.11
CA LEU A 23 -4.11 2.31 -0.58
C LEU A 23 -3.10 3.41 -0.87
N ILE A 24 -1.83 3.11 -0.71
CA ILE A 24 -0.71 4.04 -0.94
C ILE A 24 0.24 3.44 -1.97
N ILE A 25 0.55 4.23 -3.00
CA ILE A 25 1.43 3.84 -4.11
C ILE A 25 2.77 4.54 -3.94
N LEU A 26 3.83 3.73 -3.90
CA LEU A 26 5.22 4.17 -3.79
C LEU A 26 5.82 4.38 -5.19
N ASN A 27 6.35 5.58 -5.43
CA ASN A 27 7.11 5.92 -6.64
C ASN A 27 8.62 5.68 -6.42
N PRO A 28 9.39 5.28 -7.44
CA PRO A 28 10.81 4.93 -7.30
C PRO A 28 11.72 6.10 -6.90
N ASP A 29 11.26 7.35 -7.09
CA ASP A 29 11.92 8.58 -6.63
C ASP A 29 11.74 8.86 -5.12
N GLY A 30 11.01 8.01 -4.39
CA GLY A 30 10.63 8.19 -2.98
C GLY A 30 9.34 8.99 -2.76
N LYS A 31 8.78 9.55 -3.84
CA LYS A 31 7.45 10.19 -3.91
C LYS A 31 6.32 9.18 -3.63
N ILE A 32 5.13 9.68 -3.31
CA ILE A 32 3.97 8.88 -2.92
C ILE A 32 2.68 9.34 -3.60
N GLU A 33 1.69 8.46 -3.72
CA GLU A 33 0.32 8.77 -4.16
C GLU A 33 -0.71 8.10 -3.23
N LEU A 34 -1.79 8.82 -2.90
CA LEU A 34 -2.85 8.38 -1.99
C LEU A 34 -4.13 8.02 -2.78
N TYR A 35 -4.69 6.84 -2.47
CA TYR A 35 -5.97 6.35 -3.01
C TYR A 35 -6.94 5.96 -1.89
N GLU A 36 -8.22 6.18 -2.16
CA GLU A 36 -9.34 5.74 -1.31
C GLU A 36 -10.04 4.51 -1.94
N VAL A 37 -10.37 3.52 -1.12
CA VAL A 37 -10.86 2.20 -1.54
C VAL A 37 -11.78 1.59 -0.48
N THR A 38 -12.81 0.84 -0.87
CA THR A 38 -13.84 0.33 0.08
C THR A 38 -13.99 -1.20 0.08
N SER A 39 -13.58 -1.86 -1.00
CA SER A 39 -13.80 -3.29 -1.28
C SER A 39 -12.75 -3.83 -2.25
N GLU A 40 -12.57 -5.15 -2.34
CA GLU A 40 -11.63 -5.78 -3.31
C GLU A 40 -11.92 -5.41 -4.78
N GLU A 41 -13.19 -5.21 -5.14
CA GLU A 41 -13.62 -4.75 -6.47
C GLU A 41 -13.12 -3.32 -6.78
N ASP A 42 -12.90 -2.49 -5.75
CA ASP A 42 -12.32 -1.16 -5.87
C ASP A 42 -10.80 -1.25 -6.12
N ILE A 43 -10.11 -2.17 -5.41
CA ILE A 43 -8.67 -2.46 -5.56
C ILE A 43 -8.33 -2.95 -6.97
N LYS A 44 -9.22 -3.72 -7.61
CA LYS A 44 -9.08 -4.19 -9.00
C LYS A 44 -8.84 -3.05 -10.01
N ARG A 45 -9.40 -1.85 -9.77
CA ARG A 45 -9.12 -0.64 -10.57
C ARG A 45 -7.73 -0.08 -10.27
N ILE A 46 -7.38 0.03 -8.98
CA ILE A 46 -6.06 0.53 -8.53
C ILE A 46 -4.92 -0.28 -9.14
N ALA A 47 -5.08 -1.59 -9.38
CA ALA A 47 -4.08 -2.44 -10.03
C ALA A 47 -3.60 -1.87 -11.38
N LYS A 48 -4.54 -1.48 -12.24
CA LYS A 48 -4.28 -0.86 -13.55
C LYS A 48 -3.89 0.62 -13.45
N LYS A 49 -4.48 1.34 -12.48
CA LYS A 49 -4.23 2.78 -12.24
C LYS A 49 -2.82 3.07 -11.72
N ALA A 50 -2.28 2.17 -10.89
CA ALA A 50 -1.00 2.31 -10.20
C ALA A 50 0.13 1.42 -10.79
N GLY A 51 -0.22 0.39 -11.59
CA GLY A 51 0.76 -0.53 -12.19
C GLY A 51 1.20 -1.67 -11.27
N ILE A 52 0.27 -2.22 -10.47
CA ILE A 52 0.53 -3.29 -9.50
C ILE A 52 0.45 -4.65 -10.20
N SER A 53 1.50 -5.48 -10.08
CA SER A 53 1.51 -6.86 -10.62
C SER A 53 0.58 -7.78 -9.83
N GLU A 54 -0.02 -8.78 -10.49
CA GLU A 54 -0.98 -9.70 -9.88
C GLU A 54 -0.44 -10.43 -8.63
N GLU A 55 0.88 -10.72 -8.64
CA GLU A 55 1.62 -11.37 -7.56
C GLU A 55 1.65 -10.55 -6.26
N LEU A 56 1.66 -9.22 -6.39
CA LEU A 56 1.51 -8.27 -5.29
C LEU A 56 0.04 -7.94 -5.03
N LEU A 57 -0.76 -7.72 -6.07
CA LEU A 57 -2.17 -7.36 -5.95
C LEU A 57 -2.96 -8.35 -5.08
N ARG A 58 -2.70 -9.67 -5.20
CA ARG A 58 -3.37 -10.70 -4.37
C ARG A 58 -3.11 -10.52 -2.87
N ARG A 59 -1.95 -9.96 -2.51
CA ARG A 59 -1.57 -9.56 -1.13
C ARG A 59 -2.43 -8.39 -0.65
N ILE A 60 -2.66 -7.39 -1.51
CA ILE A 60 -3.54 -6.24 -1.21
C ILE A 60 -4.97 -6.74 -0.93
N LEU A 61 -5.50 -7.65 -1.76
CA LEU A 61 -6.84 -8.23 -1.56
C LEU A 61 -6.95 -8.98 -0.21
N GLN A 62 -5.90 -9.73 0.19
CA GLN A 62 -5.83 -10.42 1.49
C GLN A 62 -5.80 -9.46 2.68
N SER A 63 -5.08 -8.33 2.57
CA SER A 63 -5.08 -7.29 3.60
C SER A 63 -6.47 -6.71 3.87
N PHE A 64 -7.31 -6.59 2.84
CA PHE A 64 -8.70 -6.15 2.99
C PHE A 64 -9.60 -7.23 3.62
N ARG A 65 -9.36 -8.51 3.33
CA ARG A 65 -10.11 -9.66 3.86
C ARG A 65 -10.00 -9.72 5.39
N ASP A 66 -8.79 -9.51 5.91
CA ASP A 66 -8.52 -9.43 7.35
C ASP A 66 -8.88 -8.05 7.93
N GLY A 67 -8.62 -6.96 7.20
CA GLY A 67 -9.13 -5.61 7.48
C GLY A 67 -8.66 -4.94 8.78
N GLN A 68 -7.58 -5.40 9.41
CA GLN A 68 -7.19 -4.95 10.76
C GLN A 68 -6.45 -3.59 10.82
N TYR A 69 -6.06 -3.04 9.66
CA TYR A 69 -5.22 -1.84 9.54
C TYR A 69 -5.97 -0.60 9.04
N ASP A 70 -5.41 0.57 9.33
CA ASP A 70 -5.97 1.89 9.00
C ASP A 70 -5.65 2.33 7.55
N LEU A 71 -4.53 1.83 7.00
CA LEU A 71 -4.05 2.08 5.62
C LEU A 71 -3.10 0.95 5.13
N PHE A 72 -2.83 0.91 3.81
CA PHE A 72 -2.00 -0.11 3.18
C PHE A 72 -0.91 0.47 2.26
N PHE A 73 0.31 -0.08 2.29
CA PHE A 73 1.49 0.34 1.51
C PHE A 73 1.96 -0.78 0.56
N ILE A 74 2.31 -0.41 -0.69
CA ILE A 74 2.74 -1.33 -1.75
C ILE A 74 4.26 -1.22 -1.97
N ALA A 75 5.02 -2.26 -1.63
CA ALA A 75 6.47 -2.30 -1.83
C ALA A 75 6.79 -3.32 -2.92
N LYS A 76 6.96 -2.87 -4.17
CA LYS A 76 7.38 -3.74 -5.30
C LYS A 76 8.85 -4.17 -5.19
N THR A 77 9.66 -3.41 -4.46
CA THR A 77 11.08 -3.67 -4.19
C THR A 77 11.45 -3.26 -2.75
N GLU A 78 12.54 -3.80 -2.20
CA GLU A 78 13.00 -3.49 -0.83
C GLU A 78 13.43 -2.02 -0.64
N ASP A 79 13.85 -1.33 -1.70
CA ASP A 79 14.13 0.11 -1.70
C ASP A 79 12.85 0.97 -1.62
N ASP A 80 11.70 0.43 -2.06
CA ASP A 80 10.39 1.05 -1.82
C ASP A 80 9.93 0.76 -0.39
N GLU A 81 10.13 -0.49 0.07
CA GLU A 81 9.83 -0.91 1.45
C GLU A 81 10.52 -0.05 2.51
N ARG A 82 11.73 0.44 2.20
CA ARG A 82 12.50 1.41 2.99
C ARG A 82 11.73 2.71 3.24
N ARG A 83 11.04 3.24 2.23
CA ARG A 83 10.18 4.44 2.35
C ARG A 83 8.95 4.17 3.21
N ALA A 84 8.37 2.98 3.11
CA ALA A 84 7.21 2.55 3.90
C ALA A 84 7.50 2.44 5.41
N ARG A 85 8.59 1.77 5.79
CA ARG A 85 8.94 1.55 7.21
C ARG A 85 9.40 2.83 7.94
N GLU A 86 10.01 3.77 7.22
CA GLU A 86 10.35 5.10 7.77
C GLU A 86 9.12 6.02 7.89
N LEU A 87 8.14 5.89 7.00
CA LEU A 87 6.86 6.62 7.04
C LEU A 87 6.01 6.19 8.25
N LYS A 88 5.96 4.91 8.59
CA LYS A 88 5.21 4.39 9.76
C LYS A 88 5.59 5.10 11.07
N GLU A 89 6.87 5.47 11.24
CA GLU A 89 7.37 6.15 12.45
C GLU A 89 6.77 7.55 12.62
N ARG A 90 6.72 8.36 11.55
CA ARG A 90 6.12 9.72 11.56
C ARG A 90 4.59 9.70 11.53
N MET A 91 4.00 8.63 11.00
CA MET A 91 2.54 8.42 10.93
C MET A 91 1.95 7.91 12.26
N GLY A 92 2.72 7.17 13.05
CA GLY A 92 2.38 6.80 14.44
C GLY A 92 1.16 5.89 14.61
N LYS A 93 0.71 5.21 13.55
CA LYS A 93 -0.47 4.32 13.51
C LYS A 93 -0.20 3.07 12.66
N PRO A 94 -1.00 1.99 12.84
CA PRO A 94 -0.78 0.72 12.16
C PRO A 94 -0.95 0.82 10.63
N VAL A 95 0.04 0.29 9.90
CA VAL A 95 0.06 0.18 8.44
C VAL A 95 0.64 -1.20 8.07
N GLU A 96 0.05 -1.87 7.07
CA GLU A 96 0.53 -3.16 6.58
C GLU A 96 1.20 -3.04 5.20
N ILE A 97 2.32 -3.75 5.05
CA ILE A 97 3.21 -3.71 3.88
C ILE A 97 2.94 -4.93 2.99
N LEU A 98 2.72 -4.71 1.70
CA LEU A 98 2.59 -5.78 0.71
C LEU A 98 3.75 -5.80 -0.29
N ARG A 99 4.41 -6.95 -0.43
CA ARG A 99 5.41 -7.27 -1.46
C ARG A 99 5.05 -8.59 -2.16
N GLY A 100 5.27 -8.67 -3.47
CA GLY A 100 4.77 -9.76 -4.33
C GLY A 100 5.39 -11.15 -4.08
N SER A 101 4.59 -12.19 -4.33
CA SER A 101 5.00 -13.60 -4.22
C SER A 101 5.60 -14.13 -5.53
N LEU A 102 6.91 -14.35 -5.56
CA LEU A 102 7.65 -14.90 -6.71
C LEU A 102 7.72 -16.44 -6.66
N GLU A 103 7.88 -17.09 -7.82
CA GLU A 103 8.02 -18.55 -7.97
C GLU A 103 9.33 -18.93 -8.68
N HIS A 104 9.94 -20.04 -8.28
CA HIS A 104 11.16 -20.62 -8.87
C HIS A 104 10.87 -21.95 -9.59
N HIS A 105 11.63 -22.23 -10.67
CA HIS A 105 11.55 -23.50 -11.41
C HIS A 105 12.06 -24.70 -10.56
N HIS A 106 11.47 -25.88 -10.76
CA HIS A 106 11.81 -27.10 -10.02
C HIS A 106 13.14 -27.74 -10.50
N HIS A 107 13.96 -28.20 -9.55
CA HIS A 107 15.21 -28.93 -9.81
C HIS A 107 14.96 -30.44 -9.89
N HIS A 108 14.62 -30.93 -11.09
CA HIS A 108 14.38 -32.36 -11.36
C HIS A 108 15.69 -33.14 -11.56
N HIS A 109 15.63 -34.47 -11.39
CA HIS A 109 16.69 -35.42 -11.74
C HIS A 109 16.96 -35.46 -13.27
N GLY A 1 5.21 19.30 1.15
CA GLY A 1 5.86 18.00 0.85
C GLY A 1 4.81 16.94 0.54
N GLU A 2 4.91 16.28 -0.62
CA GLU A 2 3.86 15.40 -1.16
C GLU A 2 3.49 14.24 -0.22
N ASP A 3 4.48 13.53 0.35
CA ASP A 3 4.24 12.44 1.29
C ASP A 3 3.92 12.88 2.74
N ASP A 4 3.89 14.19 3.00
CA ASP A 4 3.53 14.80 4.29
C ASP A 4 2.11 15.39 4.30
N GLU A 5 1.65 15.97 3.20
CA GLU A 5 0.28 16.50 3.08
C GLU A 5 -0.77 15.39 3.01
N ILE A 6 -0.49 14.36 2.21
CA ILE A 6 -1.36 13.18 2.04
C ILE A 6 -1.48 12.37 3.33
N LEU A 7 -0.44 12.42 4.17
CA LEU A 7 -0.38 11.71 5.44
C LEU A 7 -1.51 12.18 6.37
N GLN A 8 -1.77 13.49 6.40
CA GLN A 8 -2.86 14.10 7.16
C GLN A 8 -4.23 13.82 6.52
N ARG A 9 -4.32 13.86 5.18
CA ARG A 9 -5.54 13.52 4.42
C ARG A 9 -5.98 12.07 4.66
N ALA A 10 -5.03 11.14 4.81
CA ALA A 10 -5.31 9.76 5.15
C ALA A 10 -6.06 9.63 6.49
N LYS A 11 -5.57 10.31 7.54
CA LYS A 11 -6.22 10.33 8.86
C LYS A 11 -7.59 11.01 8.82
N ASP A 12 -7.74 12.08 8.04
CA ASP A 12 -9.02 12.78 7.84
C ASP A 12 -10.07 11.90 7.13
N ILE A 13 -9.68 11.10 6.14
CA ILE A 13 -10.55 10.12 5.47
C ILE A 13 -11.08 9.09 6.49
N LEU A 14 -10.23 8.51 7.34
CA LEU A 14 -10.67 7.54 8.35
C LEU A 14 -11.51 8.18 9.47
N LYS A 15 -11.26 9.46 9.81
CA LYS A 15 -12.05 10.19 10.82
C LYS A 15 -13.51 10.38 10.36
N GLU A 16 -13.72 10.65 9.07
CA GLU A 16 -15.07 10.80 8.47
C GLU A 16 -15.68 9.47 8.01
N ASP A 17 -14.87 8.50 7.56
CA ASP A 17 -15.30 7.22 7.00
C ASP A 17 -14.45 6.07 7.58
N PRO A 18 -14.69 5.66 8.85
CA PRO A 18 -13.92 4.61 9.52
C PRO A 18 -14.18 3.21 8.96
N ASN A 19 -15.24 3.04 8.16
CA ASN A 19 -15.63 1.80 7.50
C ASN A 19 -14.90 1.60 6.14
N ARG A 20 -14.13 2.59 5.68
CA ARG A 20 -13.35 2.57 4.43
C ARG A 20 -11.86 2.29 4.69
N LYS A 21 -11.10 2.09 3.62
CA LYS A 21 -9.67 1.78 3.60
C LYS A 21 -8.90 2.73 2.66
N ILE A 22 -7.58 2.66 2.74
CA ILE A 22 -6.65 3.45 1.94
C ILE A 22 -5.59 2.55 1.31
N LEU A 23 -5.24 2.82 0.06
CA LEU A 23 -4.08 2.24 -0.63
C LEU A 23 -3.04 3.32 -0.93
N ILE A 24 -1.76 2.95 -0.86
CA ILE A 24 -0.61 3.83 -1.07
C ILE A 24 0.34 3.21 -2.09
N ILE A 25 0.75 4.02 -3.08
CA ILE A 25 1.67 3.62 -4.15
C ILE A 25 3.03 4.28 -3.92
N LEU A 26 4.05 3.44 -3.81
CA LEU A 26 5.41 3.80 -3.43
C LEU A 26 6.26 4.02 -4.68
N ASN A 27 6.65 5.27 -4.96
CA ASN A 27 7.55 5.61 -6.07
C ASN A 27 9.02 5.76 -5.59
N PRO A 28 10.02 5.33 -6.39
CA PRO A 28 11.42 5.25 -5.97
C PRO A 28 12.13 6.61 -5.88
N ASP A 29 11.60 7.64 -6.54
CA ASP A 29 12.10 9.02 -6.48
C ASP A 29 11.73 9.75 -5.16
N GLY A 30 11.05 9.06 -4.24
CA GLY A 30 10.55 9.62 -2.97
C GLY A 30 9.15 10.25 -3.08
N LYS A 31 8.54 10.24 -4.27
CA LYS A 31 7.13 10.59 -4.49
C LYS A 31 6.17 9.56 -3.89
N ILE A 32 4.94 9.94 -3.55
CA ILE A 32 3.90 9.00 -3.07
C ILE A 32 2.53 9.34 -3.68
N GLU A 33 1.67 8.34 -3.87
CA GLU A 33 0.29 8.53 -4.33
C GLU A 33 -0.68 7.80 -3.38
N LEU A 34 -1.81 8.45 -3.06
CA LEU A 34 -2.83 7.92 -2.13
C LEU A 34 -4.16 7.67 -2.87
N TYR A 35 -4.78 6.53 -2.57
CA TYR A 35 -6.06 6.09 -3.11
C TYR A 35 -7.07 5.78 -2.01
N GLU A 36 -8.33 6.15 -2.26
CA GLU A 36 -9.47 5.83 -1.39
C GLU A 36 -10.25 4.63 -1.97
N VAL A 37 -10.54 3.63 -1.13
CA VAL A 37 -11.07 2.32 -1.53
C VAL A 37 -11.89 1.71 -0.38
N THR A 38 -12.96 0.97 -0.71
CA THR A 38 -13.95 0.49 0.29
C THR A 38 -14.12 -1.04 0.32
N SER A 39 -13.74 -1.73 -0.77
CA SER A 39 -13.85 -3.18 -0.94
C SER A 39 -12.76 -3.68 -1.89
N GLU A 40 -12.46 -4.99 -1.86
CA GLU A 40 -11.59 -5.63 -2.85
C GLU A 40 -12.04 -5.38 -4.29
N GLU A 41 -13.33 -5.17 -4.52
CA GLU A 41 -13.90 -4.87 -5.86
C GLU A 41 -13.32 -3.58 -6.46
N ASP A 42 -13.01 -2.57 -5.64
CA ASP A 42 -12.44 -1.30 -6.11
C ASP A 42 -10.94 -1.42 -6.41
N ILE A 43 -10.21 -2.24 -5.64
CA ILE A 43 -8.75 -2.49 -5.79
C ILE A 43 -8.39 -2.98 -7.20
N LYS A 44 -9.29 -3.73 -7.86
CA LYS A 44 -9.09 -4.20 -9.26
C LYS A 44 -8.84 -3.04 -10.23
N ARG A 45 -9.41 -1.85 -9.99
CA ARG A 45 -9.14 -0.66 -10.80
C ARG A 45 -7.76 -0.07 -10.49
N ILE A 46 -7.39 -0.03 -9.21
CA ILE A 46 -6.09 0.48 -8.72
C ILE A 46 -4.92 -0.31 -9.33
N ALA A 47 -5.09 -1.62 -9.56
CA ALA A 47 -4.07 -2.47 -10.20
C ALA A 47 -3.59 -1.91 -11.55
N LYS A 48 -4.52 -1.51 -12.42
CA LYS A 48 -4.23 -0.88 -13.72
C LYS A 48 -3.85 0.61 -13.57
N LYS A 49 -4.45 1.33 -12.62
CA LYS A 49 -4.18 2.77 -12.37
C LYS A 49 -2.75 3.03 -11.86
N ALA A 50 -2.24 2.14 -11.01
CA ALA A 50 -0.95 2.25 -10.33
C ALA A 50 0.16 1.31 -10.89
N GLY A 51 -0.22 0.27 -11.67
CA GLY A 51 0.74 -0.68 -12.24
C GLY A 51 1.20 -1.79 -11.26
N ILE A 52 0.27 -2.30 -10.44
CA ILE A 52 0.55 -3.30 -9.40
C ILE A 52 0.65 -4.70 -10.01
N SER A 53 1.72 -5.43 -9.71
CA SER A 53 1.94 -6.82 -10.15
C SER A 53 0.86 -7.75 -9.59
N GLU A 54 0.41 -8.75 -10.37
CA GLU A 54 -0.69 -9.64 -9.94
C GLU A 54 -0.34 -10.45 -8.67
N GLU A 55 0.94 -10.80 -8.50
CA GLU A 55 1.47 -11.55 -7.35
C GLU A 55 1.43 -10.74 -6.05
N LEU A 56 1.54 -9.42 -6.16
CA LEU A 56 1.36 -8.46 -5.08
C LEU A 56 -0.13 -8.10 -4.89
N LEU A 57 -0.86 -7.85 -5.98
CA LEU A 57 -2.27 -7.43 -5.98
C LEU A 57 -3.15 -8.38 -5.16
N ARG A 58 -2.99 -9.70 -5.33
CA ARG A 58 -3.75 -10.71 -4.58
C ARG A 58 -3.58 -10.59 -3.06
N ARG A 59 -2.44 -10.08 -2.60
CA ARG A 59 -2.13 -9.80 -1.19
C ARG A 59 -2.84 -8.53 -0.72
N ILE A 60 -2.96 -7.50 -1.56
CA ILE A 60 -3.81 -6.32 -1.29
C ILE A 60 -5.27 -6.78 -1.06
N LEU A 61 -5.80 -7.66 -1.93
CA LEU A 61 -7.15 -8.20 -1.78
C LEU A 61 -7.31 -8.97 -0.44
N GLN A 62 -6.34 -9.81 -0.08
CA GLN A 62 -6.29 -10.55 1.18
C GLN A 62 -6.22 -9.64 2.42
N SER A 63 -5.51 -8.52 2.34
CA SER A 63 -5.41 -7.53 3.43
C SER A 63 -6.74 -6.83 3.72
N PHE A 64 -7.58 -6.60 2.71
CA PHE A 64 -8.94 -6.08 2.91
C PHE A 64 -9.85 -7.12 3.57
N ARG A 65 -9.66 -8.41 3.24
CA ARG A 65 -10.34 -9.55 3.87
C ARG A 65 -9.96 -9.72 5.35
N ASP A 66 -8.71 -9.39 5.70
CA ASP A 66 -8.27 -9.32 7.11
C ASP A 66 -8.84 -8.09 7.83
N GLY A 67 -8.77 -6.91 7.20
CA GLY A 67 -9.46 -5.68 7.60
C GLY A 67 -8.92 -4.93 8.83
N GLN A 68 -7.81 -5.35 9.43
CA GLN A 68 -7.34 -4.84 10.73
C GLN A 68 -6.54 -3.51 10.68
N TYR A 69 -6.17 -3.03 9.49
CA TYR A 69 -5.33 -1.84 9.30
C TYR A 69 -6.12 -0.64 8.73
N ASP A 70 -5.62 0.58 8.97
CA ASP A 70 -6.24 1.81 8.47
C ASP A 70 -5.83 2.13 7.02
N LEU A 71 -4.57 1.84 6.65
CA LEU A 71 -3.99 2.09 5.33
C LEU A 71 -3.03 0.95 4.89
N PHE A 72 -2.75 0.89 3.59
CA PHE A 72 -1.97 -0.21 2.98
C PHE A 72 -0.86 0.29 2.07
N PHE A 73 0.36 -0.26 2.21
CA PHE A 73 1.57 0.13 1.49
C PHE A 73 2.07 -1.00 0.56
N ILE A 74 2.24 -0.67 -0.72
CA ILE A 74 2.65 -1.60 -1.80
C ILE A 74 4.17 -1.52 -2.04
N ALA A 75 4.92 -2.42 -1.41
CA ALA A 75 6.38 -2.51 -1.56
C ALA A 75 6.77 -3.51 -2.66
N LYS A 76 6.80 -3.05 -3.93
CA LYS A 76 7.24 -3.88 -5.07
C LYS A 76 8.76 -4.19 -4.99
N THR A 77 9.53 -3.36 -4.29
CA THR A 77 10.99 -3.49 -4.08
C THR A 77 11.40 -3.19 -2.64
N GLU A 78 12.53 -3.71 -2.19
CA GLU A 78 13.02 -3.53 -0.80
C GLU A 78 13.40 -2.08 -0.45
N ASP A 79 13.80 -1.25 -1.44
CA ASP A 79 14.03 0.19 -1.23
C ASP A 79 12.71 0.97 -1.08
N ASP A 80 11.60 0.44 -1.60
CA ASP A 80 10.27 0.99 -1.32
C ASP A 80 9.79 0.52 0.05
N GLU A 81 10.06 -0.73 0.43
CA GLU A 81 9.83 -1.23 1.79
C GLU A 81 10.53 -0.37 2.86
N ARG A 82 11.73 0.14 2.53
CA ARG A 82 12.48 1.12 3.32
C ARG A 82 11.72 2.43 3.48
N ARG A 83 11.21 3.05 2.39
CA ARG A 83 10.47 4.33 2.47
C ARG A 83 9.12 4.18 3.19
N ALA A 84 8.47 3.03 3.05
CA ALA A 84 7.25 2.68 3.79
C ALA A 84 7.47 2.68 5.31
N ARG A 85 8.60 2.11 5.77
CA ARG A 85 9.00 2.11 7.18
C ARG A 85 9.32 3.52 7.69
N GLU A 86 10.05 4.33 6.91
CA GLU A 86 10.35 5.73 7.23
C GLU A 86 9.09 6.61 7.32
N LEU A 87 8.08 6.33 6.49
CA LEU A 87 6.77 6.99 6.53
C LEU A 87 5.94 6.55 7.75
N LYS A 88 5.89 5.24 8.07
CA LYS A 88 5.20 4.75 9.27
C LYS A 88 5.77 5.36 10.56
N GLU A 89 7.08 5.59 10.62
CA GLU A 89 7.78 6.14 11.79
C GLU A 89 7.30 7.57 12.15
N ARG A 90 7.10 8.44 11.16
CA ARG A 90 6.52 9.79 11.35
C ARG A 90 5.00 9.77 11.53
N MET A 91 4.32 8.78 10.94
CA MET A 91 2.86 8.71 10.86
C MET A 91 2.20 8.20 12.15
N GLY A 92 2.81 7.24 12.84
CA GLY A 92 2.29 6.66 14.10
C GLY A 92 1.03 5.79 13.95
N LYS A 93 0.64 5.44 12.72
CA LYS A 93 -0.52 4.59 12.37
C LYS A 93 -0.14 3.13 12.14
N PRO A 94 -1.09 2.17 12.31
CA PRO A 94 -0.89 0.79 11.88
C PRO A 94 -0.93 0.73 10.34
N VAL A 95 0.10 0.10 9.76
CA VAL A 95 0.26 -0.08 8.30
C VAL A 95 0.71 -1.51 8.02
N GLU A 96 0.14 -2.16 7.01
CA GLU A 96 0.63 -3.44 6.50
C GLU A 96 1.40 -3.24 5.19
N ILE A 97 2.57 -3.89 5.11
CA ILE A 97 3.53 -3.80 4.00
C ILE A 97 3.41 -5.04 3.11
N LEU A 98 3.28 -4.85 1.79
CA LEU A 98 2.96 -5.93 0.84
C LEU A 98 4.02 -6.09 -0.26
N ARG A 99 4.55 -7.31 -0.42
CA ARG A 99 5.64 -7.68 -1.36
C ARG A 99 5.13 -8.49 -2.56
N GLY A 100 5.81 -8.41 -3.71
CA GLY A 100 5.54 -9.29 -4.85
C GLY A 100 6.25 -8.89 -6.15
N SER A 101 7.48 -9.39 -6.33
CA SER A 101 8.26 -9.31 -7.59
C SER A 101 8.91 -10.66 -7.94
N LEU A 102 9.13 -10.91 -9.24
CA LEU A 102 9.65 -12.17 -9.77
C LEU A 102 11.18 -12.29 -9.60
N GLU A 103 11.66 -13.44 -9.12
CA GLU A 103 13.09 -13.77 -9.07
C GLU A 103 13.67 -13.97 -10.49
N HIS A 104 14.67 -13.17 -10.86
CA HIS A 104 15.17 -13.10 -12.23
C HIS A 104 16.02 -14.32 -12.61
N HIS A 105 15.75 -14.88 -13.79
CA HIS A 105 16.49 -16.02 -14.34
C HIS A 105 17.81 -15.55 -14.98
N HIS A 106 18.87 -16.36 -14.87
CA HIS A 106 20.22 -16.05 -15.31
C HIS A 106 20.73 -17.07 -16.35
N HIS A 107 21.43 -16.57 -17.38
CA HIS A 107 21.86 -17.34 -18.55
C HIS A 107 23.27 -16.93 -19.03
N HIS A 108 24.03 -17.88 -19.59
CA HIS A 108 25.40 -17.68 -20.10
C HIS A 108 25.50 -17.69 -21.64
N HIS A 109 24.53 -18.29 -22.34
CA HIS A 109 24.45 -18.41 -23.80
C HIS A 109 23.05 -18.03 -24.33
N GLY A 1 6.01 18.96 -1.92
CA GLY A 1 5.97 18.11 -0.70
C GLY A 1 4.65 17.38 -0.56
N GLU A 2 4.34 16.49 -1.51
CA GLU A 2 3.04 15.80 -1.64
C GLU A 2 2.83 14.73 -0.55
N ASP A 3 3.91 14.21 0.00
CA ASP A 3 3.93 13.13 1.01
C ASP A 3 3.44 13.61 2.40
N ASP A 4 3.54 14.92 2.69
CA ASP A 4 3.09 15.52 3.95
C ASP A 4 1.56 15.70 4.02
N GLU A 5 0.92 16.14 2.93
CA GLU A 5 -0.52 16.42 2.89
C GLU A 5 -1.36 15.14 2.88
N ILE A 6 -0.97 14.15 2.09
CA ILE A 6 -1.65 12.86 1.99
C ILE A 6 -1.65 12.11 3.32
N LEU A 7 -0.59 12.31 4.12
CA LEU A 7 -0.44 11.67 5.42
C LEU A 7 -1.53 12.14 6.39
N GLN A 8 -1.83 13.44 6.37
CA GLN A 8 -2.93 14.02 7.15
C GLN A 8 -4.29 13.65 6.55
N ARG A 9 -4.42 13.63 5.22
CA ARG A 9 -5.67 13.26 4.53
C ARG A 9 -6.09 11.82 4.76
N ALA A 10 -5.14 10.91 4.94
CA ALA A 10 -5.44 9.54 5.37
C ALA A 10 -6.23 9.51 6.70
N LYS A 11 -5.82 10.30 7.68
CA LYS A 11 -6.54 10.46 8.96
C LYS A 11 -7.86 11.24 8.79
N ASP A 12 -7.90 12.24 7.90
CA ASP A 12 -9.10 13.02 7.56
C ASP A 12 -10.22 12.17 6.92
N ILE A 13 -9.87 11.23 6.03
CA ILE A 13 -10.79 10.24 5.46
C ILE A 13 -11.36 9.34 6.56
N LEU A 14 -10.49 8.77 7.41
CA LEU A 14 -10.88 7.83 8.46
C LEU A 14 -11.68 8.47 9.61
N LYS A 15 -11.50 9.78 9.86
CA LYS A 15 -12.32 10.55 10.81
C LYS A 15 -13.79 10.57 10.43
N GLU A 16 -14.08 10.75 9.13
CA GLU A 16 -15.45 10.75 8.59
C GLU A 16 -15.97 9.34 8.24
N ASP A 17 -15.09 8.45 7.76
CA ASP A 17 -15.43 7.11 7.28
C ASP A 17 -14.42 6.07 7.82
N PRO A 18 -14.53 5.68 9.11
CA PRO A 18 -13.60 4.73 9.76
C PRO A 18 -13.75 3.29 9.24
N ASN A 19 -14.86 3.00 8.55
CA ASN A 19 -15.17 1.69 7.96
C ASN A 19 -14.50 1.49 6.58
N ARG A 20 -13.92 2.54 5.99
CA ARG A 20 -13.26 2.52 4.67
C ARG A 20 -11.77 2.20 4.75
N LYS A 21 -11.14 2.06 3.59
CA LYS A 21 -9.77 1.55 3.39
C LYS A 21 -8.92 2.57 2.61
N ILE A 22 -7.60 2.42 2.67
CA ILE A 22 -6.65 3.31 1.99
C ILE A 22 -5.53 2.50 1.36
N LEU A 23 -5.22 2.79 0.09
CA LEU A 23 -4.07 2.23 -0.64
C LEU A 23 -3.03 3.32 -0.92
N ILE A 24 -1.75 2.98 -0.83
CA ILE A 24 -0.61 3.87 -0.99
C ILE A 24 0.39 3.30 -1.99
N ILE A 25 0.82 4.12 -2.95
CA ILE A 25 1.70 3.72 -4.05
C ILE A 25 3.12 4.26 -3.79
N LEU A 26 4.06 3.34 -3.71
CA LEU A 26 5.50 3.57 -3.54
C LEU A 26 6.19 3.69 -4.91
N ASN A 27 6.48 4.92 -5.35
CA ASN A 27 7.20 5.21 -6.59
C ASN A 27 8.74 5.08 -6.40
N PRO A 28 9.50 4.62 -7.40
CA PRO A 28 10.94 4.35 -7.27
C PRO A 28 11.78 5.61 -6.99
N ASP A 29 11.25 6.79 -7.27
CA ASP A 29 11.86 8.10 -6.98
C ASP A 29 11.69 8.55 -5.50
N GLY A 30 11.03 7.76 -4.64
CA GLY A 30 10.81 8.11 -3.22
C GLY A 30 9.54 8.93 -2.95
N LYS A 31 8.85 9.41 -3.99
CA LYS A 31 7.54 10.09 -3.89
C LYS A 31 6.39 9.10 -3.62
N ILE A 32 5.32 9.57 -3.00
CA ILE A 32 4.15 8.76 -2.63
C ILE A 32 2.84 9.28 -3.23
N GLU A 33 1.87 8.39 -3.46
CA GLU A 33 0.52 8.72 -3.90
C GLU A 33 -0.53 7.93 -3.09
N LEU A 34 -1.65 8.56 -2.74
CA LEU A 34 -2.73 7.95 -1.93
C LEU A 34 -4.01 7.74 -2.75
N TYR A 35 -4.67 6.61 -2.50
CA TYR A 35 -5.94 6.20 -3.10
C TYR A 35 -6.98 5.83 -2.04
N GLU A 36 -8.22 6.22 -2.30
CA GLU A 36 -9.40 5.95 -1.46
C GLU A 36 -10.22 4.79 -2.03
N VAL A 37 -10.53 3.79 -1.19
CA VAL A 37 -11.10 2.50 -1.58
C VAL A 37 -11.90 1.88 -0.42
N THR A 38 -12.78 0.92 -0.71
CA THR A 38 -13.65 0.28 0.31
C THR A 38 -13.53 -1.25 0.37
N SER A 39 -13.28 -1.89 -0.78
CA SER A 39 -13.38 -3.34 -0.98
C SER A 39 -12.52 -3.81 -2.16
N GLU A 40 -12.27 -5.11 -2.26
CA GLU A 40 -11.50 -5.75 -3.33
C GLU A 40 -11.95 -5.37 -4.76
N GLU A 41 -13.24 -5.12 -4.96
CA GLU A 41 -13.82 -4.71 -6.26
C GLU A 41 -13.27 -3.35 -6.74
N ASP A 42 -12.97 -2.42 -5.81
CA ASP A 42 -12.40 -1.12 -6.15
C ASP A 42 -10.90 -1.23 -6.50
N ILE A 43 -10.18 -2.11 -5.79
CA ILE A 43 -8.73 -2.37 -5.98
C ILE A 43 -8.41 -2.82 -7.41
N LYS A 44 -9.31 -3.54 -8.09
CA LYS A 44 -9.12 -3.93 -9.50
C LYS A 44 -8.81 -2.75 -10.43
N ARG A 45 -9.39 -1.57 -10.16
CA ARG A 45 -9.10 -0.33 -10.90
C ARG A 45 -7.74 0.24 -10.53
N ILE A 46 -7.39 0.23 -9.23
CA ILE A 46 -6.09 0.69 -8.71
C ILE A 46 -4.94 -0.11 -9.33
N ALA A 47 -5.11 -1.41 -9.58
CA ALA A 47 -4.11 -2.24 -10.24
C ALA A 47 -3.65 -1.67 -11.60
N LYS A 48 -4.60 -1.24 -12.43
CA LYS A 48 -4.33 -0.56 -13.71
C LYS A 48 -3.87 0.90 -13.52
N LYS A 49 -4.43 1.61 -12.54
CA LYS A 49 -4.13 3.04 -12.26
C LYS A 49 -2.71 3.26 -11.75
N ALA A 50 -2.20 2.34 -10.93
CA ALA A 50 -0.91 2.40 -10.26
C ALA A 50 0.15 1.45 -10.86
N GLY A 51 -0.24 0.45 -11.65
CA GLY A 51 0.67 -0.53 -12.27
C GLY A 51 1.06 -1.69 -11.35
N ILE A 52 0.12 -2.19 -10.55
CA ILE A 52 0.33 -3.26 -9.56
C ILE A 52 0.29 -4.63 -10.25
N SER A 53 1.32 -5.45 -10.05
CA SER A 53 1.43 -6.81 -10.60
C SER A 53 0.44 -7.76 -9.92
N GLU A 54 -0.09 -8.76 -10.64
CA GLU A 54 -1.09 -9.71 -10.12
C GLU A 54 -0.61 -10.46 -8.86
N GLU A 55 0.70 -10.76 -8.79
CA GLU A 55 1.33 -11.45 -7.67
C GLU A 55 1.29 -10.63 -6.37
N LEU A 56 1.47 -9.32 -6.48
CA LEU A 56 1.38 -8.37 -5.37
C LEU A 56 -0.08 -8.00 -5.08
N LEU A 57 -0.87 -7.72 -6.12
CA LEU A 57 -2.28 -7.35 -6.07
C LEU A 57 -3.12 -8.35 -5.26
N ARG A 58 -2.86 -9.66 -5.42
CA ARG A 58 -3.46 -10.74 -4.60
C ARG A 58 -3.35 -10.46 -3.11
N ARG A 59 -2.19 -9.98 -2.64
CA ARG A 59 -1.97 -9.67 -1.22
C ARG A 59 -2.76 -8.43 -0.79
N ILE A 60 -2.88 -7.41 -1.63
CA ILE A 60 -3.73 -6.24 -1.37
C ILE A 60 -5.19 -6.68 -1.14
N LEU A 61 -5.73 -7.50 -2.04
CA LEU A 61 -7.10 -8.02 -1.91
C LEU A 61 -7.28 -8.84 -0.62
N GLN A 62 -6.28 -9.65 -0.24
CA GLN A 62 -6.31 -10.46 0.99
C GLN A 62 -6.26 -9.59 2.26
N SER A 63 -5.45 -8.53 2.28
CA SER A 63 -5.32 -7.58 3.39
C SER A 63 -6.62 -6.82 3.68
N PHE A 64 -7.43 -6.55 2.65
CA PHE A 64 -8.74 -5.90 2.80
C PHE A 64 -9.76 -6.80 3.51
N ARG A 65 -9.70 -8.12 3.28
CA ARG A 65 -10.51 -9.12 4.00
C ARG A 65 -10.02 -9.33 5.43
N ASP A 66 -8.71 -9.22 5.67
CA ASP A 66 -8.12 -9.31 7.01
C ASP A 66 -8.49 -8.09 7.88
N GLY A 67 -8.43 -6.88 7.32
CA GLY A 67 -8.96 -5.64 7.91
C GLY A 67 -8.29 -5.13 9.19
N GLN A 68 -7.08 -5.61 9.53
CA GLN A 68 -6.39 -5.27 10.79
C GLN A 68 -5.66 -3.92 10.76
N TYR A 69 -5.42 -3.35 9.57
CA TYR A 69 -4.70 -2.09 9.36
C TYR A 69 -5.57 -0.99 8.75
N ASP A 70 -5.22 0.27 9.02
CA ASP A 70 -5.95 1.46 8.60
C ASP A 70 -5.61 1.90 7.16
N LEU A 71 -4.39 1.58 6.70
CA LEU A 71 -3.88 1.89 5.35
C LEU A 71 -2.85 0.84 4.88
N PHE A 72 -2.59 0.82 3.58
CA PHE A 72 -1.81 -0.25 2.92
C PHE A 72 -0.74 0.30 1.97
N PHE A 73 0.52 -0.12 2.13
CA PHE A 73 1.68 0.30 1.33
C PHE A 73 2.14 -0.84 0.38
N ILE A 74 2.26 -0.55 -0.91
CA ILE A 74 2.58 -1.52 -1.99
C ILE A 74 4.08 -1.47 -2.30
N ALA A 75 4.87 -2.31 -1.62
CA ALA A 75 6.33 -2.30 -1.74
C ALA A 75 6.81 -3.37 -2.72
N LYS A 76 6.96 -2.99 -4.00
CA LYS A 76 7.55 -3.88 -5.03
C LYS A 76 9.05 -4.15 -4.82
N THR A 77 9.75 -3.28 -4.09
CA THR A 77 11.22 -3.30 -3.91
C THR A 77 11.61 -3.15 -2.43
N GLU A 78 12.77 -3.69 -2.04
CA GLU A 78 13.28 -3.63 -0.65
C GLU A 78 13.54 -2.19 -0.17
N ASP A 79 13.96 -1.28 -1.06
CA ASP A 79 14.14 0.13 -0.74
C ASP A 79 12.80 0.90 -0.60
N ASP A 80 11.72 0.38 -1.19
CA ASP A 80 10.37 0.88 -0.95
C ASP A 80 9.80 0.37 0.39
N GLU A 81 10.13 -0.87 0.81
CA GLU A 81 9.83 -1.34 2.17
C GLU A 81 10.52 -0.45 3.22
N ARG A 82 11.75 -0.01 2.94
CA ARG A 82 12.51 0.96 3.75
C ARG A 82 11.76 2.28 3.87
N ARG A 83 11.34 2.88 2.74
CA ARG A 83 10.64 4.18 2.73
C ARG A 83 9.25 4.09 3.39
N ALA A 84 8.54 2.98 3.20
CA ALA A 84 7.27 2.68 3.88
C ALA A 84 7.43 2.63 5.42
N ARG A 85 8.50 1.98 5.92
CA ARG A 85 8.83 1.92 7.35
C ARG A 85 9.16 3.30 7.93
N GLU A 86 9.98 4.09 7.23
CA GLU A 86 10.31 5.47 7.63
C GLU A 86 9.07 6.38 7.70
N LEU A 87 8.14 6.23 6.75
CA LEU A 87 6.87 6.96 6.70
C LEU A 87 5.93 6.54 7.84
N LYS A 88 5.71 5.23 8.01
CA LYS A 88 4.84 4.67 9.05
C LYS A 88 5.19 5.18 10.46
N GLU A 89 6.48 5.34 10.75
CA GLU A 89 6.96 5.74 12.07
C GLU A 89 6.57 7.19 12.43
N ARG A 90 6.68 8.12 11.48
CA ARG A 90 6.25 9.53 11.64
C ARG A 90 4.73 9.72 11.54
N MET A 91 4.04 8.77 10.91
CA MET A 91 2.57 8.79 10.71
C MET A 91 1.78 8.48 11.99
N GLY A 92 2.38 7.81 12.98
CA GLY A 92 1.79 7.53 14.29
C GLY A 92 0.66 6.48 14.30
N LYS A 93 0.46 5.78 13.18
CA LYS A 93 -0.58 4.76 12.96
C LYS A 93 0.01 3.50 12.28
N PRO A 94 -0.53 2.30 12.55
CA PRO A 94 -0.02 1.05 11.99
C PRO A 94 -0.27 0.94 10.48
N VAL A 95 0.71 0.39 9.76
CA VAL A 95 0.68 0.19 8.29
C VAL A 95 1.14 -1.22 7.95
N GLU A 96 0.49 -1.89 7.00
CA GLU A 96 0.96 -3.18 6.46
C GLU A 96 1.72 -3.01 5.14
N ILE A 97 2.84 -3.74 5.03
CA ILE A 97 3.77 -3.71 3.90
C ILE A 97 3.50 -4.92 3.00
N LEU A 98 3.22 -4.69 1.72
CA LEU A 98 2.82 -5.73 0.77
C LEU A 98 3.88 -5.91 -0.32
N ARG A 99 4.43 -7.12 -0.45
CA ARG A 99 5.55 -7.50 -1.35
C ARG A 99 5.09 -8.43 -2.47
N GLY A 100 5.71 -8.31 -3.65
CA GLY A 100 5.46 -9.21 -4.78
C GLY A 100 6.09 -10.58 -4.58
N SER A 101 5.34 -11.66 -4.89
CA SER A 101 5.83 -13.04 -4.84
C SER A 101 6.80 -13.33 -6.00
N LEU A 102 8.01 -13.80 -5.68
CA LEU A 102 9.06 -14.16 -6.65
C LEU A 102 10.03 -15.20 -6.06
N GLU A 103 10.44 -16.17 -6.87
CA GLU A 103 11.48 -17.17 -6.56
C GLU A 103 12.62 -17.11 -7.60
N HIS A 104 13.86 -17.31 -7.14
CA HIS A 104 15.06 -17.27 -8.00
C HIS A 104 15.40 -18.63 -8.62
N HIS A 105 15.92 -18.63 -9.86
CA HIS A 105 16.39 -19.84 -10.54
C HIS A 105 17.58 -20.45 -9.78
N HIS A 106 17.40 -21.68 -9.28
CA HIS A 106 18.46 -22.42 -8.59
C HIS A 106 19.49 -22.96 -9.61
N HIS A 107 20.78 -22.88 -9.28
CA HIS A 107 21.88 -23.20 -10.22
C HIS A 107 23.13 -23.72 -9.48
N HIS A 108 22.95 -24.68 -8.57
CA HIS A 108 24.04 -25.28 -7.79
C HIS A 108 25.06 -26.03 -8.67
N HIS A 109 26.35 -25.89 -8.35
CA HIS A 109 27.49 -26.45 -9.08
C HIS A 109 28.65 -26.82 -8.14
N GLY A 1 6.76 18.68 -1.37
CA GLY A 1 6.64 17.70 -0.26
C GLY A 1 5.27 17.03 -0.25
N GLU A 2 4.95 16.28 -1.30
CA GLU A 2 3.62 15.73 -1.56
C GLU A 2 3.21 14.60 -0.60
N ASP A 3 4.19 13.93 0.00
CA ASP A 3 3.98 12.93 1.06
C ASP A 3 3.58 13.52 2.43
N ASP A 4 3.75 14.82 2.65
CA ASP A 4 3.35 15.50 3.90
C ASP A 4 1.84 15.76 4.00
N GLU A 5 1.22 16.24 2.91
CA GLU A 5 -0.19 16.65 2.89
C GLU A 5 -1.14 15.45 2.89
N ILE A 6 -0.82 14.42 2.10
CA ILE A 6 -1.60 13.19 1.96
C ILE A 6 -1.68 12.40 3.27
N LEU A 7 -0.65 12.53 4.11
CA LEU A 7 -0.55 11.86 5.40
C LEU A 7 -1.72 12.28 6.31
N GLN A 8 -2.05 13.57 6.30
CA GLN A 8 -3.20 14.14 7.00
C GLN A 8 -4.53 13.76 6.32
N ARG A 9 -4.60 13.82 4.98
CA ARG A 9 -5.80 13.42 4.21
C ARG A 9 -6.21 11.97 4.48
N ALA A 10 -5.24 11.06 4.64
CA ALA A 10 -5.50 9.67 5.01
C ALA A 10 -6.21 9.55 6.37
N LYS A 11 -5.73 10.26 7.39
CA LYS A 11 -6.36 10.29 8.72
C LYS A 11 -7.76 10.92 8.70
N ASP A 12 -7.98 11.95 7.88
CA ASP A 12 -9.30 12.56 7.70
C ASP A 12 -10.29 11.64 6.97
N ILE A 13 -9.85 10.83 6.01
CA ILE A 13 -10.67 9.79 5.36
C ILE A 13 -11.16 8.76 6.39
N LEU A 14 -10.30 8.29 7.30
CA LEU A 14 -10.71 7.36 8.38
C LEU A 14 -11.59 8.04 9.44
N LYS A 15 -11.38 9.33 9.73
CA LYS A 15 -12.21 10.11 10.66
C LYS A 15 -13.66 10.21 10.17
N GLU A 16 -13.86 10.45 8.87
CA GLU A 16 -15.19 10.55 8.26
C GLU A 16 -15.77 9.20 7.83
N ASP A 17 -14.93 8.23 7.43
CA ASP A 17 -15.35 6.92 6.91
C ASP A 17 -14.46 5.81 7.51
N PRO A 18 -14.69 5.43 8.79
CA PRO A 18 -13.90 4.40 9.49
C PRO A 18 -14.13 2.97 8.93
N ASN A 19 -15.20 2.80 8.13
CA ASN A 19 -15.56 1.55 7.47
C ASN A 19 -14.79 1.33 6.14
N ARG A 20 -14.04 2.33 5.67
CA ARG A 20 -13.26 2.31 4.42
C ARG A 20 -11.77 2.09 4.68
N LYS A 21 -11.05 1.72 3.62
CA LYS A 21 -9.61 1.42 3.61
C LYS A 21 -8.84 2.43 2.75
N ILE A 22 -7.52 2.39 2.84
CA ILE A 22 -6.61 3.25 2.07
C ILE A 22 -5.51 2.41 1.43
N LEU A 23 -5.19 2.74 0.18
CA LEU A 23 -4.03 2.23 -0.55
C LEU A 23 -3.03 3.36 -0.81
N ILE A 24 -1.75 3.02 -0.72
CA ILE A 24 -0.63 3.93 -0.92
C ILE A 24 0.35 3.32 -1.92
N ILE A 25 0.71 4.10 -2.94
CA ILE A 25 1.64 3.67 -3.98
C ILE A 25 3.00 4.31 -3.73
N LEU A 26 4.02 3.45 -3.61
CA LEU A 26 5.42 3.84 -3.50
C LEU A 26 6.03 4.04 -4.89
N ASN A 27 6.58 5.23 -5.14
CA ASN A 27 7.34 5.55 -6.35
C ASN A 27 8.87 5.41 -6.11
N PRO A 28 9.67 4.98 -7.11
CA PRO A 28 11.11 4.76 -6.96
C PRO A 28 11.91 6.05 -6.66
N ASP A 29 11.35 7.22 -6.96
CA ASP A 29 11.91 8.54 -6.60
C ASP A 29 11.72 8.91 -5.11
N GLY A 30 11.07 8.04 -4.31
CA GLY A 30 10.69 8.29 -2.90
C GLY A 30 9.36 9.02 -2.72
N LYS A 31 8.76 9.50 -3.83
CA LYS A 31 7.42 10.10 -3.90
C LYS A 31 6.33 9.08 -3.54
N ILE A 32 5.13 9.58 -3.23
CA ILE A 32 3.98 8.78 -2.79
C ILE A 32 2.67 9.20 -3.48
N GLU A 33 1.72 8.28 -3.62
CA GLU A 33 0.36 8.54 -4.11
C GLU A 33 -0.69 7.91 -3.16
N LEU A 34 -1.79 8.62 -2.91
CA LEU A 34 -2.84 8.27 -1.95
C LEU A 34 -4.15 7.90 -2.68
N TYR A 35 -4.72 6.74 -2.33
CA TYR A 35 -5.99 6.24 -2.88
C TYR A 35 -6.97 5.81 -1.79
N GLU A 36 -8.23 6.15 -2.00
CA GLU A 36 -9.37 5.73 -1.17
C GLU A 36 -10.10 4.54 -1.81
N VAL A 37 -10.42 3.52 -1.02
CA VAL A 37 -10.93 2.22 -1.48
C VAL A 37 -11.78 1.54 -0.40
N THR A 38 -12.82 0.81 -0.79
CA THR A 38 -13.79 0.24 0.17
C THR A 38 -13.91 -1.29 0.11
N SER A 39 -13.61 -1.89 -1.06
CA SER A 39 -13.79 -3.31 -1.35
C SER A 39 -12.82 -3.78 -2.44
N GLU A 40 -12.60 -5.09 -2.58
CA GLU A 40 -11.74 -5.71 -3.59
C GLU A 40 -12.04 -5.24 -5.03
N GLU A 41 -13.32 -5.03 -5.35
CA GLU A 41 -13.76 -4.52 -6.66
C GLU A 41 -13.26 -3.09 -6.94
N ASP A 42 -13.05 -2.27 -5.90
CA ASP A 42 -12.42 -0.95 -6.02
C ASP A 42 -10.89 -1.07 -6.22
N ILE A 43 -10.25 -2.03 -5.53
CA ILE A 43 -8.80 -2.31 -5.67
C ILE A 43 -8.46 -2.78 -7.10
N LYS A 44 -9.36 -3.53 -7.74
CA LYS A 44 -9.26 -3.97 -9.14
C LYS A 44 -9.00 -2.81 -10.12
N ARG A 45 -9.47 -1.58 -9.80
CA ARG A 45 -9.21 -0.34 -10.55
C ARG A 45 -7.79 0.19 -10.29
N ILE A 46 -7.36 0.20 -9.02
CA ILE A 46 -6.05 0.71 -8.59
C ILE A 46 -4.90 -0.07 -9.24
N ALA A 47 -5.08 -1.37 -9.48
CA ALA A 47 -4.07 -2.22 -10.15
C ALA A 47 -3.59 -1.65 -11.49
N LYS A 48 -4.53 -1.17 -12.32
CA LYS A 48 -4.27 -0.56 -13.63
C LYS A 48 -3.70 0.85 -13.51
N LYS A 49 -4.21 1.65 -12.57
CA LYS A 49 -3.76 3.04 -12.31
C LYS A 49 -2.33 3.10 -11.81
N ALA A 50 -1.98 2.21 -10.89
CA ALA A 50 -0.74 2.24 -10.16
C ALA A 50 0.33 1.29 -10.72
N GLY A 51 -0.07 0.31 -11.55
CA GLY A 51 0.83 -0.68 -12.16
C GLY A 51 1.20 -1.85 -11.23
N ILE A 52 0.25 -2.31 -10.43
CA ILE A 52 0.46 -3.36 -9.42
C ILE A 52 0.45 -4.75 -10.09
N SER A 53 1.51 -5.53 -9.89
CA SER A 53 1.63 -6.92 -10.38
C SER A 53 0.57 -7.83 -9.75
N GLU A 54 0.04 -8.78 -10.50
CA GLU A 54 -1.04 -9.68 -10.03
C GLU A 54 -0.67 -10.46 -8.76
N GLU A 55 0.61 -10.84 -8.64
CA GLU A 55 1.18 -11.57 -7.50
C GLU A 55 1.15 -10.78 -6.20
N LEU A 56 1.31 -9.45 -6.32
CA LEU A 56 1.18 -8.48 -5.22
C LEU A 56 -0.28 -8.08 -5.00
N LEU A 57 -1.05 -7.79 -6.07
CA LEU A 57 -2.45 -7.39 -6.02
C LEU A 57 -3.33 -8.36 -5.20
N ARG A 58 -3.10 -9.68 -5.32
CA ARG A 58 -3.72 -10.73 -4.49
C ARG A 58 -3.60 -10.44 -2.99
N ARG A 59 -2.44 -9.94 -2.57
CA ARG A 59 -2.10 -9.64 -1.17
C ARG A 59 -2.80 -8.38 -0.68
N ILE A 60 -3.01 -7.40 -1.57
CA ILE A 60 -3.87 -6.23 -1.29
C ILE A 60 -5.31 -6.71 -1.03
N LEU A 61 -5.86 -7.55 -1.93
CA LEU A 61 -7.23 -8.07 -1.78
C LEU A 61 -7.39 -8.92 -0.50
N GLN A 62 -6.42 -9.76 -0.16
CA GLN A 62 -6.40 -10.52 1.10
C GLN A 62 -6.35 -9.61 2.33
N SER A 63 -5.53 -8.55 2.28
CA SER A 63 -5.36 -7.61 3.41
C SER A 63 -6.63 -6.83 3.73
N PHE A 64 -7.54 -6.66 2.77
CA PHE A 64 -8.87 -6.08 2.99
C PHE A 64 -9.81 -7.06 3.72
N ARG A 65 -9.69 -8.36 3.44
CA ARG A 65 -10.47 -9.43 4.08
C ARG A 65 -10.08 -9.59 5.56
N ASP A 66 -8.81 -9.37 5.90
CA ASP A 66 -8.33 -9.25 7.28
C ASP A 66 -8.75 -7.89 7.89
N GLY A 67 -8.47 -6.79 7.19
CA GLY A 67 -9.00 -5.43 7.45
C GLY A 67 -8.51 -4.69 8.71
N GLN A 68 -7.49 -5.21 9.43
CA GLN A 68 -7.11 -4.70 10.76
C GLN A 68 -6.24 -3.42 10.76
N TYR A 69 -5.64 -3.05 9.62
CA TYR A 69 -4.80 -1.85 9.47
C TYR A 69 -5.59 -0.65 8.93
N ASP A 70 -5.12 0.57 9.18
CA ASP A 70 -5.81 1.80 8.74
C ASP A 70 -5.51 2.15 7.27
N LEU A 71 -4.32 1.79 6.78
CA LEU A 71 -3.84 2.01 5.41
C LEU A 71 -2.88 0.89 4.97
N PHE A 72 -2.60 0.81 3.66
CA PHE A 72 -1.71 -0.21 3.07
C PHE A 72 -0.67 0.42 2.12
N PHE A 73 0.61 0.05 2.26
CA PHE A 73 1.73 0.47 1.40
C PHE A 73 2.18 -0.68 0.49
N ILE A 74 2.31 -0.42 -0.82
CA ILE A 74 2.69 -1.40 -1.85
C ILE A 74 4.19 -1.27 -2.16
N ALA A 75 5.03 -2.15 -1.62
CA ALA A 75 6.47 -2.14 -1.78
C ALA A 75 6.88 -3.24 -2.77
N LYS A 76 6.94 -2.91 -4.07
CA LYS A 76 7.34 -3.88 -5.11
C LYS A 76 8.82 -4.25 -5.01
N THR A 77 9.66 -3.38 -4.44
CA THR A 77 11.10 -3.61 -4.18
C THR A 77 11.50 -3.27 -2.73
N GLU A 78 12.67 -3.76 -2.30
CA GLU A 78 13.27 -3.49 -0.99
C GLU A 78 13.52 -1.99 -0.73
N ASP A 79 13.81 -1.22 -1.79
CA ASP A 79 14.04 0.23 -1.70
C ASP A 79 12.74 1.00 -1.41
N ASP A 80 11.59 0.49 -1.86
CA ASP A 80 10.27 0.99 -1.48
C ASP A 80 9.92 0.57 -0.04
N GLU A 81 10.27 -0.64 0.34
CA GLU A 81 10.05 -1.19 1.67
C GLU A 81 10.71 -0.33 2.78
N ARG A 82 11.85 0.28 2.46
CA ARG A 82 12.55 1.24 3.32
C ARG A 82 11.74 2.53 3.50
N ARG A 83 11.28 3.14 2.41
CA ARG A 83 10.48 4.39 2.41
C ARG A 83 9.20 4.22 3.23
N ALA A 84 8.56 3.06 3.13
CA ALA A 84 7.37 2.70 3.89
C ALA A 84 7.62 2.58 5.41
N ARG A 85 8.74 1.97 5.82
CA ARG A 85 9.15 1.87 7.23
C ARG A 85 9.39 3.25 7.87
N GLU A 86 10.13 4.10 7.17
CA GLU A 86 10.46 5.46 7.63
C GLU A 86 9.20 6.33 7.76
N LEU A 87 8.19 6.09 6.91
CA LEU A 87 6.87 6.72 6.99
C LEU A 87 6.07 6.21 8.20
N LYS A 88 5.99 4.90 8.44
CA LYS A 88 5.27 4.32 9.59
C LYS A 88 5.79 4.83 10.94
N GLU A 89 7.08 5.13 11.03
CA GLU A 89 7.73 5.71 12.21
C GLU A 89 7.18 7.11 12.55
N ARG A 90 7.11 8.01 11.55
CA ARG A 90 6.61 9.39 11.73
C ARG A 90 5.09 9.51 11.81
N MET A 91 4.37 8.59 11.17
CA MET A 91 2.92 8.70 10.95
C MET A 91 2.09 8.45 12.23
N GLY A 92 2.58 7.63 13.16
CA GLY A 92 1.88 7.30 14.42
C GLY A 92 0.66 6.38 14.26
N LYS A 93 0.42 5.83 13.06
CA LYS A 93 -0.65 4.87 12.72
C LYS A 93 -0.07 3.50 12.33
N PRO A 94 -0.83 2.41 12.46
CA PRO A 94 -0.44 1.09 11.95
C PRO A 94 -0.58 1.04 10.42
N VAL A 95 0.48 0.61 9.73
CA VAL A 95 0.43 0.29 8.28
C VAL A 95 1.13 -1.03 7.99
N GLU A 96 0.51 -1.85 7.13
CA GLU A 96 1.09 -3.12 6.66
C GLU A 96 1.75 -2.95 5.28
N ILE A 97 2.91 -3.59 5.12
CA ILE A 97 3.76 -3.49 3.93
C ILE A 97 3.55 -4.73 3.04
N LEU A 98 3.06 -4.52 1.83
CA LEU A 98 2.73 -5.58 0.87
C LEU A 98 3.76 -5.64 -0.24
N ARG A 99 4.32 -6.84 -0.43
CA ARG A 99 5.38 -7.14 -1.41
C ARG A 99 5.09 -8.45 -2.14
N GLY A 100 5.42 -8.52 -3.43
CA GLY A 100 5.03 -9.61 -4.35
C GLY A 100 5.92 -10.86 -4.36
N SER A 101 6.87 -10.98 -3.43
CA SER A 101 7.89 -12.04 -3.42
C SER A 101 7.31 -13.44 -3.15
N LEU A 102 7.80 -14.45 -3.88
CA LEU A 102 7.54 -15.88 -3.66
C LEU A 102 8.70 -16.72 -4.19
N GLU A 103 9.22 -17.64 -3.37
CA GLU A 103 10.30 -18.57 -3.74
C GLU A 103 10.13 -19.95 -3.08
N HIS A 104 10.52 -21.02 -3.78
CA HIS A 104 10.57 -22.38 -3.26
C HIS A 104 12.01 -22.84 -3.03
N HIS A 105 12.32 -23.39 -1.85
CA HIS A 105 13.63 -23.93 -1.51
C HIS A 105 13.90 -25.29 -2.18
N HIS A 106 15.15 -25.58 -2.52
CA HIS A 106 15.59 -26.87 -3.04
C HIS A 106 15.95 -27.83 -1.89
N HIS A 107 14.96 -28.59 -1.40
CA HIS A 107 15.15 -29.55 -0.31
C HIS A 107 16.07 -30.72 -0.72
N HIS A 108 16.89 -31.18 0.22
CA HIS A 108 17.98 -32.16 0.02
C HIS A 108 18.29 -32.93 1.30
N HIS A 109 18.97 -34.08 1.17
CA HIS A 109 19.28 -35.06 2.23
C HIS A 109 18.01 -35.48 3.03
N GLY A 1 5.37 19.58 2.50
CA GLY A 1 6.02 18.29 2.18
C GLY A 1 5.05 17.34 1.49
N GLU A 2 5.42 16.80 0.33
CA GLU A 2 4.51 16.03 -0.53
C GLU A 2 4.03 14.70 0.10
N ASP A 3 4.86 14.07 0.93
CA ASP A 3 4.49 12.88 1.73
C ASP A 3 3.91 13.21 3.12
N ASP A 4 3.73 14.49 3.45
CA ASP A 4 3.14 14.98 4.70
C ASP A 4 1.72 15.56 4.52
N GLU A 5 1.46 16.25 3.40
CA GLU A 5 0.10 16.73 3.07
C GLU A 5 -0.87 15.56 2.87
N ILE A 6 -0.43 14.53 2.14
CA ILE A 6 -1.19 13.30 1.89
C ILE A 6 -1.42 12.52 3.19
N LEU A 7 -0.48 12.63 4.13
CA LEU A 7 -0.57 11.96 5.42
C LEU A 7 -1.80 12.50 6.19
N GLN A 8 -1.95 13.84 6.21
CA GLN A 8 -3.11 14.52 6.79
C GLN A 8 -4.43 14.20 6.04
N ARG A 9 -4.40 14.12 4.70
CA ARG A 9 -5.56 13.70 3.90
C ARG A 9 -6.01 12.27 4.22
N ALA A 10 -5.07 11.35 4.44
CA ALA A 10 -5.38 9.99 4.87
C ALA A 10 -6.08 9.96 6.25
N LYS A 11 -5.60 10.73 7.23
CA LYS A 11 -6.28 10.89 8.53
C LYS A 11 -7.69 11.47 8.38
N ASP A 12 -7.88 12.42 7.47
CA ASP A 12 -9.19 13.04 7.22
C ASP A 12 -10.20 12.09 6.52
N ILE A 13 -9.74 11.25 5.59
CA ILE A 13 -10.57 10.17 5.00
C ILE A 13 -11.02 9.19 6.09
N LEU A 14 -10.13 8.77 6.99
CA LEU A 14 -10.45 7.87 8.10
C LEU A 14 -11.35 8.52 9.17
N LYS A 15 -11.24 9.84 9.39
CA LYS A 15 -12.12 10.63 10.28
C LYS A 15 -13.56 10.64 9.78
N GLU A 16 -13.76 10.85 8.48
CA GLU A 16 -15.09 10.88 7.85
C GLU A 16 -15.64 9.49 7.53
N ASP A 17 -14.79 8.51 7.20
CA ASP A 17 -15.15 7.14 6.85
C ASP A 17 -14.27 6.15 7.62
N PRO A 18 -14.55 5.88 8.91
CA PRO A 18 -13.77 4.93 9.72
C PRO A 18 -13.96 3.47 9.27
N ASN A 19 -14.99 3.21 8.46
CA ASN A 19 -15.29 1.90 7.87
C ASN A 19 -14.56 1.66 6.52
N ARG A 20 -13.91 2.69 5.94
CA ARG A 20 -13.14 2.59 4.69
C ARG A 20 -11.68 2.24 4.91
N LYS A 21 -11.00 1.88 3.82
CA LYS A 21 -9.56 1.57 3.75
C LYS A 21 -8.84 2.56 2.83
N ILE A 22 -7.52 2.56 2.92
CA ILE A 22 -6.62 3.40 2.13
C ILE A 22 -5.55 2.53 1.47
N LEU A 23 -5.22 2.84 0.22
CA LEU A 23 -4.07 2.28 -0.50
C LEU A 23 -3.03 3.37 -0.80
N ILE A 24 -1.76 3.01 -0.74
CA ILE A 24 -0.62 3.92 -0.95
C ILE A 24 0.33 3.32 -1.99
N ILE A 25 0.72 4.14 -2.97
CA ILE A 25 1.64 3.79 -4.04
C ILE A 25 2.99 4.47 -3.80
N LEU A 26 4.03 3.66 -3.77
CA LEU A 26 5.42 4.04 -3.55
C LEU A 26 6.10 4.31 -4.91
N ASN A 27 6.66 5.51 -5.10
CA ASN A 27 7.41 5.89 -6.31
C ASN A 27 8.93 5.69 -6.12
N PRO A 28 9.69 5.27 -7.16
CA PRO A 28 11.13 5.00 -7.06
C PRO A 28 11.97 6.27 -6.80
N ASP A 29 11.43 7.46 -7.08
CA ASP A 29 12.04 8.76 -6.74
C ASP A 29 11.90 9.13 -5.24
N GLY A 30 11.26 8.28 -4.43
CA GLY A 30 10.98 8.50 -3.00
C GLY A 30 9.65 9.22 -2.74
N LYS A 31 8.93 9.65 -3.79
CA LYS A 31 7.60 10.25 -3.70
C LYS A 31 6.52 9.22 -3.31
N ILE A 32 5.34 9.70 -2.96
CA ILE A 32 4.18 8.87 -2.57
C ILE A 32 2.87 9.35 -3.22
N GLU A 33 1.92 8.44 -3.43
CA GLU A 33 0.56 8.75 -3.92
C GLU A 33 -0.51 8.03 -3.09
N LEU A 34 -1.62 8.73 -2.81
CA LEU A 34 -2.73 8.28 -1.95
C LEU A 34 -3.96 7.88 -2.77
N TYR A 35 -4.57 6.74 -2.42
CA TYR A 35 -5.81 6.23 -2.99
C TYR A 35 -6.83 5.84 -1.90
N GLU A 36 -8.10 6.08 -2.20
CA GLU A 36 -9.24 5.70 -1.33
C GLU A 36 -9.98 4.47 -1.89
N VAL A 37 -10.33 3.52 -1.03
CA VAL A 37 -10.87 2.19 -1.43
C VAL A 37 -11.81 1.63 -0.37
N THR A 38 -12.87 0.94 -0.80
CA THR A 38 -13.96 0.50 0.10
C THR A 38 -13.98 -1.02 0.32
N SER A 39 -13.58 -1.79 -0.71
CA SER A 39 -13.71 -3.24 -0.80
C SER A 39 -12.64 -3.81 -1.74
N GLU A 40 -12.41 -5.12 -1.71
CA GLU A 40 -11.49 -5.82 -2.63
C GLU A 40 -11.86 -5.66 -4.12
N GLU A 41 -13.15 -5.45 -4.43
CA GLU A 41 -13.60 -5.11 -5.79
C GLU A 41 -13.19 -3.69 -6.24
N ASP A 42 -12.98 -2.76 -5.30
CA ASP A 42 -12.52 -1.39 -5.58
C ASP A 42 -11.01 -1.41 -5.96
N ILE A 43 -10.23 -2.27 -5.30
CA ILE A 43 -8.79 -2.49 -5.53
C ILE A 43 -8.49 -2.91 -6.97
N LYS A 44 -9.40 -3.65 -7.63
CA LYS A 44 -9.26 -4.06 -9.04
C LYS A 44 -8.95 -2.89 -9.98
N ARG A 45 -9.57 -1.73 -9.72
CA ARG A 45 -9.37 -0.52 -10.52
C ARG A 45 -8.00 0.11 -10.23
N ILE A 46 -7.57 0.09 -8.96
CA ILE A 46 -6.26 0.58 -8.51
C ILE A 46 -5.12 -0.21 -9.17
N ALA A 47 -5.28 -1.53 -9.38
CA ALA A 47 -4.27 -2.37 -10.02
C ALA A 47 -3.85 -1.84 -11.41
N LYS A 48 -4.83 -1.46 -12.24
CA LYS A 48 -4.60 -0.84 -13.56
C LYS A 48 -4.17 0.63 -13.46
N LYS A 49 -4.72 1.38 -12.50
CA LYS A 49 -4.44 2.82 -12.31
C LYS A 49 -3.02 3.10 -11.81
N ALA A 50 -2.50 2.25 -10.93
CA ALA A 50 -1.19 2.36 -10.28
C ALA A 50 -0.10 1.47 -10.89
N GLY A 51 -0.47 0.45 -11.70
CA GLY A 51 0.47 -0.48 -12.33
C GLY A 51 0.95 -1.59 -11.40
N ILE A 52 0.08 -2.12 -10.53
CA ILE A 52 0.39 -3.18 -9.57
C ILE A 52 0.38 -4.54 -10.27
N SER A 53 1.43 -5.36 -10.03
CA SER A 53 1.52 -6.74 -10.53
C SER A 53 0.49 -7.67 -9.89
N GLU A 54 0.04 -8.70 -10.61
CA GLU A 54 -0.95 -9.67 -10.09
C GLU A 54 -0.43 -10.42 -8.84
N GLU A 55 0.89 -10.64 -8.77
CA GLU A 55 1.57 -11.34 -7.67
C GLU A 55 1.59 -10.58 -6.34
N LEU A 56 1.66 -9.25 -6.43
CA LEU A 56 1.47 -8.35 -5.30
C LEU A 56 -0.03 -8.06 -5.07
N LEU A 57 -0.83 -7.93 -6.14
CA LEU A 57 -2.24 -7.54 -6.04
C LEU A 57 -3.06 -8.49 -5.16
N ARG A 58 -2.83 -9.80 -5.27
CA ARG A 58 -3.42 -10.83 -4.37
C ARG A 58 -3.13 -10.61 -2.88
N ARG A 59 -2.00 -9.98 -2.54
CA ARG A 59 -1.67 -9.56 -1.16
C ARG A 59 -2.61 -8.44 -0.72
N ILE A 60 -2.81 -7.41 -1.56
CA ILE A 60 -3.75 -6.32 -1.30
C ILE A 60 -5.18 -6.87 -1.09
N LEU A 61 -5.61 -7.79 -1.96
CA LEU A 61 -6.94 -8.42 -1.90
C LEU A 61 -7.14 -9.23 -0.59
N GLN A 62 -6.11 -9.97 -0.15
CA GLN A 62 -6.13 -10.70 1.13
C GLN A 62 -6.09 -9.77 2.35
N SER A 63 -5.31 -8.70 2.31
CA SER A 63 -5.19 -7.73 3.42
C SER A 63 -6.52 -7.04 3.75
N PHE A 64 -7.38 -6.84 2.75
CA PHE A 64 -8.75 -6.33 2.96
C PHE A 64 -9.67 -7.36 3.63
N ARG A 65 -9.49 -8.66 3.34
CA ARG A 65 -10.26 -9.75 3.95
C ARG A 65 -9.87 -9.97 5.42
N ASP A 66 -8.61 -9.74 5.77
CA ASP A 66 -8.15 -9.67 7.17
C ASP A 66 -8.65 -8.38 7.85
N GLY A 67 -8.52 -7.23 7.17
CA GLY A 67 -9.16 -5.96 7.53
C GLY A 67 -8.66 -5.25 8.80
N GLN A 68 -7.54 -5.67 9.39
CA GLN A 68 -7.10 -5.19 10.73
C GLN A 68 -6.34 -3.85 10.72
N TYR A 69 -5.96 -3.34 9.54
CA TYR A 69 -5.17 -2.10 9.36
C TYR A 69 -6.01 -0.95 8.80
N ASP A 70 -5.58 0.29 9.02
CA ASP A 70 -6.23 1.50 8.53
C ASP A 70 -5.83 1.84 7.07
N LEU A 71 -4.58 1.57 6.70
CA LEU A 71 -4.02 1.82 5.36
C LEU A 71 -3.01 0.73 4.94
N PHE A 72 -2.75 0.67 3.63
CA PHE A 72 -1.94 -0.38 3.00
C PHE A 72 -0.85 0.20 2.09
N PHE A 73 0.36 -0.34 2.16
CA PHE A 73 1.56 0.11 1.43
C PHE A 73 2.08 -0.97 0.47
N ILE A 74 2.27 -0.61 -0.79
CA ILE A 74 2.65 -1.52 -1.89
C ILE A 74 4.17 -1.46 -2.14
N ALA A 75 4.93 -2.38 -1.56
CA ALA A 75 6.37 -2.51 -1.77
C ALA A 75 6.68 -3.49 -2.93
N LYS A 76 6.71 -2.96 -4.16
CA LYS A 76 7.09 -3.74 -5.36
C LYS A 76 8.57 -4.14 -5.35
N THR A 77 9.42 -3.38 -4.65
CA THR A 77 10.85 -3.65 -4.48
C THR A 77 11.28 -3.40 -3.03
N GLU A 78 12.30 -4.10 -2.56
CA GLU A 78 12.84 -3.93 -1.19
C GLU A 78 13.50 -2.54 -0.99
N ASP A 79 13.95 -1.91 -2.07
CA ASP A 79 14.42 -0.51 -2.07
C ASP A 79 13.30 0.51 -1.81
N ASP A 80 12.05 0.20 -2.20
CA ASP A 80 10.88 1.03 -1.86
C ASP A 80 10.45 0.83 -0.39
N GLU A 81 10.63 -0.37 0.13
CA GLU A 81 10.22 -0.80 1.48
C GLU A 81 10.79 0.09 2.61
N ARG A 82 11.99 0.68 2.40
CA ARG A 82 12.61 1.66 3.32
C ARG A 82 11.71 2.86 3.55
N ARG A 83 11.16 3.48 2.50
CA ARG A 83 10.37 4.72 2.60
C ARG A 83 8.98 4.49 3.22
N ALA A 84 8.48 3.27 3.12
CA ALA A 84 7.28 2.79 3.81
C ALA A 84 7.50 2.69 5.33
N ARG A 85 8.63 2.12 5.77
CA ARG A 85 9.02 2.05 7.19
C ARG A 85 9.23 3.44 7.80
N GLU A 86 9.90 4.33 7.07
CA GLU A 86 10.12 5.73 7.46
C GLU A 86 8.79 6.51 7.61
N LEU A 87 7.78 6.21 6.78
CA LEU A 87 6.45 6.79 6.88
C LEU A 87 5.65 6.22 8.06
N LYS A 88 5.63 4.90 8.25
CA LYS A 88 4.94 4.24 9.38
C LYS A 88 5.40 4.78 10.74
N GLU A 89 6.69 5.10 10.86
CA GLU A 89 7.30 5.66 12.08
C GLU A 89 6.70 7.04 12.46
N ARG A 90 6.60 7.96 11.49
CA ARG A 90 6.06 9.33 11.70
C ARG A 90 4.54 9.39 11.79
N MET A 91 3.85 8.45 11.16
CA MET A 91 2.39 8.51 10.93
C MET A 91 1.52 8.23 12.17
N GLY A 92 1.98 7.39 13.09
CA GLY A 92 1.24 7.05 14.32
C GLY A 92 -0.03 6.19 14.11
N LYS A 93 -0.21 5.63 12.90
CA LYS A 93 -1.29 4.69 12.51
C LYS A 93 -0.68 3.38 11.99
N PRO A 94 -1.37 2.23 12.15
CA PRO A 94 -0.84 0.94 11.75
C PRO A 94 -0.92 0.77 10.22
N VAL A 95 0.16 0.21 9.66
CA VAL A 95 0.33 -0.01 8.21
C VAL A 95 0.83 -1.43 7.97
N GLU A 96 0.27 -2.13 6.98
CA GLU A 96 0.79 -3.41 6.50
C GLU A 96 1.60 -3.21 5.21
N ILE A 97 2.75 -3.87 5.13
CA ILE A 97 3.72 -3.77 4.03
C ILE A 97 3.55 -4.98 3.10
N LEU A 98 3.12 -4.75 1.87
CA LEU A 98 2.72 -5.79 0.92
C LEU A 98 3.80 -5.97 -0.16
N ARG A 99 4.23 -7.22 -0.33
CA ARG A 99 5.41 -7.62 -1.13
C ARG A 99 5.06 -8.61 -2.24
N GLY A 100 5.72 -8.49 -3.39
CA GLY A 100 5.69 -9.49 -4.47
C GLY A 100 6.51 -10.73 -4.06
N SER A 101 7.78 -10.75 -4.46
CA SER A 101 8.74 -11.82 -4.13
C SER A 101 9.14 -11.81 -2.64
N LEU A 102 9.25 -13.01 -2.06
CA LEU A 102 9.72 -13.28 -0.69
C LEU A 102 10.62 -14.54 -0.67
N GLU A 103 11.55 -14.62 0.28
CA GLU A 103 12.45 -15.78 0.44
C GLU A 103 11.75 -16.98 1.10
N HIS A 104 12.04 -18.19 0.61
CA HIS A 104 11.52 -19.47 1.13
C HIS A 104 12.68 -20.44 1.46
N HIS A 105 12.64 -21.05 2.65
CA HIS A 105 13.58 -22.11 3.06
C HIS A 105 13.04 -23.51 2.70
N HIS A 106 13.87 -24.33 2.04
CA HIS A 106 13.46 -25.63 1.47
C HIS A 106 13.65 -26.84 2.41
N HIS A 107 14.31 -26.66 3.57
CA HIS A 107 14.69 -27.73 4.51
C HIS A 107 15.54 -28.87 3.87
N HIS A 108 15.76 -29.96 4.61
CA HIS A 108 16.49 -31.17 4.18
C HIS A 108 17.93 -30.88 3.68
N HIS A 109 18.72 -30.19 4.52
CA HIS A 109 20.14 -29.84 4.33
C HIS A 109 20.43 -29.11 2.99
#